data_5URK
#
_entry.id   5URK
#
_cell.length_a   145.488
_cell.length_b   154.071
_cell.length_c   143.509
_cell.angle_alpha   90.00
_cell.angle_beta   120.74
_cell.angle_gamma   90.00
#
_symmetry.space_group_name_H-M   'C 1 2 1'
#
loop_
_entity.id
_entity.type
_entity.pdbx_description
1 polymer 'U5 small nuclear ribonucleoprotein 200 kDa helicase'
2 non-polymer GLYCEROL
3 non-polymer 6-benzyl-3-[3-(benzyloxy)phenyl]-4,6-dihydropyrido[4,3-d]pyrimidine-2,7(1H,3H)-dione
#
_entity_poly.entity_id   1
_entity_poly.type   'polypeptide(L)'
_entity_poly.pdbx_seq_one_letter_code
;GGSDLDQGGEALAPRQVLDLEDLVFTQGSHFMANKRCQLPDGSFRRQRKGYEEVHVPALKPKPFGSEEQLLPVEKLPKYA
QAGFEGFKTLNRIQSKLYRAALETDENLLLCAPTGAGKTNVALMCMLREIGKHINMDGTINVDDFKIIYIAPMRSLVQEM
VGSFGKRLATYGITVAELTGDHQLCKEEISATQIIVCTPEKWDIITRKGGERTYTQLVRLIILDEIHLLHDDRGPVLEAL
VARAIRNIEMTQEDVRLIGLSATLPNYEDVATFLRVDPAKGLFYFDNSFRPVPLEQTYVGITEKKAIKRFQIMNEIVYEK
IMEHAGKNQVLVFVHSRKETGKTARAIRDMCLEKDTLGLFLREGSASTEVLRTEAEQCKNLELKDLLPYGFAIHHAGMTR
VDRTLVEDLFADKHIQVLVSTATLAWGVNLPAHTVIIKGTQVYSPEKGRWTELGALDILQMLGRAGRPQYDTKGEGILIT
SHGELQYYLSLLNQQLPIESQMVSKLPDMLNAEIVLGNVQNAKDAVNWLGYAYLYIRMLRSPTLYGISHDDLKGDPLLDQ
RRLDLVHTAALMLDKNNLVKYDKKTGNFQVTELGRIASHYYITNDTVQTYNQLLKPTLSEIELFRVFSLSSEFKNITVRE
EEKLELQKLLERVPIPVKESIEEPSAKINVLLQAFISQLKLEGFALMADMVYVTQSAGRLMRAIFEIVLNRGWAQLTDKT
LNLCKMIDKRMWQSMCPLRQFRKLPEEVVKKIEKKNFPFERLYDLNHNEIGELIRMPKMGKTIHKYVHLFPKLELSVHLQ
PITRSTLKVELTITPDFQWDEKVHGSSEAFWILVEDVDSEVILHHEYFLLKAKYAQDEHLITFFVPVFEPLPPQYFIRVV
SDRWLSCETQLPVSFRHLILPEKYPPPTELLDLQPLPVSALRNSAFESLYQDKFPFFNPIQTQVFNTVYNSDDNVFVGAP
TGSGKTICAEFAILRMLLQSSEGRCVYITPMEALAEQVYMDWYEKFQDRLNKKVVLLTGETSTDLKLLGKGNIIISTPEK
WDILSRRWKQRKNVQNINLFVVDEVHLIGGENGPVLEVICSRMRYISSQIERPIRIVALSSSLSNAKDVAHWLGCSATST
FNFHPNVRPVPLELHIQGFNISHTQTRLLSMAKPVYHAITKHSPKKPVIVFVPSRKQTRLTAIDILTTCAADIQRQRFLH
CTEKDLIPYLEKLSDSTLKETLLNGVGYLHEGLSPMERRLVEQLFSSGAIQVVVASRSLCWGMNVAAHLVIIMDTQYYNG
KIHAYVDYPIYDVLQMVGHANRPLQDDEGRCVIMCQGSKKDFFKKFLYEPLPVESHLDHCMHDHFNAEIVTKTIENKQDA
VDYLTWTFLYRRMTQNPNYYNLQGISHRHLSDHLSELVEQTLSDLEQSKCISIEDEMDVAPLNLGMIAAYYYINYTTIEL
FSMSLNAKTKVRGLIEIISNAAEYENIPIRHHEDNLLRQLAQKVPHKLNNPKFNDPHVKTNLLLQAHLSRMQLSAELQSD
TEEILSKAIRLIQACVDVLSSNGWLSPALAAMELAQMVTQAMWSKDSYLKQLPHFTSEHIKRCTDKGVESVFDIMEMEDE
ERNALLQLTDSQIADVARFCNRYPNIELSYEVVDKDSIRSGGPVVVLVQLEREEEVTGPVIAPLFPQKREEGWWVVIGDA
KSNSLISIKRLTLQQKAKVKLDFVAPATGAHNYTLYFMSDAYMGCDQEYKFSVDVKEA
;
_entity_poly.pdbx_strand_id   A
#
loop_
_chem_comp.id
_chem_comp.type
_chem_comp.name
_chem_comp.formula
8LP non-polymer 6-benzyl-3-[3-(benzyloxy)phenyl]-4,6-dihydropyrido[4,3-d]pyrimidine-2,7(1H,3H)-dione 'C27 H23 N3 O3'
GOL non-polymer GLYCEROL 'C3 H8 O3'
#
# COMPACT_ATOMS: atom_id res chain seq x y z
N LEU A 12 1.86 -13.47 -36.36
CA LEU A 12 2.66 -14.45 -37.10
C LEU A 12 3.36 -13.82 -38.30
N ALA A 13 4.55 -13.25 -38.07
CA ALA A 13 5.36 -12.70 -39.15
C ALA A 13 6.66 -13.49 -39.25
N PRO A 14 7.28 -13.56 -40.45
CA PRO A 14 8.55 -14.29 -40.61
C PRO A 14 9.67 -13.79 -39.67
N ARG A 15 10.34 -14.71 -38.97
CA ARG A 15 11.35 -14.35 -37.99
C ARG A 15 12.69 -15.05 -38.31
N GLN A 16 13.79 -14.31 -38.16
CA GLN A 16 15.13 -14.86 -38.42
C GLN A 16 16.00 -14.79 -37.16
N VAL A 17 16.68 -15.88 -36.83
CA VAL A 17 17.54 -15.87 -35.64
C VAL A 17 18.88 -15.21 -35.97
N LEU A 18 19.12 -14.08 -35.31
CA LEU A 18 20.36 -13.34 -35.46
C LEU A 18 21.45 -13.87 -34.57
N ASP A 19 22.70 -13.66 -34.99
CA ASP A 19 23.83 -13.85 -34.13
C ASP A 19 24.16 -12.52 -33.47
N LEU A 20 23.92 -12.41 -32.17
CA LEU A 20 24.01 -11.11 -31.54
C LEU A 20 25.46 -10.67 -31.38
N GLU A 21 26.36 -11.63 -31.18
CA GLU A 21 27.78 -11.32 -31.00
C GLU A 21 28.35 -10.71 -32.28
N ASP A 22 27.64 -10.93 -33.39
CA ASP A 22 28.06 -10.40 -34.67
C ASP A 22 27.68 -8.92 -34.75
N LEU A 23 26.48 -8.59 -34.25
CA LEU A 23 25.95 -7.22 -34.36
C LEU A 23 26.47 -6.26 -33.29
N VAL A 24 27.03 -6.81 -32.21
CA VAL A 24 27.39 -5.98 -31.06
C VAL A 24 28.69 -5.19 -31.30
N PHE A 25 28.81 -4.05 -30.62
CA PHE A 25 30.05 -3.29 -30.60
C PHE A 25 30.85 -3.82 -29.41
N THR A 26 31.99 -4.45 -29.67
CA THR A 26 32.75 -5.14 -28.62
C THR A 26 33.50 -4.19 -27.68
N GLN A 27 34.08 -3.14 -28.24
CA GLN A 27 34.93 -2.25 -27.46
C GLN A 27 34.13 -1.40 -26.47
N GLY A 28 32.82 -1.38 -26.65
CA GLY A 28 31.98 -0.61 -25.76
C GLY A 28 32.23 0.88 -25.92
N SER A 29 32.58 1.55 -24.83
CA SER A 29 32.87 2.99 -24.87
C SER A 29 34.08 3.33 -25.73
N HIS A 30 34.97 2.34 -25.89
CA HIS A 30 36.21 2.52 -26.62
C HIS A 30 36.01 2.39 -28.13
N PHE A 31 34.80 2.02 -28.55
CA PHE A 31 34.46 1.84 -29.96
C PHE A 31 34.47 3.16 -30.75
N MET A 32 35.12 3.18 -31.92
CA MET A 32 35.10 4.37 -32.78
C MET A 32 34.43 4.18 -34.15
N ALA A 33 33.34 4.92 -34.38
CA ALA A 33 32.69 5.02 -35.69
C ALA A 33 33.49 5.95 -36.60
N ASN A 34 34.39 6.68 -35.97
CA ASN A 34 35.33 7.57 -36.62
C ASN A 34 36.25 6.95 -37.65
N LYS A 35 36.33 7.53 -38.84
CA LYS A 35 37.26 7.01 -39.81
C LYS A 35 38.52 7.83 -39.54
N ARG A 36 38.43 9.12 -39.83
CA ARG A 36 39.49 10.09 -39.56
C ARG A 36 39.20 10.99 -38.36
N CYS A 37 40.19 11.82 -38.01
CA CYS A 37 40.05 12.86 -36.98
C CYS A 37 40.74 14.12 -37.50
N GLN A 38 39.97 15.21 -37.63
CA GLN A 38 40.52 16.48 -38.16
C GLN A 38 40.95 17.46 -37.08
N LEU A 39 42.24 17.79 -37.11
CA LEU A 39 42.84 18.64 -36.09
C LEU A 39 42.72 20.14 -36.39
N PRO A 40 42.28 20.92 -35.38
CA PRO A 40 42.06 22.38 -35.48
C PRO A 40 43.28 23.28 -35.56
N ASP A 41 43.29 24.21 -36.53
CA ASP A 41 44.31 25.24 -36.65
C ASP A 41 45.72 24.63 -36.46
N GLY A 42 46.51 25.11 -35.49
CA GLY A 42 47.83 24.53 -35.28
C GLY A 42 47.67 23.10 -34.82
N SER A 43 48.16 22.19 -35.64
CA SER A 43 48.16 20.77 -35.33
C SER A 43 49.53 20.33 -34.88
N PHE A 44 50.46 21.28 -34.80
CA PHE A 44 51.88 20.96 -34.90
C PHE A 44 52.40 19.83 -34.00
N ARG A 45 53.18 18.97 -34.62
CA ARG A 45 53.77 17.79 -33.98
C ARG A 45 55.26 17.96 -33.65
N ARG A 46 55.64 17.56 -32.46
CA ARG A 46 57.04 17.53 -32.02
C ARG A 46 57.42 16.10 -31.60
N GLN A 47 58.41 15.56 -32.33
CA GLN A 47 58.86 14.18 -32.14
C GLN A 47 60.10 14.12 -31.27
N ARG A 48 59.93 13.57 -30.06
CA ARG A 48 61.01 13.48 -29.08
C ARG A 48 61.74 12.14 -29.09
N LYS A 49 61.38 11.28 -30.06
CA LYS A 49 62.04 9.99 -30.31
C LYS A 49 61.77 8.93 -29.24
N GLY A 50 61.25 9.38 -28.09
CA GLY A 50 60.77 8.47 -27.06
C GLY A 50 59.27 8.47 -27.04
N TYR A 51 58.69 9.38 -27.82
CA TYR A 51 57.25 9.62 -27.82
C TYR A 51 56.88 10.70 -28.84
N GLU A 52 55.60 10.76 -29.20
CA GLU A 52 55.11 11.78 -30.11
C GLU A 52 54.25 12.79 -29.36
N GLU A 53 54.39 14.06 -29.71
CA GLU A 53 53.64 15.12 -29.03
C GLU A 53 52.81 15.91 -30.04
N VAL A 54 51.49 15.84 -29.86
CA VAL A 54 50.54 16.50 -30.75
C VAL A 54 49.78 17.59 -29.99
N HIS A 55 49.94 18.83 -30.43
CA HIS A 55 49.36 19.95 -29.71
C HIS A 55 48.10 20.51 -30.36
N VAL A 56 47.05 20.64 -29.58
CA VAL A 56 45.85 21.32 -30.07
C VAL A 56 45.64 22.55 -29.21
N PRO A 57 45.87 23.74 -29.77
CA PRO A 57 45.88 24.99 -29.01
C PRO A 57 44.52 25.42 -28.52
N ALA A 58 44.50 26.32 -27.55
CA ALA A 58 43.25 26.86 -27.06
C ALA A 58 42.58 27.70 -28.13
N LEU A 59 41.27 27.73 -28.08
CA LEU A 59 40.50 28.57 -28.97
C LEU A 59 40.38 29.96 -28.36
N LYS A 60 40.59 30.99 -29.18
CA LYS A 60 40.45 32.37 -28.75
C LYS A 60 39.02 32.65 -28.26
N PRO A 61 38.89 33.44 -27.19
CA PRO A 61 37.53 33.70 -26.67
C PRO A 61 36.59 34.41 -27.66
N LYS A 62 35.40 33.87 -27.92
CA LYS A 62 34.50 34.46 -28.93
C LYS A 62 33.82 35.75 -28.45
N PRO A 63 33.87 36.81 -29.27
CA PRO A 63 33.10 38.04 -28.99
C PRO A 63 31.60 37.78 -29.04
N PHE A 64 30.81 38.55 -28.30
CA PHE A 64 29.36 38.32 -28.23
C PHE A 64 28.71 38.51 -29.58
N GLY A 65 27.66 37.74 -29.87
CA GLY A 65 26.96 37.94 -31.11
C GLY A 65 26.07 39.17 -31.01
N SER A 66 25.26 39.40 -32.04
CA SER A 66 24.42 40.59 -32.10
C SER A 66 23.27 40.62 -31.11
N GLU A 67 22.63 39.48 -30.91
CA GLU A 67 21.59 39.38 -29.90
C GLU A 67 21.97 38.78 -28.55
N GLU A 68 23.15 38.20 -28.46
CA GLU A 68 23.55 37.62 -27.20
C GLU A 68 23.93 38.61 -26.10
N GLN A 69 23.34 38.45 -24.92
CA GLN A 69 23.65 39.34 -23.81
C GLN A 69 23.47 38.63 -22.44
N LEU A 70 24.20 39.10 -21.43
CA LEU A 70 24.10 38.54 -20.07
C LEU A 70 22.75 38.90 -19.40
N LEU A 71 22.21 38.04 -18.54
CA LEU A 71 20.84 38.27 -18.04
C LEU A 71 20.81 38.29 -16.50
N PRO A 72 20.91 39.48 -15.90
CA PRO A 72 20.94 39.66 -14.43
C PRO A 72 19.82 38.97 -13.63
N VAL A 73 20.14 38.54 -12.41
CA VAL A 73 19.19 37.82 -11.57
C VAL A 73 17.88 38.59 -11.37
N GLU A 74 17.96 39.93 -11.34
CA GLU A 74 16.74 40.73 -11.17
C GLU A 74 15.76 40.52 -12.31
N LYS A 75 16.29 40.15 -13.47
CA LYS A 75 15.48 39.99 -14.68
C LYS A 75 14.71 38.67 -14.69
N LEU A 76 15.38 37.60 -14.25
CA LEU A 76 14.72 36.30 -14.13
C LEU A 76 13.62 36.42 -13.06
N PRO A 77 12.59 35.56 -13.14
CA PRO A 77 11.36 35.66 -12.32
C PRO A 77 11.54 35.81 -10.81
N LYS A 78 10.55 36.48 -10.21
CA LYS A 78 10.59 36.90 -8.81
C LYS A 78 10.86 35.71 -7.91
N TYR A 79 10.04 34.67 -8.08
CA TYR A 79 10.10 33.50 -7.21
C TYR A 79 11.40 32.70 -7.33
N ALA A 80 12.13 32.91 -8.42
CA ALA A 80 13.34 32.14 -8.69
C ALA A 80 14.64 32.79 -8.20
N GLN A 81 14.55 34.01 -7.68
CA GLN A 81 15.76 34.73 -7.30
C GLN A 81 16.49 34.07 -6.12
N ALA A 82 15.73 33.41 -5.24
CA ALA A 82 16.29 32.69 -4.10
C ALA A 82 17.12 31.51 -4.60
N GLY A 83 18.27 31.27 -3.98
CA GLY A 83 19.13 30.19 -4.46
C GLY A 83 20.20 30.71 -5.40
N PHE A 84 19.97 31.89 -5.94
CA PHE A 84 20.91 32.55 -6.84
C PHE A 84 21.80 33.54 -6.12
N GLU A 85 21.67 33.62 -4.81
CA GLU A 85 22.60 34.44 -4.06
C GLU A 85 24.01 33.85 -4.15
N GLY A 86 24.97 34.73 -4.37
CA GLY A 86 26.35 34.39 -4.67
C GLY A 86 26.64 34.45 -6.16
N PHE A 87 25.58 34.44 -6.95
CA PHE A 87 25.64 34.65 -8.40
C PHE A 87 24.99 35.92 -8.91
N LYS A 88 25.80 36.88 -9.34
CA LYS A 88 25.31 38.17 -9.82
C LYS A 88 24.37 38.07 -11.01
N THR A 89 24.80 37.37 -12.06
CA THR A 89 24.02 37.20 -13.26
C THR A 89 24.31 35.83 -13.84
N LEU A 90 23.59 35.48 -14.88
CA LEU A 90 23.77 34.21 -15.55
C LEU A 90 24.99 34.10 -16.45
N ASN A 91 25.49 32.87 -16.54
CA ASN A 91 26.63 32.51 -17.37
C ASN A 91 26.22 32.68 -18.83
N ARG A 92 27.20 32.79 -19.71
CA ARG A 92 26.99 32.89 -21.14
C ARG A 92 26.00 31.82 -21.65
N ILE A 93 26.40 30.54 -21.50
CA ILE A 93 25.54 29.42 -21.88
C ILE A 93 24.16 29.55 -21.25
N GLN A 94 24.17 29.79 -19.93
CA GLN A 94 22.97 29.81 -19.11
C GLN A 94 22.09 30.95 -19.54
N SER A 95 22.70 32.00 -20.07
CA SER A 95 21.99 33.17 -20.56
C SER A 95 21.27 32.81 -21.85
N LYS A 96 21.91 31.99 -22.68
CA LYS A 96 21.26 31.56 -23.92
C LYS A 96 20.10 30.62 -23.59
N LEU A 97 20.23 29.92 -22.46
CA LEU A 97 19.24 28.93 -22.03
C LEU A 97 18.14 29.33 -21.05
N TYR A 98 18.20 30.53 -20.48
CA TYR A 98 17.33 30.86 -19.36
C TYR A 98 15.86 30.87 -19.73
N ARG A 99 15.56 31.33 -20.94
CA ARG A 99 14.18 31.41 -21.39
C ARG A 99 13.65 30.00 -21.60
N ALA A 100 14.47 29.16 -22.22
CA ALA A 100 14.08 27.77 -22.47
C ALA A 100 13.87 26.97 -21.19
N ALA A 101 14.76 27.15 -20.21
CA ALA A 101 14.68 26.39 -18.97
C ALA A 101 13.52 26.87 -18.08
N LEU A 102 13.47 28.17 -17.82
CA LEU A 102 12.48 28.70 -16.90
C LEU A 102 11.08 28.93 -17.50
N GLU A 103 11.04 29.45 -18.73
CA GLU A 103 9.76 29.90 -19.29
C GLU A 103 9.03 28.92 -20.23
N THR A 104 9.62 27.74 -20.48
CA THR A 104 8.98 26.72 -21.32
C THR A 104 9.08 25.33 -20.70
N ASP A 105 8.13 24.46 -21.03
CA ASP A 105 8.14 23.08 -20.53
C ASP A 105 8.82 22.11 -21.47
N GLU A 106 9.38 22.61 -22.56
CA GLU A 106 9.97 21.78 -23.60
C GLU A 106 11.09 20.90 -23.07
N ASN A 107 11.17 19.68 -23.58
CA ASN A 107 12.29 18.78 -23.31
C ASN A 107 13.57 19.37 -23.91
N LEU A 108 14.65 19.35 -23.14
CA LEU A 108 15.89 20.01 -23.57
C LEU A 108 17.04 19.03 -23.78
N LEU A 109 17.93 19.35 -24.71
CA LEU A 109 19.21 18.68 -24.78
C LEU A 109 20.27 19.76 -24.81
N LEU A 110 21.08 19.82 -23.75
CA LEU A 110 22.12 20.85 -23.66
C LEU A 110 23.49 20.22 -23.85
N CYS A 111 24.14 20.58 -24.95
CA CYS A 111 25.50 20.16 -25.23
C CYS A 111 26.49 21.28 -24.97
N ALA A 112 27.40 21.07 -24.04
CA ALA A 112 28.37 22.09 -23.67
C ALA A 112 29.73 21.45 -23.39
N PRO A 113 30.80 22.26 -23.47
CA PRO A 113 32.10 21.71 -23.06
C PRO A 113 32.02 21.30 -21.61
N THR A 114 32.84 20.33 -21.22
CA THR A 114 32.82 19.88 -19.83
C THR A 114 33.26 21.02 -18.93
N GLY A 115 32.44 21.34 -17.95
CA GLY A 115 32.74 22.43 -17.04
C GLY A 115 32.12 23.74 -17.50
N ALA A 116 31.25 23.67 -18.49
CA ALA A 116 30.64 24.90 -19.02
C ALA A 116 29.58 25.45 -18.07
N GLY A 117 29.30 24.71 -16.99
CA GLY A 117 28.29 25.13 -16.03
C GLY A 117 26.90 24.88 -16.54
N LYS A 118 26.69 23.66 -17.04
CA LYS A 118 25.38 23.21 -17.50
C LYS A 118 24.44 23.02 -16.29
N THR A 119 25.03 22.99 -15.10
CA THR A 119 24.34 22.75 -13.85
C THR A 119 23.23 23.77 -13.54
N ASN A 120 23.57 25.05 -13.64
CA ASN A 120 22.60 26.10 -13.32
C ASN A 120 21.41 26.03 -14.26
N VAL A 121 21.63 25.46 -15.45
CA VAL A 121 20.53 25.25 -16.38
C VAL A 121 19.55 24.23 -15.81
N ALA A 122 20.08 23.09 -15.37
CA ALA A 122 19.25 22.08 -14.73
C ALA A 122 18.54 22.63 -13.50
N LEU A 123 19.22 23.53 -12.78
CA LEU A 123 18.62 24.16 -11.61
C LEU A 123 17.50 25.10 -12.01
N MET A 124 17.60 25.68 -13.20
CA MET A 124 16.57 26.55 -13.74
C MET A 124 15.36 25.76 -14.17
N CYS A 125 15.60 24.55 -14.67
CA CYS A 125 14.50 23.66 -15.00
C CYS A 125 13.77 23.26 -13.72
N MET A 126 14.55 22.87 -12.71
CA MET A 126 14.02 22.55 -11.39
C MET A 126 13.17 23.69 -10.80
N LEU A 127 13.71 24.90 -10.82
CA LEU A 127 13.04 26.08 -10.30
C LEU A 127 11.77 26.37 -11.09
N ARG A 128 11.79 26.00 -12.37
CA ARG A 128 10.58 26.11 -13.18
C ARG A 128 9.52 25.19 -12.61
N GLU A 129 9.91 23.95 -12.31
CA GLU A 129 8.95 22.99 -11.75
C GLU A 129 8.41 23.48 -10.41
N ILE A 130 9.31 24.02 -9.60
CA ILE A 130 8.93 24.56 -8.29
C ILE A 130 7.99 25.75 -8.43
N GLY A 131 8.15 26.52 -9.51
CA GLY A 131 7.38 27.73 -9.69
C GLY A 131 5.89 27.55 -9.90
N LYS A 132 5.48 26.31 -10.16
CA LYS A 132 4.06 26.01 -10.37
C LYS A 132 3.36 25.89 -9.03
N HIS A 133 4.15 25.61 -8.01
CA HIS A 133 3.68 25.20 -6.69
C HIS A 133 3.58 26.35 -5.69
N ILE A 134 3.72 27.57 -6.19
CA ILE A 134 3.92 28.78 -5.38
C ILE A 134 2.98 28.86 -4.16
N ASN A 135 1.68 28.62 -4.42
CA ASN A 135 0.65 28.54 -3.38
C ASN A 135 0.44 29.88 -2.65
N MET A 136 -0.64 29.95 -1.86
CA MET A 136 -0.94 31.07 -0.96
C MET A 136 0.28 31.51 -0.16
N ASP A 137 0.21 31.34 1.15
CA ASP A 137 1.33 31.77 1.98
C ASP A 137 1.91 30.52 2.63
N GLY A 138 1.68 29.39 1.96
CA GLY A 138 2.34 28.15 2.33
C GLY A 138 3.77 28.09 1.83
N THR A 139 4.21 29.17 1.17
CA THR A 139 5.54 29.27 0.57
C THR A 139 5.76 28.23 -0.52
N ILE A 140 5.76 26.94 -0.18
CA ILE A 140 5.92 25.92 -1.22
C ILE A 140 5.13 24.65 -0.92
N ASN A 141 4.88 23.84 -1.95
CA ASN A 141 4.29 22.52 -1.78
C ASN A 141 5.27 21.37 -1.84
N VAL A 142 5.58 20.76 -0.71
CA VAL A 142 6.67 19.78 -0.69
C VAL A 142 6.17 18.42 -1.20
N ASP A 143 4.93 18.08 -0.86
CA ASP A 143 4.37 16.77 -1.18
C ASP A 143 3.67 16.67 -2.54
N ASP A 144 3.65 17.75 -3.31
CA ASP A 144 2.94 17.75 -4.59
C ASP A 144 3.77 17.36 -5.82
N PHE A 145 5.08 17.22 -5.65
CA PHE A 145 5.96 16.94 -6.77
C PHE A 145 7.24 16.25 -6.33
N LYS A 146 7.93 15.67 -7.30
CA LYS A 146 9.25 15.08 -7.07
C LYS A 146 10.11 15.31 -8.32
N ILE A 147 11.41 15.50 -8.10
CA ILE A 147 12.36 15.71 -9.19
C ILE A 147 13.47 14.67 -9.13
N ILE A 148 13.83 14.11 -10.27
CA ILE A 148 14.86 13.07 -10.32
C ILE A 148 16.09 13.56 -11.07
N TYR A 149 17.26 13.48 -10.44
CA TYR A 149 18.52 13.85 -11.08
C TYR A 149 19.36 12.60 -11.23
N ILE A 150 19.56 12.19 -12.47
CA ILE A 150 20.37 11.02 -12.74
C ILE A 150 21.78 11.43 -13.10
N ALA A 151 22.74 11.00 -12.30
CA ALA A 151 24.15 11.23 -12.57
C ALA A 151 24.88 9.92 -12.73
N PRO A 152 25.86 9.87 -13.64
CA PRO A 152 26.58 8.64 -13.98
C PRO A 152 27.49 8.08 -12.88
N MET A 153 27.97 8.94 -11.96
CA MET A 153 28.92 8.53 -10.91
C MET A 153 28.42 8.85 -9.50
N ARG A 154 28.71 7.94 -8.58
CA ARG A 154 28.27 8.05 -7.19
C ARG A 154 28.83 9.27 -6.46
N SER A 155 30.11 9.54 -6.75
CA SER A 155 30.81 10.67 -6.18
C SER A 155 30.12 11.99 -6.56
N LEU A 156 29.84 12.09 -7.86
CA LEU A 156 29.11 13.21 -8.41
C LEU A 156 27.71 13.28 -7.83
N VAL A 157 27.13 12.13 -7.53
CA VAL A 157 25.81 12.12 -6.91
C VAL A 157 25.86 12.83 -5.55
N GLN A 158 26.79 12.43 -4.69
CA GLN A 158 26.94 13.14 -3.40
C GLN A 158 27.27 14.64 -3.54
N GLU A 159 28.20 14.99 -4.44
CA GLU A 159 28.52 16.41 -4.69
C GLU A 159 27.26 17.19 -5.03
N MET A 160 26.48 16.67 -5.98
CA MET A 160 25.28 17.35 -6.43
C MET A 160 24.21 17.42 -5.35
N VAL A 161 24.12 16.38 -4.53
CA VAL A 161 23.19 16.41 -3.41
C VAL A 161 23.54 17.59 -2.49
N GLY A 162 24.84 17.75 -2.21
CA GLY A 162 25.30 18.88 -1.42
C GLY A 162 24.97 20.22 -2.04
N SER A 163 25.38 20.40 -3.29
CA SER A 163 25.19 21.68 -4.00
C SER A 163 23.73 22.08 -4.10
N PHE A 164 22.91 21.19 -4.62
CA PHE A 164 21.48 21.46 -4.77
C PHE A 164 20.82 21.67 -3.41
N GLY A 165 21.31 20.95 -2.40
CA GLY A 165 20.82 21.15 -1.06
C GLY A 165 21.03 22.58 -0.57
N LYS A 166 22.27 23.05 -0.68
CA LYS A 166 22.59 24.40 -0.24
C LYS A 166 21.81 25.45 -1.02
N ARG A 167 21.79 25.30 -2.34
CA ARG A 167 21.14 26.27 -3.21
C ARG A 167 19.61 26.33 -3.00
N LEU A 168 18.96 25.19 -2.83
CA LEU A 168 17.50 25.17 -2.71
C LEU A 168 17.00 25.19 -1.26
N ALA A 169 17.94 25.31 -0.33
CA ALA A 169 17.59 25.34 1.10
C ALA A 169 16.56 26.41 1.46
N THR A 170 16.58 27.54 0.76
CA THR A 170 15.67 28.65 1.03
C THR A 170 14.22 28.33 0.68
N TYR A 171 14.03 27.34 -0.17
CA TYR A 171 12.68 26.97 -0.61
C TYR A 171 12.06 25.88 0.25
N GLY A 172 12.80 25.42 1.27
CA GLY A 172 12.32 24.36 2.14
C GLY A 172 12.13 23.06 1.37
N ILE A 173 13.19 22.63 0.70
CA ILE A 173 13.17 21.46 -0.17
C ILE A 173 14.25 20.44 0.19
N THR A 174 13.88 19.17 0.27
CA THR A 174 14.85 18.12 0.60
C THR A 174 15.46 17.45 -0.63
N VAL A 175 16.80 17.41 -0.67
CA VAL A 175 17.53 16.73 -1.74
C VAL A 175 18.28 15.57 -1.11
N ALA A 176 18.12 14.36 -1.66
CA ALA A 176 18.71 13.17 -1.03
C ALA A 176 19.28 12.18 -2.04
N GLU A 177 20.14 11.30 -1.52
CA GLU A 177 20.77 10.27 -2.33
C GLU A 177 20.05 8.95 -2.17
N LEU A 178 19.69 8.34 -3.29
CA LEU A 178 18.95 7.08 -3.29
C LEU A 178 19.84 5.84 -3.39
N THR A 179 21.13 6.00 -3.68
CA THR A 179 21.96 4.85 -4.02
C THR A 179 22.95 4.47 -2.92
N GLY A 180 23.02 3.17 -2.64
CA GLY A 180 23.91 2.63 -1.64
C GLY A 180 24.43 1.25 -1.99
N LYS A 186 15.77 2.68 0.33
CA LYS A 186 14.98 1.68 1.06
C LYS A 186 13.79 2.34 1.74
N GLU A 187 12.84 2.80 0.92
CA GLU A 187 11.67 3.55 1.39
C GLU A 187 12.08 4.78 2.19
N GLU A 188 11.11 5.40 2.87
CA GLU A 188 11.30 6.63 3.66
C GLU A 188 11.82 7.83 2.83
N ILE A 189 12.46 7.56 1.71
CA ILE A 189 12.90 8.57 0.75
C ILE A 189 11.70 9.27 0.08
N SER A 190 10.51 8.88 0.54
CA SER A 190 9.21 9.39 0.12
C SER A 190 9.04 10.85 0.54
N ALA A 191 9.87 11.27 1.48
CA ALA A 191 9.82 12.60 2.06
C ALA A 191 10.79 13.52 1.33
N THR A 192 11.44 12.97 0.31
CA THR A 192 12.46 13.70 -0.45
C THR A 192 11.99 14.15 -1.85
N GLN A 193 12.15 15.45 -2.13
CA GLN A 193 11.72 16.06 -3.40
C GLN A 193 12.68 15.82 -4.57
N ILE A 194 13.97 16.05 -4.33
CA ILE A 194 14.96 15.82 -5.37
C ILE A 194 15.74 14.57 -5.02
N ILE A 195 15.58 13.55 -5.84
CA ILE A 195 16.29 12.30 -5.67
C ILE A 195 17.44 12.24 -6.66
N VAL A 196 18.65 12.32 -6.15
CA VAL A 196 19.83 12.20 -6.99
C VAL A 196 20.34 10.77 -6.97
N CYS A 197 20.73 10.24 -8.14
CA CYS A 197 21.11 8.83 -8.21
C CYS A 197 21.66 8.36 -9.55
N THR A 198 22.17 7.14 -9.56
CA THR A 198 22.80 6.57 -10.74
C THR A 198 21.73 5.94 -11.64
N PRO A 199 22.04 5.82 -12.95
CA PRO A 199 21.09 5.21 -13.87
C PRO A 199 20.63 3.83 -13.41
N GLU A 200 21.57 2.99 -13.00
CA GLU A 200 21.23 1.64 -12.60
C GLU A 200 20.41 1.62 -11.32
N LYS A 201 20.59 2.62 -10.48
CA LYS A 201 19.80 2.69 -9.27
C LYS A 201 18.35 2.98 -9.60
N TRP A 202 18.14 4.02 -10.41
CA TRP A 202 16.77 4.38 -10.80
C TRP A 202 16.10 3.29 -11.65
N ASP A 203 16.88 2.60 -12.47
CA ASP A 203 16.40 1.46 -13.23
C ASP A 203 15.92 0.36 -12.29
N ILE A 204 16.74 0.04 -11.30
CA ILE A 204 16.37 -0.93 -10.28
C ILE A 204 15.08 -0.52 -9.56
N ILE A 205 14.94 0.76 -9.23
CA ILE A 205 13.74 1.23 -8.53
C ILE A 205 12.47 1.11 -9.37
N THR A 206 12.58 1.51 -10.63
CA THR A 206 11.41 1.58 -11.53
C THR A 206 11.08 0.23 -12.17
N ARG A 207 11.90 -0.77 -11.87
CA ARG A 207 11.64 -2.14 -12.30
C ARG A 207 10.63 -2.84 -11.40
N LYS A 208 10.47 -2.32 -10.18
CA LYS A 208 9.77 -3.02 -9.10
C LYS A 208 8.27 -3.28 -9.30
N GLY A 209 7.61 -2.52 -10.16
CA GLY A 209 6.21 -2.76 -10.41
C GLY A 209 5.37 -1.98 -9.42
N GLY A 210 5.98 -1.67 -8.28
CA GLY A 210 5.39 -0.74 -7.35
C GLY A 210 6.13 0.56 -7.60
N GLU A 211 6.73 0.61 -8.79
CA GLU A 211 7.53 1.73 -9.25
C GLU A 211 6.74 3.01 -9.10
N ARG A 212 5.43 2.90 -9.33
CA ARG A 212 4.56 4.05 -9.37
C ARG A 212 4.52 4.74 -8.00
N THR A 213 4.75 3.99 -6.92
CA THR A 213 4.78 4.61 -5.60
C THR A 213 5.86 5.70 -5.55
N TYR A 214 6.93 5.48 -6.31
CA TYR A 214 7.98 6.47 -6.53
C TYR A 214 7.71 7.47 -7.63
N THR A 215 7.22 6.97 -8.76
CA THR A 215 7.21 7.77 -9.99
C THR A 215 5.90 8.45 -10.32
N GLN A 216 4.88 8.24 -9.50
CA GLN A 216 3.58 8.86 -9.73
C GLN A 216 3.67 10.38 -9.59
N LEU A 217 4.58 10.81 -8.72
CA LEU A 217 4.72 12.21 -8.37
C LEU A 217 5.83 12.93 -9.16
N VAL A 218 6.52 12.20 -10.03
CA VAL A 218 7.66 12.75 -10.74
C VAL A 218 7.23 13.60 -11.90
N ARG A 219 7.52 14.90 -11.81
CA ARG A 219 7.23 15.81 -12.91
C ARG A 219 8.45 16.09 -13.82
N LEU A 220 9.65 15.74 -13.35
CA LEU A 220 10.88 16.14 -14.00
C LEU A 220 11.98 15.08 -13.90
N ILE A 221 12.66 14.82 -15.00
CA ILE A 221 13.81 13.91 -15.02
C ILE A 221 14.97 14.56 -15.75
N ILE A 222 16.12 14.64 -15.07
CA ILE A 222 17.31 15.22 -15.67
C ILE A 222 18.40 14.16 -15.84
N LEU A 223 18.77 13.89 -17.09
CA LEU A 223 19.84 12.94 -17.38
C LEU A 223 21.13 13.69 -17.56
N ASP A 224 22.05 13.53 -16.62
CA ASP A 224 23.34 14.20 -16.65
C ASP A 224 24.41 13.37 -17.33
N GLU A 225 25.26 14.01 -18.13
CA GLU A 225 26.33 13.31 -18.85
C GLU A 225 25.72 12.18 -19.66
N ILE A 226 24.71 12.52 -20.45
CA ILE A 226 23.94 11.50 -21.16
C ILE A 226 24.77 10.83 -22.26
N HIS A 227 25.95 11.37 -22.56
CA HIS A 227 26.81 10.75 -23.55
C HIS A 227 27.26 9.37 -23.11
N LEU A 228 26.95 9.05 -21.85
CA LEU A 228 27.12 7.71 -21.29
C LEU A 228 26.40 6.66 -22.16
N LEU A 229 25.48 7.13 -23.01
CA LEU A 229 24.83 6.27 -24.00
C LEU A 229 25.82 5.46 -24.81
N HIS A 230 26.99 6.06 -25.05
CA HIS A 230 27.99 5.37 -25.84
C HIS A 230 28.68 4.29 -25.03
N ASP A 231 28.68 4.47 -23.71
CA ASP A 231 29.32 3.53 -22.82
C ASP A 231 28.53 2.23 -22.68
N ASP A 232 29.19 1.18 -22.21
CA ASP A 232 28.52 -0.09 -21.95
C ASP A 232 27.37 0.03 -20.97
N ARG A 233 27.37 1.09 -20.16
CA ARG A 233 26.26 1.31 -19.23
C ARG A 233 25.10 2.02 -19.94
N GLY A 234 25.33 2.48 -21.16
CA GLY A 234 24.31 3.18 -21.93
C GLY A 234 22.92 2.56 -22.07
N PRO A 235 22.86 1.25 -22.35
CA PRO A 235 21.57 0.58 -22.44
C PRO A 235 20.66 0.85 -21.26
N VAL A 236 21.24 1.11 -20.10
CA VAL A 236 20.47 1.44 -18.91
C VAL A 236 19.75 2.77 -19.10
N LEU A 237 20.46 3.74 -19.63
CA LEU A 237 19.85 5.02 -19.94
C LEU A 237 18.73 4.86 -20.95
N GLU A 238 19.01 4.07 -21.98
CA GLU A 238 17.99 3.81 -23.00
C GLU A 238 16.73 3.23 -22.38
N ALA A 239 16.89 2.21 -21.54
CA ALA A 239 15.78 1.56 -20.87
C ALA A 239 15.02 2.54 -20.00
N LEU A 240 15.76 3.39 -19.30
CA LEU A 240 15.16 4.38 -18.42
C LEU A 240 14.24 5.30 -19.18
N VAL A 241 14.79 5.91 -20.22
CA VAL A 241 14.04 6.87 -21.01
C VAL A 241 12.87 6.25 -21.76
N ALA A 242 13.09 5.06 -22.32
CA ALA A 242 12.04 4.35 -23.00
C ALA A 242 10.88 4.14 -22.02
N ARG A 243 11.21 3.64 -20.84
CA ARG A 243 10.23 3.36 -19.81
C ARG A 243 9.45 4.63 -19.42
N ALA A 244 10.17 5.72 -19.24
CA ALA A 244 9.57 6.98 -18.81
C ALA A 244 8.64 7.57 -19.87
N ILE A 245 9.08 7.52 -21.13
CA ILE A 245 8.30 8.02 -22.26
C ILE A 245 7.00 7.24 -22.44
N ARG A 246 7.11 5.91 -22.45
CA ARG A 246 5.93 5.07 -22.53
C ARG A 246 5.02 5.39 -21.37
N ASN A 247 5.61 5.75 -20.24
CA ASN A 247 4.81 6.13 -19.10
C ASN A 247 4.14 7.50 -19.25
N ILE A 248 4.72 8.37 -20.08
CA ILE A 248 4.11 9.68 -20.37
C ILE A 248 2.91 9.45 -21.25
N GLU A 249 3.07 8.56 -22.21
CA GLU A 249 1.95 8.18 -23.07
C GLU A 249 0.84 7.48 -22.30
N MET A 250 1.22 6.59 -21.40
CA MET A 250 0.26 5.74 -20.73
C MET A 250 -0.46 6.49 -19.61
N THR A 251 0.23 7.38 -18.91
CA THR A 251 -0.43 8.10 -17.84
C THR A 251 -0.99 9.44 -18.30
N GLN A 252 -0.62 9.87 -19.51
CA GLN A 252 -1.05 11.15 -20.06
C GLN A 252 -0.52 12.36 -19.25
N GLU A 253 0.14 12.08 -18.14
CA GLU A 253 0.80 13.08 -17.31
C GLU A 253 2.10 13.51 -17.97
N ASP A 254 2.26 14.81 -18.21
CA ASP A 254 3.46 15.31 -18.86
C ASP A 254 4.64 15.34 -17.88
N VAL A 255 5.75 14.73 -18.27
CA VAL A 255 6.98 14.74 -17.46
C VAL A 255 8.14 15.29 -18.30
N ARG A 256 8.74 16.38 -17.82
CA ARG A 256 9.79 17.05 -18.57
C ARG A 256 11.15 16.36 -18.50
N LEU A 257 11.79 16.18 -19.66
CA LEU A 257 13.13 15.57 -19.74
C LEU A 257 14.20 16.59 -20.10
N ILE A 258 15.24 16.67 -19.28
CA ILE A 258 16.39 17.50 -19.61
C ILE A 258 17.66 16.66 -19.73
N GLY A 259 18.17 16.53 -20.96
CA GLY A 259 19.44 15.90 -21.23
C GLY A 259 20.59 16.88 -21.12
N LEU A 260 21.72 16.41 -20.59
CA LEU A 260 22.95 17.20 -20.50
C LEU A 260 24.12 16.38 -21.02
N SER A 261 24.75 16.85 -22.09
CA SER A 261 25.75 16.05 -22.77
C SER A 261 27.03 16.79 -23.13
N ALA A 262 28.12 16.04 -23.26
CA ALA A 262 29.37 16.54 -23.83
C ALA A 262 29.17 16.74 -25.31
N THR A 263 30.06 17.49 -25.94
CA THR A 263 29.88 17.76 -27.36
C THR A 263 30.56 16.67 -28.19
N LEU A 264 29.73 15.84 -28.81
CA LEU A 264 30.14 14.70 -29.61
C LEU A 264 29.14 14.49 -30.74
N PRO A 265 29.55 13.79 -31.82
CA PRO A 265 28.64 13.49 -32.94
C PRO A 265 27.37 12.72 -32.54
N ASN A 266 26.36 12.76 -33.41
CA ASN A 266 25.09 12.04 -33.25
C ASN A 266 24.15 12.66 -32.21
N TYR A 267 24.57 13.75 -31.59
CA TYR A 267 23.79 14.41 -30.53
C TYR A 267 22.35 14.71 -30.93
N GLU A 268 22.14 14.95 -32.21
CA GLU A 268 20.80 15.20 -32.71
C GLU A 268 19.93 13.97 -32.52
N ASP A 269 20.52 12.79 -32.67
CA ASP A 269 19.80 11.55 -32.45
C ASP A 269 19.44 11.39 -30.99
N VAL A 270 20.27 11.94 -30.11
CA VAL A 270 19.98 11.97 -28.69
C VAL A 270 18.81 12.91 -28.42
N ALA A 271 18.76 14.02 -29.16
CA ALA A 271 17.64 14.93 -29.04
C ALA A 271 16.33 14.25 -29.45
N THR A 272 16.40 13.48 -30.55
CA THR A 272 15.24 12.72 -31.02
C THR A 272 14.83 11.69 -30.01
N PHE A 273 15.84 11.04 -29.44
CA PHE A 273 15.69 10.03 -28.41
C PHE A 273 14.96 10.59 -27.22
N LEU A 274 15.22 11.86 -26.94
CA LEU A 274 14.66 12.53 -25.78
C LEU A 274 13.39 13.32 -26.05
N ARG A 275 12.87 13.21 -27.27
CA ARG A 275 11.68 13.95 -27.67
C ARG A 275 11.89 15.47 -27.61
N VAL A 276 13.05 15.91 -28.07
CA VAL A 276 13.37 17.33 -28.09
C VAL A 276 13.14 17.95 -29.48
N ASP A 277 12.46 19.09 -29.50
CA ASP A 277 12.27 19.83 -30.75
C ASP A 277 13.58 20.49 -31.08
N PRO A 278 14.20 20.15 -32.22
CA PRO A 278 15.49 20.72 -32.59
C PRO A 278 15.48 22.25 -32.72
N ALA A 279 14.33 22.82 -32.99
CA ALA A 279 14.22 24.26 -33.19
C ALA A 279 13.82 24.97 -31.90
N LYS A 280 13.64 24.21 -30.83
CA LYS A 280 13.16 24.77 -29.57
C LYS A 280 14.11 24.40 -28.41
N GLY A 281 14.22 23.13 -28.07
CA GLY A 281 15.01 22.75 -26.90
C GLY A 281 16.40 22.17 -27.12
N LEU A 282 16.90 22.22 -28.36
CA LEU A 282 18.23 21.69 -28.69
C LEU A 282 19.28 22.79 -28.73
N PHE A 283 20.33 22.64 -27.93
CA PHE A 283 21.37 23.65 -27.82
C PHE A 283 22.77 23.03 -27.88
N TYR A 284 23.57 23.45 -28.85
CA TYR A 284 24.93 22.93 -29.03
C TYR A 284 25.98 24.02 -29.02
N PHE A 285 26.94 23.90 -28.11
CA PHE A 285 28.05 24.85 -28.01
C PHE A 285 29.37 24.16 -28.25
N ASP A 286 30.11 24.61 -29.26
CA ASP A 286 31.42 24.03 -29.58
C ASP A 286 32.45 24.45 -28.52
N ASN A 287 33.70 24.05 -28.72
CA ASN A 287 34.77 24.26 -27.72
C ASN A 287 35.12 25.69 -27.34
N SER A 288 34.63 26.66 -28.10
CA SER A 288 34.94 28.06 -27.79
C SER A 288 34.14 28.53 -26.57
N PHE A 289 33.17 27.73 -26.14
CA PHE A 289 32.34 28.06 -24.99
C PHE A 289 32.88 27.47 -23.70
N ARG A 290 34.00 26.77 -23.79
CA ARG A 290 34.67 26.29 -22.61
C ARG A 290 35.04 27.54 -21.81
N PRO A 291 34.72 27.55 -20.50
CA PRO A 291 34.91 28.73 -19.65
C PRO A 291 36.37 29.17 -19.62
N VAL A 292 37.29 28.21 -19.53
CA VAL A 292 38.71 28.51 -19.64
C VAL A 292 39.28 27.82 -20.88
N PRO A 293 39.67 28.60 -21.89
CA PRO A 293 40.25 28.10 -23.15
C PRO A 293 41.43 27.18 -22.84
N LEU A 294 41.43 26.02 -23.48
CA LEU A 294 42.33 24.95 -23.08
C LEU A 294 43.40 24.64 -24.11
N GLU A 295 44.66 24.80 -23.71
CA GLU A 295 45.76 24.33 -24.52
C GLU A 295 45.92 22.85 -24.22
N GLN A 296 45.91 22.05 -25.27
CA GLN A 296 45.87 20.60 -25.13
C GLN A 296 47.15 20.01 -25.66
N THR A 297 47.67 19.05 -24.91
CA THR A 297 48.87 18.33 -25.33
C THR A 297 48.58 16.84 -25.28
N TYR A 298 48.77 16.17 -26.41
CA TYR A 298 48.51 14.74 -26.51
C TYR A 298 49.80 14.01 -26.72
N VAL A 299 50.21 13.30 -25.68
CA VAL A 299 51.45 12.51 -25.71
C VAL A 299 51.16 11.04 -25.98
N GLY A 300 52.04 10.41 -26.74
CA GLY A 300 51.87 8.97 -26.93
C GLY A 300 53.19 8.26 -27.07
N ILE A 301 53.19 6.99 -26.65
CA ILE A 301 54.42 6.24 -26.42
C ILE A 301 54.72 5.27 -27.55
N THR A 302 55.93 5.34 -28.07
CA THR A 302 56.32 4.55 -29.24
C THR A 302 56.15 3.04 -29.09
N GLU A 303 56.96 2.43 -28.24
CA GLU A 303 56.96 0.98 -28.13
C GLU A 303 56.69 0.47 -26.72
N LYS A 304 56.74 -0.85 -26.58
CA LYS A 304 56.05 -1.60 -25.54
C LYS A 304 57.10 -1.81 -24.46
N LYS A 305 58.25 -1.19 -24.72
CA LYS A 305 59.52 -1.44 -24.05
C LYS A 305 59.31 -1.58 -22.55
N ALA A 306 59.35 -2.82 -22.10
CA ALA A 306 59.72 -3.20 -20.74
C ALA A 306 59.15 -2.28 -19.67
N ILE A 307 60.00 -1.87 -18.74
CA ILE A 307 59.64 -1.07 -17.57
C ILE A 307 60.00 0.41 -17.71
N LYS A 308 60.89 0.72 -18.66
CA LYS A 308 61.22 2.12 -18.96
C LYS A 308 60.06 2.93 -19.53
N ARG A 309 58.91 2.28 -19.70
CA ARG A 309 57.71 2.96 -20.14
C ARG A 309 57.36 3.96 -19.04
N PHE A 310 57.37 3.47 -17.79
CA PHE A 310 57.05 4.31 -16.62
C PHE A 310 58.04 5.43 -16.40
N GLN A 311 59.32 5.15 -16.63
CA GLN A 311 60.32 6.20 -16.45
C GLN A 311 60.13 7.22 -17.56
N ILE A 312 59.69 6.78 -18.74
CA ILE A 312 59.35 7.74 -19.78
C ILE A 312 58.22 8.65 -19.30
N MET A 313 57.10 8.06 -18.81
CA MET A 313 56.01 8.91 -18.31
C MET A 313 56.46 9.92 -17.28
N ASN A 314 57.18 9.46 -16.26
CA ASN A 314 57.66 10.37 -15.22
C ASN A 314 58.60 11.45 -15.75
N GLU A 315 59.45 11.11 -16.71
CA GLU A 315 60.28 12.14 -17.34
C GLU A 315 59.40 13.21 -18.01
N ILE A 316 58.38 12.75 -18.73
CA ILE A 316 57.43 13.66 -19.37
C ILE A 316 56.79 14.59 -18.33
N VAL A 317 56.23 13.97 -17.30
CA VAL A 317 55.60 14.69 -16.21
C VAL A 317 56.49 15.76 -15.63
N TYR A 318 57.71 15.38 -15.28
CA TYR A 318 58.63 16.36 -14.74
C TYR A 318 58.83 17.55 -15.67
N GLU A 319 59.25 17.27 -16.91
CA GLU A 319 59.52 18.39 -17.82
C GLU A 319 58.32 19.31 -17.99
N LYS A 320 57.13 18.72 -18.02
CA LYS A 320 55.94 19.54 -18.28
C LYS A 320 55.42 20.29 -17.05
N ILE A 321 55.68 19.77 -15.85
CA ILE A 321 55.31 20.46 -14.61
C ILE A 321 56.13 21.72 -14.36
N MET A 322 57.43 21.61 -14.61
CA MET A 322 58.39 22.65 -14.21
C MET A 322 58.17 23.96 -14.93
N GLU A 323 57.47 23.90 -16.06
CA GLU A 323 57.12 25.09 -16.80
C GLU A 323 56.21 25.96 -15.94
N HIS A 324 55.71 25.36 -14.85
CA HIS A 324 55.00 26.04 -13.79
C HIS A 324 55.71 25.84 -12.45
N ALA A 325 56.34 26.89 -11.91
CA ALA A 325 57.14 26.74 -10.69
C ALA A 325 57.07 27.97 -9.78
N GLY A 326 56.11 28.84 -10.09
CA GLY A 326 55.84 30.05 -9.35
C GLY A 326 54.37 29.81 -9.16
N LYS A 327 53.50 30.81 -9.11
CA LYS A 327 52.16 30.44 -8.69
C LYS A 327 51.54 29.74 -9.89
N ASN A 328 51.40 28.42 -9.77
CA ASN A 328 50.62 27.63 -10.71
C ASN A 328 50.21 26.33 -10.03
N GLN A 329 49.05 25.77 -10.34
CA GLN A 329 48.65 24.51 -9.71
C GLN A 329 48.66 23.33 -10.68
N VAL A 330 49.25 22.21 -10.28
CA VAL A 330 49.27 21.04 -11.17
C VAL A 330 48.46 19.87 -10.56
N LEU A 331 47.54 19.31 -11.34
CA LEU A 331 46.74 18.15 -10.95
C LEU A 331 47.07 16.90 -11.79
N VAL A 332 47.52 15.83 -11.16
CA VAL A 332 47.91 14.63 -11.91
C VAL A 332 46.97 13.44 -11.64
N PHE A 333 46.46 12.80 -12.68
CA PHE A 333 45.53 11.68 -12.49
C PHE A 333 46.20 10.33 -12.81
N VAL A 334 46.14 9.48 -11.78
CA VAL A 334 46.66 8.12 -11.81
C VAL A 334 45.58 7.09 -11.53
N HIS A 335 45.83 5.85 -11.96
CA HIS A 335 44.81 4.78 -11.96
C HIS A 335 44.73 3.85 -10.76
N SER A 336 45.52 4.10 -9.71
CA SER A 336 45.46 3.26 -8.53
C SER A 336 45.60 4.17 -7.30
N ARG A 337 45.01 3.77 -6.17
CA ARG A 337 45.14 4.51 -4.92
C ARG A 337 46.58 4.49 -4.44
N LYS A 338 47.34 3.48 -4.88
CA LYS A 338 48.76 3.38 -4.57
C LYS A 338 49.57 4.31 -5.48
N GLU A 339 49.09 4.55 -6.69
CA GLU A 339 49.89 5.25 -7.69
C GLU A 339 49.92 6.72 -7.35
N THR A 340 49.01 7.13 -6.47
CA THR A 340 48.97 8.49 -5.98
C THR A 340 50.21 8.76 -5.12
N GLY A 341 50.40 7.86 -4.17
CA GLY A 341 51.54 7.92 -3.29
C GLY A 341 52.82 7.69 -4.05
N LYS A 342 52.76 6.83 -5.06
CA LYS A 342 53.96 6.51 -5.81
C LYS A 342 54.39 7.62 -6.73
N THR A 343 53.47 8.23 -7.45
CA THR A 343 53.83 9.34 -8.32
C THR A 343 54.21 10.66 -7.61
N ALA A 344 53.39 11.12 -6.64
CA ALA A 344 53.83 12.30 -5.86
C ALA A 344 55.14 12.10 -5.13
N ARG A 345 55.33 10.90 -4.62
CA ARG A 345 56.57 10.49 -3.98
C ARG A 345 57.72 10.42 -4.97
N ALA A 346 57.43 9.89 -6.16
CA ALA A 346 58.37 9.64 -7.27
C ALA A 346 58.94 10.90 -7.87
N ILE A 347 58.20 11.99 -8.01
CA ILE A 347 58.91 13.13 -8.59
C ILE A 347 59.92 13.63 -7.52
N ARG A 348 59.57 13.61 -6.24
CA ARG A 348 60.51 14.00 -5.18
C ARG A 348 61.64 12.96 -5.04
N ASP A 349 61.31 11.72 -5.44
CA ASP A 349 62.20 10.55 -5.46
C ASP A 349 63.11 10.66 -6.68
N MET A 350 62.52 11.07 -7.81
CA MET A 350 63.26 11.29 -9.02
C MET A 350 63.53 12.79 -8.91
N CYS A 351 63.83 13.47 -10.01
CA CYS A 351 64.09 14.91 -9.98
C CYS A 351 65.02 15.21 -8.81
N LEU A 352 65.00 16.44 -8.28
CA LEU A 352 65.94 16.85 -7.22
C LEU A 352 67.39 16.36 -7.46
N GLU A 353 67.54 15.04 -7.62
CA GLU A 353 68.81 14.33 -7.83
C GLU A 353 69.73 15.09 -8.79
N LYS A 354 69.13 15.71 -9.79
CA LYS A 354 69.86 16.50 -10.77
C LYS A 354 69.74 17.98 -10.38
N ASP A 355 70.80 18.56 -9.83
CA ASP A 355 70.81 19.97 -9.46
C ASP A 355 69.55 20.51 -8.73
N THR A 356 68.90 19.67 -7.91
CA THR A 356 67.64 20.04 -7.22
C THR A 356 66.68 20.67 -8.21
N LEU A 357 66.19 19.85 -9.14
CA LEU A 357 65.28 20.34 -10.15
C LEU A 357 64.02 20.88 -9.51
N GLY A 358 63.65 22.09 -9.96
CA GLY A 358 62.43 22.77 -9.61
C GLY A 358 62.22 22.92 -8.12
N LEU A 359 63.30 22.88 -7.34
CA LEU A 359 63.17 22.98 -5.90
C LEU A 359 62.52 24.30 -5.49
N PHE A 360 61.77 24.31 -4.40
CA PHE A 360 61.04 25.48 -3.95
C PHE A 360 60.05 26.14 -4.93
N LEU A 361 58.95 25.45 -5.22
CA LEU A 361 57.84 26.05 -5.95
C LEU A 361 56.89 26.28 -4.79
N ARG A 362 57.52 26.26 -3.61
CA ARG A 362 56.98 26.68 -2.33
C ARG A 362 57.02 28.21 -2.21
N GLU A 363 56.94 28.89 -3.35
CA GLU A 363 57.01 30.36 -3.40
C GLU A 363 58.32 30.92 -2.83
N GLY A 364 58.22 31.56 -1.67
CA GLY A 364 59.39 32.15 -1.06
C GLY A 364 60.10 31.10 -0.25
N SER A 365 61.41 30.99 -0.45
CA SER A 365 62.26 30.03 0.25
C SER A 365 62.17 30.15 1.78
N ALA A 366 61.57 31.23 2.25
CA ALA A 366 61.22 31.37 3.65
C ALA A 366 59.82 30.84 3.94
N SER A 367 59.21 31.36 5.01
CA SER A 367 57.90 30.95 5.48
C SER A 367 56.73 31.85 5.08
N THR A 368 56.29 31.85 3.82
CA THR A 368 55.00 32.51 3.58
C THR A 368 53.78 31.65 3.91
N GLU A 369 53.45 30.73 3.02
CA GLU A 369 52.37 29.78 3.25
C GLU A 369 53.01 28.50 3.68
N VAL A 370 54.32 28.57 3.73
CA VAL A 370 55.17 27.47 4.08
C VAL A 370 54.81 27.11 5.50
N LEU A 371 54.59 28.15 6.32
CA LEU A 371 54.26 27.98 7.73
C LEU A 371 52.87 27.33 7.86
N ARG A 372 52.01 27.59 6.89
CA ARG A 372 50.67 27.00 6.85
C ARG A 372 50.63 25.55 6.37
N THR A 373 51.47 25.20 5.40
CA THR A 373 51.48 23.82 4.93
C THR A 373 52.30 22.96 5.89
N GLU A 374 53.29 23.57 6.55
CA GLU A 374 54.09 22.85 7.53
C GLU A 374 53.34 22.73 8.87
N ALA A 375 52.37 23.62 9.11
CA ALA A 375 51.53 23.55 10.34
C ALA A 375 50.39 22.53 10.28
N GLU A 376 49.95 22.16 9.07
CA GLU A 376 48.86 21.21 8.89
C GLU A 376 49.43 19.79 8.83
N GLN A 377 50.76 19.71 8.86
CA GLN A 377 51.51 18.47 8.72
C GLN A 377 51.11 17.47 9.79
N CYS A 378 50.60 17.99 10.89
CA CYS A 378 50.28 17.21 12.08
C CYS A 378 49.04 16.33 11.86
N LYS A 379 48.57 16.38 10.61
CA LYS A 379 47.83 15.30 9.94
C LYS A 379 48.60 13.97 9.99
N ASN A 380 48.00 12.94 9.42
CA ASN A 380 48.55 11.59 9.50
C ASN A 380 49.00 11.09 8.12
N LEU A 381 49.42 9.84 8.07
CA LEU A 381 49.89 9.17 6.85
C LEU A 381 51.08 9.82 6.14
N GLU A 382 50.99 9.79 4.81
CA GLU A 382 52.02 10.26 3.88
C GLU A 382 51.77 11.72 3.61
N LEU A 383 50.69 12.19 4.21
CA LEU A 383 50.29 13.59 4.07
C LEU A 383 51.39 14.43 4.72
N LYS A 384 51.84 13.98 5.89
CA LYS A 384 52.88 14.66 6.65
C LYS A 384 54.22 14.78 5.91
N ASP A 385 54.51 13.84 5.02
CA ASP A 385 55.79 13.86 4.28
C ASP A 385 55.86 14.91 3.19
N LEU A 386 54.84 14.94 2.36
CA LEU A 386 54.81 15.84 1.24
C LEU A 386 54.35 17.24 1.59
N LEU A 387 53.54 17.37 2.64
CA LEU A 387 52.89 18.67 2.93
C LEU A 387 53.77 19.90 3.20
N PRO A 388 54.93 19.77 3.91
CA PRO A 388 55.66 21.02 4.07
C PRO A 388 56.11 21.64 2.76
N TYR A 389 56.39 20.78 1.79
CA TYR A 389 56.65 21.16 0.41
C TYR A 389 55.40 21.15 -0.48
N GLY A 390 54.73 22.28 -0.67
CA GLY A 390 53.48 22.37 -1.45
C GLY A 390 52.67 21.19 -2.04
N PHE A 391 53.01 19.96 -1.65
CA PHE A 391 52.48 18.70 -2.21
C PHE A 391 51.33 18.03 -1.46
N ALA A 392 50.44 17.37 -2.21
CA ALA A 392 49.44 16.52 -1.56
C ALA A 392 48.90 15.39 -2.43
N ILE A 393 48.07 14.56 -1.79
CA ILE A 393 47.53 13.36 -2.40
C ILE A 393 46.04 13.23 -2.15
N HIS A 394 45.33 12.74 -3.16
CA HIS A 394 43.90 12.46 -3.04
C HIS A 394 43.62 11.13 -3.76
N HIS A 395 43.08 10.17 -3.00
CA HIS A 395 42.85 8.84 -3.53
C HIS A 395 41.62 8.30 -2.85
N ALA A 396 41.21 7.09 -3.22
CA ALA A 396 39.95 6.59 -2.73
C ALA A 396 40.00 5.97 -1.35
N GLY A 397 39.26 6.68 -0.48
CA GLY A 397 39.12 6.39 0.92
C GLY A 397 40.44 6.34 1.67
N MET A 398 40.41 5.57 2.75
CA MET A 398 41.59 5.25 3.54
C MET A 398 42.29 6.46 4.18
N THR A 399 41.84 7.68 3.86
CA THR A 399 42.30 8.88 4.58
C THR A 399 41.41 9.39 5.74
N ARG A 400 40.29 10.00 5.36
CA ARG A 400 39.17 10.52 6.19
C ARG A 400 39.27 12.04 6.06
N VAL A 401 39.49 12.65 7.23
CA VAL A 401 39.59 14.10 7.42
C VAL A 401 40.60 14.66 6.43
N ASP A 402 41.70 13.91 6.28
CA ASP A 402 42.82 14.26 5.41
C ASP A 402 42.46 14.52 3.95
N ARG A 403 41.47 13.81 3.40
CA ARG A 403 41.05 14.09 2.04
C ARG A 403 40.50 15.51 2.00
N THR A 404 39.67 15.80 2.98
CA THR A 404 39.08 17.13 3.14
C THR A 404 40.14 18.20 3.31
N LEU A 405 41.12 17.94 4.16
CA LEU A 405 42.18 18.92 4.36
C LEU A 405 43.03 19.13 3.12
N VAL A 406 43.24 18.08 2.34
CA VAL A 406 43.95 18.28 1.09
C VAL A 406 43.13 19.17 0.20
N GLU A 407 41.82 18.92 0.16
CA GLU A 407 40.92 19.77 -0.61
C GLU A 407 40.87 21.26 -0.20
N ASP A 408 40.66 21.56 1.07
CA ASP A 408 40.62 22.95 1.53
C ASP A 408 41.97 23.66 1.33
N LEU A 409 43.07 22.96 1.61
CA LEU A 409 44.42 23.57 1.49
C LEU A 409 44.83 23.78 0.04
N PHE A 410 44.32 22.93 -0.84
CA PHE A 410 44.58 23.06 -2.26
C PHE A 410 43.70 24.17 -2.80
N ALA A 411 42.56 24.36 -2.16
CA ALA A 411 41.56 25.37 -2.52
C ALA A 411 42.02 26.80 -2.23
N ASP A 412 42.91 27.00 -1.25
CA ASP A 412 43.36 28.35 -0.97
C ASP A 412 44.59 28.58 -1.85
N LYS A 413 44.86 27.56 -2.67
CA LYS A 413 45.90 27.50 -3.70
C LYS A 413 47.34 27.61 -3.21
N HIS A 414 47.58 27.01 -2.06
CA HIS A 414 48.89 26.79 -1.47
C HIS A 414 49.46 25.44 -1.85
N ILE A 415 48.76 24.36 -1.52
CA ILE A 415 49.26 23.09 -2.03
C ILE A 415 49.33 23.34 -3.54
N GLN A 416 50.53 23.10 -4.07
CA GLN A 416 50.84 23.30 -5.48
C GLN A 416 50.63 22.09 -6.35
N VAL A 417 51.40 21.04 -6.09
CA VAL A 417 51.23 19.81 -6.86
C VAL A 417 50.39 18.79 -6.10
N LEU A 418 49.28 18.41 -6.72
CA LEU A 418 48.35 17.43 -6.15
C LEU A 418 48.17 16.24 -7.09
N VAL A 419 48.50 15.05 -6.58
CA VAL A 419 48.30 13.83 -7.36
C VAL A 419 47.06 13.11 -6.84
N SER A 420 46.24 12.62 -7.75
CA SER A 420 44.97 12.06 -7.36
C SER A 420 44.41 10.96 -8.25
N THR A 421 43.19 10.56 -7.90
CA THR A 421 42.49 9.54 -8.65
C THR A 421 41.24 10.19 -9.23
N ALA A 422 40.67 9.58 -10.27
CA ALA A 422 39.52 10.16 -10.97
C ALA A 422 38.36 10.52 -10.07
N THR A 423 38.26 9.81 -8.96
CA THR A 423 37.23 10.05 -7.95
C THR A 423 37.22 11.49 -7.46
N LEU A 424 38.38 12.15 -7.53
CA LEU A 424 38.44 13.56 -7.18
C LEU A 424 37.79 14.40 -8.27
N ALA A 425 38.06 14.04 -9.53
CA ALA A 425 37.51 14.76 -10.67
C ALA A 425 35.99 14.69 -10.64
N TRP A 426 35.46 13.53 -10.26
CA TRP A 426 34.02 13.36 -10.17
C TRP A 426 33.40 13.92 -8.88
N GLY A 427 34.12 13.76 -7.77
CA GLY A 427 33.59 14.00 -6.44
C GLY A 427 33.39 15.43 -5.94
N VAL A 428 34.33 16.30 -6.21
CA VAL A 428 34.24 17.67 -5.71
C VAL A 428 34.82 18.57 -6.79
N ASN A 429 34.39 19.83 -6.83
CA ASN A 429 34.87 20.71 -7.87
C ASN A 429 36.07 21.50 -7.39
N LEU A 430 37.25 21.10 -7.88
CA LEU A 430 38.50 21.84 -7.68
C LEU A 430 39.35 21.73 -8.94
N PRO A 431 39.07 22.61 -9.92
CA PRO A 431 39.83 22.60 -11.15
C PRO A 431 41.24 23.14 -10.91
N ALA A 432 42.23 22.59 -11.59
CA ALA A 432 43.58 23.15 -11.53
C ALA A 432 43.91 23.91 -12.82
N HIS A 433 45.10 24.51 -12.86
CA HIS A 433 45.58 25.19 -14.05
C HIS A 433 46.05 24.18 -15.11
N THR A 434 46.78 23.16 -14.66
CA THR A 434 47.27 22.15 -15.59
C THR A 434 46.90 20.76 -15.11
N VAL A 435 46.45 19.92 -16.04
CA VAL A 435 46.02 18.57 -15.69
C VAL A 435 46.71 17.50 -16.52
N ILE A 436 47.46 16.61 -15.87
CA ILE A 436 48.16 15.56 -16.59
C ILE A 436 47.53 14.21 -16.30
N ILE A 437 47.25 13.41 -17.32
CA ILE A 437 46.67 12.10 -17.14
C ILE A 437 47.68 11.03 -17.57
N LYS A 438 47.94 10.06 -16.68
CA LYS A 438 49.04 9.13 -16.92
C LYS A 438 48.63 7.75 -17.42
N GLY A 439 48.89 7.46 -18.68
CA GLY A 439 48.86 6.09 -19.17
C GLY A 439 47.56 5.52 -19.73
N THR A 440 46.42 6.05 -19.28
CA THR A 440 45.10 5.61 -19.75
C THR A 440 44.88 4.09 -19.70
N GLN A 441 45.50 3.41 -18.73
CA GLN A 441 45.31 1.97 -18.56
C GLN A 441 44.72 1.66 -17.20
N VAL A 442 43.61 0.94 -17.20
CA VAL A 442 42.91 0.67 -15.95
C VAL A 442 42.48 -0.80 -15.86
N TYR A 443 42.46 -1.33 -14.64
CA TYR A 443 42.04 -2.72 -14.44
C TYR A 443 40.52 -2.84 -14.34
N SER A 444 39.96 -3.63 -15.25
CA SER A 444 38.55 -3.95 -15.28
C SER A 444 38.29 -5.36 -14.77
N PRO A 445 37.67 -5.46 -13.57
CA PRO A 445 37.27 -6.72 -12.95
C PRO A 445 36.23 -7.48 -13.76
N GLU A 446 35.23 -6.78 -14.30
CA GLU A 446 34.20 -7.46 -15.07
C GLU A 446 34.77 -8.02 -16.35
N LYS A 447 35.75 -7.33 -16.95
CA LYS A 447 36.45 -7.92 -18.08
C LYS A 447 37.56 -8.83 -17.56
N GLY A 448 37.94 -8.65 -16.30
CA GLY A 448 39.00 -9.45 -15.72
C GLY A 448 40.36 -9.12 -16.28
N ARG A 449 40.44 -8.06 -17.05
CA ARG A 449 41.67 -7.70 -17.75
C ARG A 449 42.12 -6.29 -17.46
N TRP A 450 43.16 -5.87 -18.15
CA TRP A 450 43.49 -4.46 -18.18
C TRP A 450 43.01 -3.86 -19.50
N THR A 451 42.19 -2.82 -19.44
CA THR A 451 41.69 -2.20 -20.68
C THR A 451 41.93 -0.70 -20.67
N GLU A 452 41.53 -0.06 -21.78
CA GLU A 452 41.64 1.38 -21.95
C GLU A 452 40.50 2.09 -21.23
N LEU A 453 40.85 3.20 -20.59
CA LEU A 453 39.95 3.95 -19.73
C LEU A 453 38.69 4.45 -20.44
N GLY A 454 37.61 4.53 -19.68
CA GLY A 454 36.33 4.97 -20.19
C GLY A 454 36.28 6.44 -20.58
N ALA A 455 35.54 6.73 -21.64
CA ALA A 455 35.49 8.07 -22.21
C ALA A 455 35.01 9.13 -21.21
N LEU A 456 34.02 8.78 -20.39
CA LEU A 456 33.47 9.73 -19.42
C LEU A 456 34.52 10.21 -18.42
N ASP A 457 35.38 9.28 -18.01
CA ASP A 457 36.44 9.60 -17.08
C ASP A 457 37.40 10.61 -17.67
N ILE A 458 37.85 10.36 -18.90
CA ILE A 458 38.74 11.29 -19.58
C ILE A 458 38.09 12.68 -19.69
N LEU A 459 36.83 12.71 -20.12
CA LEU A 459 36.13 13.99 -20.26
C LEU A 459 36.04 14.77 -18.95
N GLN A 460 35.59 14.12 -17.89
CA GLN A 460 35.44 14.80 -16.62
C GLN A 460 36.77 15.23 -16.03
N MET A 461 37.82 14.46 -16.32
CA MET A 461 39.15 14.76 -15.80
C MET A 461 39.77 15.96 -16.49
N LEU A 462 39.94 15.85 -17.81
CA LEU A 462 40.42 16.95 -18.62
C LEU A 462 39.54 18.19 -18.49
N GLY A 463 38.31 17.99 -18.04
CA GLY A 463 37.40 19.08 -17.78
C GLY A 463 37.83 19.91 -16.58
N ARG A 464 38.85 19.42 -15.88
CA ARG A 464 39.36 20.14 -14.72
C ARG A 464 40.53 21.07 -15.03
N ALA A 465 40.92 21.14 -16.29
CA ALA A 465 42.04 22.00 -16.69
C ALA A 465 41.58 23.45 -16.75
N GLY A 466 42.28 24.32 -16.03
CA GLY A 466 41.96 25.75 -15.94
C GLY A 466 41.00 26.07 -14.82
N ARG A 467 41.18 27.23 -14.22
CA ARG A 467 40.37 27.68 -13.10
C ARG A 467 39.52 28.86 -13.50
N PRO A 468 38.19 28.71 -13.33
CA PRO A 468 37.19 29.65 -13.88
C PRO A 468 37.45 31.11 -13.55
N GLN A 469 37.70 31.44 -12.30
CA GLN A 469 37.98 32.84 -12.00
C GLN A 469 39.47 33.16 -11.96
N TYR A 470 40.31 32.12 -11.84
CA TYR A 470 41.76 32.32 -11.68
C TYR A 470 42.67 32.14 -12.90
N ASP A 471 42.13 31.74 -14.05
CA ASP A 471 43.00 31.44 -15.20
C ASP A 471 42.44 31.94 -16.53
N THR A 472 43.31 32.58 -17.31
CA THR A 472 42.98 33.04 -18.66
C THR A 472 43.10 31.87 -19.63
N LYS A 473 44.06 31.00 -19.37
CA LYS A 473 44.28 29.87 -20.25
C LYS A 473 44.61 28.66 -19.39
N GLY A 474 43.99 27.53 -19.69
CA GLY A 474 44.26 26.27 -19.03
C GLY A 474 45.15 25.39 -19.87
N GLU A 475 45.68 24.34 -19.27
CA GLU A 475 46.52 23.41 -20.00
C GLU A 475 46.25 21.97 -19.54
N GLY A 476 46.40 21.02 -20.46
CA GLY A 476 46.24 19.63 -20.07
C GLY A 476 47.08 18.73 -20.96
N ILE A 477 47.46 17.58 -20.42
CA ILE A 477 48.34 16.65 -21.12
C ILE A 477 47.86 15.23 -20.93
N LEU A 478 47.66 14.50 -22.02
CA LEU A 478 47.20 13.12 -21.93
C LEU A 478 48.28 12.17 -22.43
N ILE A 479 48.89 11.43 -21.51
CA ILE A 479 49.94 10.50 -21.89
C ILE A 479 49.32 9.13 -22.10
N THR A 480 49.58 8.51 -23.25
CA THR A 480 48.96 7.24 -23.54
C THR A 480 49.80 6.35 -24.46
N SER A 481 49.26 5.18 -24.79
CA SER A 481 49.88 4.32 -25.79
C SER A 481 49.43 4.74 -27.18
N HIS A 482 50.32 4.55 -28.14
CA HIS A 482 50.15 5.01 -29.52
C HIS A 482 49.03 4.41 -30.37
N GLY A 483 48.97 3.08 -30.41
CA GLY A 483 48.08 2.36 -31.30
C GLY A 483 46.60 2.53 -31.12
N GLU A 484 45.93 2.95 -32.20
CA GLU A 484 44.48 2.97 -32.23
C GLU A 484 43.94 3.88 -31.13
N LEU A 485 44.80 4.75 -30.60
CA LEU A 485 44.36 5.65 -29.55
C LEU A 485 44.12 7.09 -30.06
N GLN A 486 44.13 7.25 -31.39
CA GLN A 486 43.71 8.50 -32.05
C GLN A 486 42.31 8.83 -31.51
N TYR A 487 41.71 7.80 -30.93
CA TYR A 487 40.44 7.81 -30.23
C TYR A 487 40.28 8.97 -29.25
N TYR A 488 41.34 9.30 -28.50
CA TYR A 488 41.24 10.35 -27.48
C TYR A 488 41.19 11.71 -28.12
N LEU A 489 41.98 11.82 -29.18
CA LEU A 489 41.98 12.97 -30.05
C LEU A 489 40.58 13.17 -30.60
N SER A 490 39.94 12.06 -30.94
CA SER A 490 38.56 12.09 -31.43
C SER A 490 37.60 12.56 -30.35
N LEU A 491 37.84 12.11 -29.12
CA LEU A 491 36.95 12.37 -28.00
C LEU A 491 36.93 13.83 -27.54
N LEU A 492 38.10 14.41 -27.33
CA LEU A 492 38.18 15.75 -26.74
C LEU A 492 37.91 16.89 -27.73
N ASN A 493 38.04 16.58 -29.01
CA ASN A 493 37.84 17.53 -30.09
C ASN A 493 36.44 17.49 -30.71
N GLN A 494 35.52 16.79 -30.05
CA GLN A 494 34.11 16.62 -30.43
C GLN A 494 33.88 15.74 -31.65
N GLN A 495 34.82 14.85 -31.96
CA GLN A 495 34.65 13.95 -33.08
C GLN A 495 34.27 12.48 -32.78
N LEU A 496 34.14 12.10 -31.51
CA LEU A 496 33.85 10.69 -31.18
C LEU A 496 32.36 10.40 -31.07
N PRO A 497 31.82 9.63 -32.04
CA PRO A 497 30.38 9.39 -32.21
C PRO A 497 29.75 8.56 -31.07
N ILE A 498 28.54 8.98 -30.68
CA ILE A 498 27.75 8.27 -29.68
C ILE A 498 26.89 7.19 -30.31
N GLU A 499 27.09 5.95 -29.88
CA GLU A 499 26.32 4.86 -30.46
C GLU A 499 25.43 4.17 -29.43
N SER A 500 24.76 3.11 -29.86
CA SER A 500 23.87 2.39 -28.98
C SER A 500 24.49 1.02 -28.66
N GLN A 501 24.65 0.75 -27.38
CA GLN A 501 25.21 -0.53 -26.98
C GLN A 501 24.11 -1.50 -26.69
N MET A 502 22.89 -1.07 -26.97
CA MET A 502 21.68 -1.82 -26.64
C MET A 502 21.69 -3.30 -27.05
N VAL A 503 22.31 -3.59 -28.20
CA VAL A 503 22.32 -4.96 -28.70
C VAL A 503 23.01 -5.93 -27.76
N SER A 504 23.97 -5.41 -27.01
CA SER A 504 24.73 -6.18 -26.02
C SER A 504 23.82 -6.67 -24.88
N LYS A 505 23.08 -5.73 -24.30
CA LYS A 505 22.29 -5.95 -23.10
C LYS A 505 20.83 -6.29 -23.37
N LEU A 506 20.46 -6.47 -24.64
CA LEU A 506 19.05 -6.61 -25.02
C LEU A 506 18.19 -7.65 -24.24
N PRO A 507 18.69 -8.89 -24.01
CA PRO A 507 17.85 -9.85 -23.26
C PRO A 507 17.46 -9.43 -21.83
N ASP A 508 18.40 -8.91 -21.07
CA ASP A 508 18.08 -8.52 -19.71
C ASP A 508 17.07 -7.35 -19.71
N MET A 509 17.24 -6.41 -20.64
CA MET A 509 16.33 -5.28 -20.78
C MET A 509 14.93 -5.70 -21.18
N LEU A 510 14.86 -6.56 -22.19
CA LEU A 510 13.60 -7.10 -22.67
C LEU A 510 12.87 -7.83 -21.55
N ASN A 511 13.61 -8.63 -20.81
CA ASN A 511 13.04 -9.33 -19.66
C ASN A 511 12.48 -8.36 -18.63
N ALA A 512 13.23 -7.30 -18.36
CA ALA A 512 12.75 -6.30 -17.38
C ALA A 512 11.42 -5.75 -17.79
N GLU A 513 11.30 -5.47 -19.09
CA GLU A 513 10.06 -4.89 -19.58
C GLU A 513 8.95 -5.93 -19.59
N ILE A 514 9.28 -7.19 -19.75
CA ILE A 514 8.26 -8.22 -19.69
C ILE A 514 7.74 -8.36 -18.25
N VAL A 515 8.65 -8.37 -17.28
CA VAL A 515 8.29 -8.46 -15.87
C VAL A 515 7.40 -7.30 -15.44
N LEU A 516 7.69 -6.09 -15.92
CA LEU A 516 6.82 -4.94 -15.59
C LEU A 516 5.44 -5.08 -16.22
N GLY A 517 5.36 -5.86 -17.28
CA GLY A 517 4.11 -6.10 -17.99
C GLY A 517 3.90 -5.11 -19.13
N ASN A 518 4.95 -4.37 -19.45
CA ASN A 518 4.92 -3.38 -20.50
C ASN A 518 5.00 -4.01 -21.86
N VAL A 519 5.58 -5.20 -21.95
CA VAL A 519 5.55 -5.95 -23.22
C VAL A 519 5.03 -7.34 -22.90
N GLN A 520 3.89 -7.68 -23.50
CA GLN A 520 3.29 -8.99 -23.28
C GLN A 520 3.58 -9.99 -24.38
N ASN A 521 4.23 -9.53 -25.44
CA ASN A 521 4.57 -10.37 -26.58
C ASN A 521 5.59 -9.75 -27.51
N ALA A 522 5.89 -10.44 -28.62
CA ALA A 522 6.92 -10.00 -29.55
C ALA A 522 6.59 -8.65 -30.17
N LYS A 523 5.34 -8.47 -30.58
CA LYS A 523 4.93 -7.21 -31.20
C LYS A 523 5.14 -6.04 -30.24
N ASP A 524 4.69 -6.19 -29.00
CA ASP A 524 4.89 -5.18 -27.97
C ASP A 524 6.38 -4.90 -27.79
N ALA A 525 7.20 -5.94 -27.93
CA ALA A 525 8.64 -5.75 -27.76
C ALA A 525 9.25 -4.95 -28.88
N VAL A 526 8.79 -5.18 -30.11
CA VAL A 526 9.25 -4.41 -31.27
C VAL A 526 8.89 -2.96 -31.10
N ASN A 527 7.64 -2.73 -30.75
CA ASN A 527 7.19 -1.37 -30.49
C ASN A 527 8.00 -0.74 -29.36
N TRP A 528 8.41 -1.54 -28.38
CA TRP A 528 9.24 -1.07 -27.29
C TRP A 528 10.63 -0.63 -27.79
N LEU A 529 11.24 -1.44 -28.66
CA LEU A 529 12.53 -1.10 -29.27
C LEU A 529 12.45 0.19 -30.06
N GLY A 530 11.25 0.51 -30.55
CA GLY A 530 11.04 1.77 -31.23
C GLY A 530 11.37 3.00 -30.39
N TYR A 531 11.33 2.87 -29.08
CA TYR A 531 11.60 4.00 -28.18
C TYR A 531 13.08 4.10 -27.83
N ALA A 532 13.84 3.08 -28.20
CA ALA A 532 15.27 3.03 -27.85
C ALA A 532 16.16 3.88 -28.76
N TYR A 533 17.29 4.31 -28.23
CA TYR A 533 18.30 5.02 -29.00
C TYR A 533 18.83 4.16 -30.16
N LEU A 534 18.85 2.85 -29.94
CA LEU A 534 19.26 1.87 -30.91
C LEU A 534 18.46 1.99 -32.19
N TYR A 535 17.17 2.29 -32.04
CA TYR A 535 16.29 2.41 -33.19
C TYR A 535 16.75 3.55 -34.10
N ILE A 536 16.88 4.75 -33.54
CA ILE A 536 17.33 5.90 -34.31
C ILE A 536 18.70 5.67 -34.94
N ARG A 537 19.64 5.17 -34.15
CA ARG A 537 20.97 4.93 -34.66
C ARG A 537 20.95 3.92 -35.81
N MET A 538 20.10 2.91 -35.72
CA MET A 538 19.97 1.93 -36.79
C MET A 538 19.38 2.59 -38.04
N LEU A 539 18.44 3.49 -37.83
CA LEU A 539 17.84 4.19 -38.95
C LEU A 539 18.89 5.03 -39.69
N ARG A 540 19.63 5.84 -38.95
CA ARG A 540 20.50 6.81 -39.60
C ARG A 540 21.94 6.36 -39.89
N SER A 541 22.31 5.17 -39.41
CA SER A 541 23.60 4.57 -39.75
C SER A 541 23.43 3.06 -39.87
N PRO A 542 22.66 2.62 -40.87
CA PRO A 542 22.24 1.22 -41.01
C PRO A 542 23.39 0.24 -41.27
N THR A 543 24.40 0.68 -42.02
CA THR A 543 25.50 -0.19 -42.37
C THR A 543 26.31 -0.50 -41.11
N LEU A 544 26.46 0.51 -40.26
CA LEU A 544 27.21 0.39 -38.99
C LEU A 544 26.53 -0.62 -38.06
N TYR A 545 25.21 -0.68 -38.12
CA TYR A 545 24.43 -1.59 -37.26
C TYR A 545 24.15 -2.89 -38.01
N GLY A 546 24.74 -3.03 -39.18
CA GLY A 546 24.67 -4.27 -39.92
C GLY A 546 23.40 -4.47 -40.72
N ILE A 547 22.90 -3.38 -41.30
CA ILE A 547 21.71 -3.46 -42.14
C ILE A 547 22.05 -3.05 -43.57
N SER A 548 21.68 -3.91 -44.51
CA SER A 548 21.92 -3.64 -45.92
C SER A 548 21.02 -2.50 -46.37
N HIS A 549 21.50 -1.72 -47.34
CA HIS A 549 20.71 -0.62 -47.90
C HIS A 549 19.46 -1.18 -48.58
N ASP A 550 19.56 -2.42 -49.07
CA ASP A 550 18.43 -3.10 -49.66
C ASP A 550 17.32 -3.39 -48.63
N ASP A 551 17.74 -3.97 -47.51
CA ASP A 551 16.83 -4.28 -46.42
C ASP A 551 16.15 -3.02 -45.90
N LEU A 552 16.94 -1.96 -45.73
CA LEU A 552 16.43 -0.70 -45.24
C LEU A 552 15.45 -0.05 -46.22
N LYS A 553 15.74 -0.16 -47.52
CA LYS A 553 14.86 0.42 -48.54
C LYS A 553 13.50 -0.30 -48.56
N GLY A 554 13.52 -1.62 -48.44
CA GLY A 554 12.28 -2.40 -48.43
C GLY A 554 11.52 -2.26 -47.12
N ASP A 555 12.23 -1.90 -46.06
CA ASP A 555 11.65 -1.77 -44.72
C ASP A 555 12.17 -0.57 -43.94
N PRO A 556 11.63 0.62 -44.24
CA PRO A 556 12.12 1.87 -43.65
C PRO A 556 11.94 1.96 -42.14
N LEU A 557 10.93 1.28 -41.59
CA LEU A 557 10.66 1.32 -40.15
C LEU A 557 11.34 0.17 -39.40
N LEU A 558 12.07 -0.64 -40.16
CA LEU A 558 12.86 -1.75 -39.65
C LEU A 558 12.02 -2.72 -38.84
N ASP A 559 10.85 -3.07 -39.36
CA ASP A 559 10.01 -4.06 -38.69
C ASP A 559 10.73 -5.40 -38.62
N GLN A 560 11.41 -5.77 -39.69
CA GLN A 560 12.09 -7.05 -39.76
C GLN A 560 13.24 -7.15 -38.76
N ARG A 561 14.10 -6.13 -38.71
CA ARG A 561 15.25 -6.15 -37.81
C ARG A 561 14.83 -6.15 -36.33
N ARG A 562 13.87 -5.31 -36.00
CA ARG A 562 13.38 -5.21 -34.62
C ARG A 562 12.74 -6.54 -34.24
N LEU A 563 11.93 -7.09 -35.14
CA LEU A 563 11.31 -8.37 -34.88
C LEU A 563 12.36 -9.49 -34.72
N ASP A 564 13.44 -9.42 -35.49
CA ASP A 564 14.48 -10.43 -35.39
C ASP A 564 15.26 -10.35 -34.08
N LEU A 565 15.66 -9.15 -33.69
CA LEU A 565 16.32 -8.92 -32.41
C LEU A 565 15.47 -9.44 -31.26
N VAL A 566 14.22 -8.99 -31.25
CA VAL A 566 13.28 -9.43 -30.24
C VAL A 566 13.18 -10.95 -30.22
N HIS A 567 13.13 -11.56 -31.40
CA HIS A 567 13.02 -13.02 -31.50
C HIS A 567 14.22 -13.71 -30.85
N THR A 568 15.42 -13.24 -31.19
CA THR A 568 16.65 -13.80 -30.65
C THR A 568 16.69 -13.69 -29.12
N ALA A 569 16.48 -12.49 -28.60
CA ALA A 569 16.49 -12.25 -27.16
C ALA A 569 15.42 -13.09 -26.46
N ALA A 570 14.27 -13.20 -27.08
CA ALA A 570 13.18 -13.97 -26.50
C ALA A 570 13.56 -15.45 -26.42
N LEU A 571 14.26 -15.93 -27.44
CA LEU A 571 14.73 -17.31 -27.44
C LEU A 571 15.76 -17.54 -26.34
N MET A 572 16.60 -16.54 -26.11
CA MET A 572 17.61 -16.58 -25.05
C MET A 572 16.97 -16.64 -23.65
N LEU A 573 15.96 -15.81 -23.45
CA LEU A 573 15.24 -15.74 -22.18
C LEU A 573 14.43 -17.01 -21.95
N ASP A 574 13.98 -17.60 -23.06
CA ASP A 574 13.17 -18.80 -23.02
C ASP A 574 14.02 -20.01 -22.68
N LYS A 575 15.25 -19.98 -23.18
CA LYS A 575 16.18 -21.06 -22.90
C LYS A 575 16.53 -21.12 -21.43
N ASN A 576 16.71 -19.96 -20.82
CA ASN A 576 17.08 -19.90 -19.42
C ASN A 576 15.85 -19.86 -18.52
N ASN A 577 14.67 -20.00 -19.11
CA ASN A 577 13.44 -20.15 -18.35
C ASN A 577 13.10 -18.91 -17.53
N LEU A 578 13.53 -17.74 -18.00
CA LEU A 578 13.07 -16.50 -17.39
C LEU A 578 11.69 -16.24 -17.95
N VAL A 579 11.49 -16.73 -19.16
CA VAL A 579 10.27 -16.51 -19.93
C VAL A 579 9.82 -17.74 -20.70
N LYS A 580 8.54 -18.06 -20.66
CA LYS A 580 7.96 -19.05 -21.57
C LYS A 580 7.50 -18.36 -22.85
N TYR A 581 8.11 -18.73 -23.97
CA TYR A 581 7.87 -18.07 -25.25
C TYR A 581 7.62 -19.07 -26.36
N ASP A 582 6.42 -19.04 -26.96
CA ASP A 582 6.17 -19.91 -28.10
C ASP A 582 6.26 -19.13 -29.40
N LYS A 583 6.98 -19.72 -30.35
CA LYS A 583 7.26 -19.08 -31.62
C LYS A 583 5.99 -18.85 -32.46
N LYS A 584 4.93 -19.60 -32.17
CA LYS A 584 3.73 -19.57 -33.00
C LYS A 584 2.99 -18.26 -32.80
N THR A 585 2.44 -18.09 -31.61
CA THR A 585 1.71 -16.88 -31.27
C THR A 585 2.65 -15.70 -31.06
N GLY A 586 3.84 -15.99 -30.53
CA GLY A 586 4.82 -14.96 -30.23
C GLY A 586 4.59 -14.32 -28.87
N ASN A 587 3.69 -14.90 -28.07
CA ASN A 587 3.37 -14.39 -26.74
C ASN A 587 4.44 -14.68 -25.65
N PHE A 588 4.59 -13.74 -24.71
CA PHE A 588 5.51 -13.96 -23.59
C PHE A 588 4.75 -14.30 -22.31
N GLN A 589 5.24 -15.29 -21.57
CA GLN A 589 4.73 -15.59 -20.25
C GLN A 589 5.83 -15.48 -19.19
N VAL A 590 5.66 -14.56 -18.25
CA VAL A 590 6.63 -14.40 -17.18
C VAL A 590 6.73 -15.61 -16.26
N THR A 591 7.96 -15.95 -15.87
CA THR A 591 8.16 -17.00 -14.89
C THR A 591 8.68 -16.34 -13.61
N GLU A 592 8.90 -17.12 -12.56
CA GLU A 592 9.38 -16.53 -11.31
C GLU A 592 10.86 -16.20 -11.37
N LEU A 593 11.63 -17.04 -12.05
CA LEU A 593 13.05 -16.78 -12.18
C LEU A 593 13.34 -15.47 -12.87
N GLY A 594 12.54 -15.16 -13.89
CA GLY A 594 12.67 -13.93 -14.64
C GLY A 594 12.25 -12.74 -13.79
N ARG A 595 11.22 -12.96 -12.99
CA ARG A 595 10.72 -11.93 -12.12
C ARG A 595 11.78 -11.51 -11.14
N ILE A 596 12.39 -12.50 -10.48
CA ILE A 596 13.49 -12.24 -9.55
C ILE A 596 14.71 -11.64 -10.26
N ALA A 597 15.01 -12.16 -11.45
CA ALA A 597 16.13 -11.70 -12.26
C ALA A 597 16.04 -10.22 -12.56
N SER A 598 14.86 -9.78 -12.97
CA SER A 598 14.67 -8.37 -13.24
C SER A 598 14.78 -7.57 -11.95
N HIS A 599 14.10 -8.05 -10.92
CA HIS A 599 14.05 -7.36 -9.64
C HIS A 599 15.40 -7.22 -8.94
N TYR A 600 16.17 -8.30 -8.93
CA TYR A 600 17.45 -8.32 -8.23
C TYR A 600 18.61 -8.00 -9.18
N TYR A 601 18.27 -7.66 -10.41
CA TYR A 601 19.24 -7.14 -11.36
C TYR A 601 20.30 -8.18 -11.66
N ILE A 602 19.83 -9.39 -11.98
CA ILE A 602 20.73 -10.46 -12.33
C ILE A 602 20.60 -10.87 -13.79
N THR A 603 21.75 -11.18 -14.40
CA THR A 603 21.78 -11.54 -15.82
C THR A 603 21.12 -12.90 -16.01
N ASN A 604 20.59 -13.16 -17.20
CA ASN A 604 19.78 -14.37 -17.40
C ASN A 604 20.59 -15.67 -17.27
N ASP A 605 21.84 -15.68 -17.72
CA ASP A 605 22.63 -16.89 -17.57
C ASP A 605 22.77 -17.32 -16.11
N THR A 606 23.01 -16.34 -15.22
CA THR A 606 23.09 -16.64 -13.80
C THR A 606 21.83 -17.27 -13.22
N VAL A 607 20.65 -16.72 -13.51
CA VAL A 607 19.39 -17.33 -13.06
C VAL A 607 19.32 -18.76 -13.57
N GLN A 608 19.72 -19.01 -14.82
CA GLN A 608 19.67 -20.40 -15.27
C GLN A 608 20.63 -21.30 -14.48
N THR A 609 21.83 -20.79 -14.18
CA THR A 609 22.81 -21.54 -13.38
C THR A 609 22.20 -21.89 -12.00
N TYR A 610 21.64 -20.88 -11.35
CA TYR A 610 20.97 -21.06 -10.07
C TYR A 610 19.90 -22.14 -10.22
N ASN A 611 19.11 -22.03 -11.28
CA ASN A 611 18.06 -22.99 -11.56
C ASN A 611 18.57 -24.41 -11.68
N GLN A 612 19.77 -24.56 -12.24
CA GLN A 612 20.39 -25.87 -12.39
C GLN A 612 20.89 -26.43 -11.06
N LEU A 613 21.65 -25.62 -10.34
CA LEU A 613 22.40 -26.13 -9.19
C LEU A 613 21.68 -26.05 -7.84
N LEU A 614 20.56 -25.35 -7.76
CA LEU A 614 19.88 -25.19 -6.47
C LEU A 614 18.96 -26.35 -6.12
N LYS A 615 19.15 -26.92 -4.93
CA LYS A 615 18.33 -28.02 -4.43
C LYS A 615 18.16 -27.88 -2.90
N PRO A 616 17.08 -28.45 -2.32
CA PRO A 616 16.85 -28.28 -0.88
C PRO A 616 17.99 -28.74 0.02
N THR A 617 18.69 -29.77 -0.43
CA THR A 617 19.75 -30.41 0.34
C THR A 617 21.13 -29.79 0.08
N LEU A 618 21.16 -28.69 -0.68
CA LEU A 618 22.42 -28.02 -1.00
C LEU A 618 23.16 -27.67 0.27
N SER A 619 24.43 -28.08 0.38
CA SER A 619 25.19 -27.75 1.57
C SER A 619 25.69 -26.32 1.46
N GLU A 620 26.39 -25.87 2.49
CA GLU A 620 26.85 -24.50 2.51
C GLU A 620 28.08 -24.36 1.61
N ILE A 621 28.89 -25.41 1.59
CA ILE A 621 30.03 -25.47 0.68
C ILE A 621 29.54 -25.25 -0.75
N GLU A 622 28.57 -26.10 -1.11
CA GLU A 622 27.92 -26.06 -2.40
C GLU A 622 27.29 -24.71 -2.70
N LEU A 623 26.74 -24.07 -1.67
CA LEU A 623 26.13 -22.76 -1.85
C LEU A 623 27.16 -21.72 -2.27
N PHE A 624 28.29 -21.71 -1.57
CA PHE A 624 29.36 -20.78 -1.90
C PHE A 624 29.86 -21.04 -3.31
N ARG A 625 29.91 -22.32 -3.69
CA ARG A 625 30.32 -22.62 -5.05
C ARG A 625 29.31 -22.07 -6.08
N VAL A 626 28.02 -22.30 -5.84
CA VAL A 626 26.96 -21.80 -6.72
C VAL A 626 27.05 -20.30 -6.88
N PHE A 627 27.27 -19.61 -5.77
CA PHE A 627 27.49 -18.18 -5.83
C PHE A 627 28.70 -17.87 -6.73
N SER A 628 29.75 -18.67 -6.62
CA SER A 628 30.96 -18.42 -7.40
C SER A 628 30.71 -18.60 -8.90
N LEU A 629 29.72 -19.40 -9.25
CA LEU A 629 29.44 -19.69 -10.66
C LEU A 629 28.55 -18.66 -11.38
N SER A 630 28.14 -17.63 -10.65
CA SER A 630 27.33 -16.55 -11.21
C SER A 630 28.03 -15.93 -12.41
N SER A 631 27.27 -15.70 -13.49
CA SER A 631 27.86 -15.25 -14.74
C SER A 631 28.34 -13.81 -14.71
N GLU A 632 28.04 -13.10 -13.64
CA GLU A 632 28.58 -11.77 -13.42
C GLU A 632 30.09 -11.88 -13.28
N PHE A 633 30.54 -13.05 -12.82
CA PHE A 633 31.95 -13.30 -12.58
C PHE A 633 32.71 -14.05 -13.68
N LYS A 634 32.05 -14.31 -14.80
CA LYS A 634 32.61 -15.20 -15.82
C LYS A 634 33.98 -14.80 -16.40
N ASN A 635 34.32 -13.52 -16.33
CA ASN A 635 35.60 -13.09 -16.88
C ASN A 635 36.74 -13.02 -15.88
N ILE A 636 36.41 -13.25 -14.61
CA ILE A 636 37.43 -13.29 -13.57
C ILE A 636 38.31 -14.49 -13.81
N THR A 637 39.61 -14.28 -13.68
CA THR A 637 40.59 -15.34 -13.75
C THR A 637 41.64 -15.23 -12.68
N VAL A 638 42.35 -16.33 -12.45
CA VAL A 638 43.43 -16.37 -11.46
C VAL A 638 44.78 -16.08 -12.07
N ARG A 639 45.35 -14.94 -11.67
CA ARG A 639 46.67 -14.57 -12.12
C ARG A 639 47.73 -15.36 -11.32
N GLU A 640 48.90 -15.54 -11.91
CA GLU A 640 49.98 -16.25 -11.27
C GLU A 640 50.39 -15.52 -9.99
N GLU A 641 50.57 -14.22 -10.14
CA GLU A 641 51.10 -13.33 -9.12
C GLU A 641 50.26 -13.28 -7.86
N GLU A 642 48.97 -13.56 -7.98
CA GLU A 642 48.10 -13.54 -6.80
C GLU A 642 47.94 -14.91 -6.11
N LYS A 643 48.38 -15.98 -6.76
CA LYS A 643 48.16 -17.34 -6.26
C LYS A 643 48.55 -17.50 -4.78
N LEU A 644 49.78 -17.12 -4.47
CA LEU A 644 50.29 -17.22 -3.11
C LEU A 644 49.31 -16.58 -2.10
N GLU A 645 48.93 -15.33 -2.35
CA GLU A 645 48.05 -14.59 -1.43
C GLU A 645 46.74 -15.36 -1.28
N LEU A 646 46.21 -15.83 -2.41
CA LEU A 646 44.99 -16.64 -2.41
C LEU A 646 45.14 -17.78 -1.43
N GLN A 647 46.25 -18.50 -1.55
CA GLN A 647 46.54 -19.65 -0.68
C GLN A 647 46.44 -19.26 0.80
N LYS A 648 47.08 -18.15 1.15
CA LYS A 648 47.00 -17.65 2.52
C LYS A 648 45.53 -17.45 2.96
N LEU A 649 44.76 -16.73 2.13
CA LEU A 649 43.36 -16.48 2.45
C LEU A 649 42.60 -17.79 2.61
N LEU A 650 42.84 -18.76 1.74
CA LEU A 650 42.14 -20.03 1.83
C LEU A 650 42.43 -20.74 3.15
N GLU A 651 43.63 -20.50 3.68
CA GLU A 651 43.99 -21.17 4.92
C GLU A 651 43.24 -20.47 6.04
N ARG A 652 42.93 -19.20 5.83
CA ARG A 652 42.30 -18.43 6.89
C ARG A 652 40.74 -18.40 6.83
N VAL A 653 40.16 -18.90 5.75
CA VAL A 653 38.69 -18.86 5.59
C VAL A 653 38.04 -20.16 6.05
N PRO A 654 36.91 -20.05 6.79
CA PRO A 654 36.18 -21.12 7.51
C PRO A 654 35.53 -22.17 6.62
N ILE A 655 34.86 -21.74 5.55
CA ILE A 655 34.10 -22.70 4.76
C ILE A 655 34.98 -23.50 3.84
N PRO A 656 34.96 -24.83 3.97
CA PRO A 656 35.76 -25.67 3.07
C PRO A 656 35.41 -25.37 1.61
N VAL A 657 36.44 -25.09 0.85
CA VAL A 657 36.35 -24.94 -0.59
C VAL A 657 36.61 -26.27 -1.23
N LYS A 658 35.57 -26.79 -1.87
CA LYS A 658 35.53 -28.14 -2.39
C LYS A 658 36.50 -28.23 -3.54
N GLU A 659 36.48 -29.36 -4.23
CA GLU A 659 37.64 -29.90 -4.91
C GLU A 659 38.23 -28.96 -5.95
N SER A 660 37.58 -27.82 -6.17
CA SER A 660 38.21 -26.80 -6.96
C SER A 660 39.61 -26.38 -6.47
N ILE A 661 40.59 -26.54 -7.36
CA ILE A 661 42.00 -26.18 -7.22
C ILE A 661 41.97 -24.69 -7.55
N GLU A 662 43.06 -23.99 -7.91
CA GLU A 662 42.80 -22.59 -8.13
C GLU A 662 42.21 -22.47 -9.55
N GLU A 663 40.86 -22.51 -9.58
CA GLU A 663 40.05 -22.09 -10.70
C GLU A 663 39.52 -20.68 -10.41
N PRO A 664 39.01 -19.96 -11.43
CA PRO A 664 38.30 -18.71 -11.15
C PRO A 664 37.26 -18.87 -10.02
N SER A 665 36.56 -20.01 -10.06
CA SER A 665 35.54 -20.35 -9.08
C SER A 665 36.08 -20.30 -7.65
N ALA A 666 37.16 -21.04 -7.39
CA ALA A 666 37.73 -21.07 -6.05
C ALA A 666 38.22 -19.71 -5.62
N LYS A 667 38.75 -18.94 -6.55
CA LYS A 667 39.23 -17.59 -6.26
C LYS A 667 38.07 -16.73 -5.77
N ILE A 668 36.96 -16.74 -6.51
CA ILE A 668 35.77 -15.99 -6.12
C ILE A 668 35.25 -16.40 -4.75
N ASN A 669 35.10 -17.70 -4.56
CA ASN A 669 34.67 -18.23 -3.29
C ASN A 669 35.51 -17.66 -2.14
N VAL A 670 36.82 -17.85 -2.21
CA VAL A 670 37.70 -17.40 -1.13
C VAL A 670 37.66 -15.86 -1.00
N LEU A 671 37.46 -15.14 -2.09
CA LEU A 671 37.41 -13.69 -1.97
C LEU A 671 36.19 -13.25 -1.17
N LEU A 672 35.04 -13.85 -1.46
CA LEU A 672 33.84 -13.57 -0.68
C LEU A 672 34.03 -13.92 0.81
N GLN A 673 34.53 -15.14 1.08
CA GLN A 673 34.76 -15.56 2.48
C GLN A 673 35.70 -14.60 3.18
N ALA A 674 36.74 -14.19 2.50
CA ALA A 674 37.71 -13.27 3.05
C ALA A 674 37.10 -11.92 3.35
N PHE A 675 36.13 -11.52 2.54
CA PHE A 675 35.43 -10.28 2.79
C PHE A 675 34.58 -10.39 4.07
N ILE A 676 33.96 -11.55 4.25
CA ILE A 676 33.14 -11.75 5.44
C ILE A 676 33.97 -11.80 6.71
N SER A 677 35.18 -12.36 6.61
CA SER A 677 36.09 -12.49 7.74
C SER A 677 36.85 -11.21 8.03
N GLN A 678 36.68 -10.24 7.15
CA GLN A 678 37.35 -8.94 7.23
C GLN A 678 38.88 -9.07 7.30
N LEU A 679 39.42 -10.04 6.54
CA LEU A 679 40.85 -10.16 6.44
C LEU A 679 41.36 -9.00 5.58
N LYS A 680 42.53 -8.47 5.94
CA LYS A 680 43.17 -7.41 5.18
C LYS A 680 43.91 -8.05 4.00
N LEU A 681 43.91 -7.36 2.87
CA LEU A 681 44.58 -7.83 1.66
C LEU A 681 45.69 -6.90 1.21
N GLU A 682 46.60 -7.45 0.40
CA GLU A 682 47.73 -6.69 -0.13
C GLU A 682 47.67 -6.49 -1.65
N GLY A 683 47.67 -7.58 -2.41
CA GLY A 683 47.58 -7.51 -3.88
C GLY A 683 46.45 -6.66 -4.42
N PHE A 684 46.79 -5.73 -5.30
CA PHE A 684 45.85 -4.69 -5.67
C PHE A 684 44.79 -5.13 -6.68
N ALA A 685 45.18 -5.97 -7.63
CA ALA A 685 44.22 -6.54 -8.58
C ALA A 685 43.25 -7.39 -7.79
N LEU A 686 43.78 -8.06 -6.78
CA LEU A 686 42.99 -8.91 -5.89
C LEU A 686 42.02 -8.09 -5.08
N MET A 687 42.46 -6.91 -4.63
CA MET A 687 41.58 -6.00 -3.90
C MET A 687 40.44 -5.51 -4.79
N ALA A 688 40.78 -5.10 -6.01
CA ALA A 688 39.76 -4.68 -6.96
C ALA A 688 38.73 -5.77 -7.23
N ASP A 689 39.23 -6.98 -7.49
CA ASP A 689 38.35 -8.13 -7.71
C ASP A 689 37.45 -8.41 -6.52
N MET A 690 38.00 -8.27 -5.32
CA MET A 690 37.20 -8.51 -4.13
C MET A 690 36.09 -7.48 -4.03
N VAL A 691 36.41 -6.20 -4.19
CA VAL A 691 35.39 -5.15 -4.18
C VAL A 691 34.28 -5.50 -5.18
N TYR A 692 34.67 -5.93 -6.37
CA TYR A 692 33.71 -6.26 -7.41
C TYR A 692 32.80 -7.41 -7.00
N VAL A 693 33.36 -8.45 -6.40
CA VAL A 693 32.54 -9.60 -6.04
C VAL A 693 31.65 -9.30 -4.82
N THR A 694 32.11 -8.45 -3.93
CA THR A 694 31.36 -8.15 -2.72
C THR A 694 30.23 -7.12 -2.92
N GLN A 695 30.38 -6.25 -3.90
CA GLN A 695 29.30 -5.32 -4.25
C GLN A 695 28.08 -6.05 -4.79
N SER A 696 28.33 -7.10 -5.57
CA SER A 696 27.28 -7.90 -6.18
C SER A 696 26.70 -8.94 -5.25
N ALA A 697 27.56 -9.37 -4.34
CA ALA A 697 27.27 -10.49 -3.44
C ALA A 697 25.93 -10.40 -2.74
N GLY A 698 25.61 -9.25 -2.17
CA GLY A 698 24.37 -9.11 -1.43
C GLY A 698 23.15 -9.34 -2.29
N ARG A 699 23.09 -8.69 -3.45
CA ARG A 699 22.00 -8.85 -4.41
C ARG A 699 21.84 -10.28 -4.89
N LEU A 700 22.94 -10.88 -5.33
CA LEU A 700 22.87 -12.24 -5.84
C LEU A 700 22.32 -13.19 -4.77
N MET A 701 22.85 -13.09 -3.55
CA MET A 701 22.41 -13.95 -2.46
C MET A 701 20.96 -13.70 -2.07
N ARG A 702 20.52 -12.45 -2.10
CA ARG A 702 19.13 -12.11 -1.81
C ARG A 702 18.20 -12.72 -2.86
N ALA A 703 18.66 -12.73 -4.10
CA ALA A 703 17.93 -13.37 -5.17
C ALA A 703 17.75 -14.86 -4.91
N ILE A 704 18.88 -15.54 -4.63
CA ILE A 704 18.85 -16.98 -4.30
C ILE A 704 17.88 -17.25 -3.17
N PHE A 705 17.96 -16.38 -2.16
CA PHE A 705 17.06 -16.46 -1.04
C PHE A 705 15.60 -16.41 -1.49
N GLU A 706 15.27 -15.48 -2.37
CA GLU A 706 13.90 -15.36 -2.84
C GLU A 706 13.44 -16.61 -3.55
N ILE A 707 14.30 -17.13 -4.42
CA ILE A 707 14.00 -18.35 -5.15
C ILE A 707 13.63 -19.48 -4.15
N VAL A 708 14.56 -19.81 -3.25
CA VAL A 708 14.34 -20.94 -2.35
C VAL A 708 13.26 -20.68 -1.29
N LEU A 709 13.04 -19.43 -0.94
CA LEU A 709 12.00 -19.09 0.01
C LEU A 709 10.64 -19.35 -0.61
N ASN A 710 10.47 -18.91 -1.85
CA ASN A 710 9.18 -19.12 -2.48
C ASN A 710 9.01 -20.57 -2.97
N ARG A 711 10.09 -21.34 -3.01
CA ARG A 711 9.93 -22.77 -3.27
C ARG A 711 9.69 -23.54 -1.95
N GLY A 712 9.86 -22.85 -0.83
CA GLY A 712 9.55 -23.42 0.45
C GLY A 712 10.59 -24.40 0.96
N TRP A 713 11.85 -24.19 0.57
CA TRP A 713 12.91 -25.07 1.02
C TRP A 713 13.49 -24.49 2.29
N ALA A 714 13.21 -25.15 3.41
CA ALA A 714 13.46 -24.56 4.71
C ALA A 714 14.95 -24.48 5.03
N GLN A 715 15.67 -25.58 4.83
CA GLN A 715 17.10 -25.59 5.12
C GLN A 715 17.81 -24.56 4.27
N LEU A 716 17.53 -24.59 2.98
CA LEU A 716 18.23 -23.68 2.09
C LEU A 716 17.78 -22.24 2.28
N THR A 717 16.52 -22.04 2.66
CA THR A 717 16.07 -20.69 2.99
C THR A 717 16.85 -20.17 4.17
N ASP A 718 17.01 -21.02 5.18
CA ASP A 718 17.75 -20.66 6.38
C ASP A 718 19.21 -20.30 6.06
N LYS A 719 19.88 -21.19 5.33
CA LYS A 719 21.26 -20.97 4.94
C LYS A 719 21.40 -19.65 4.20
N THR A 720 20.60 -19.48 3.15
CA THR A 720 20.70 -18.31 2.28
C THR A 720 20.39 -17.01 3.00
N LEU A 721 19.35 -17.01 3.82
CA LEU A 721 19.06 -15.82 4.61
C LEU A 721 20.25 -15.48 5.50
N ASN A 722 20.79 -16.50 6.18
CA ASN A 722 21.98 -16.28 7.02
C ASN A 722 23.14 -15.70 6.22
N LEU A 723 23.35 -16.18 4.99
CA LEU A 723 24.44 -15.71 4.16
C LEU A 723 24.25 -14.26 3.72
N CYS A 724 22.99 -13.90 3.46
CA CYS A 724 22.67 -12.51 3.19
C CYS A 724 23.08 -11.66 4.39
N LYS A 725 22.60 -12.06 5.56
CA LYS A 725 22.92 -11.33 6.77
C LYS A 725 24.42 -11.23 7.06
N MET A 726 25.18 -12.27 6.71
CA MET A 726 26.61 -12.31 6.98
C MET A 726 27.35 -11.33 6.07
N ILE A 727 26.98 -11.32 4.79
CA ILE A 727 27.58 -10.37 3.87
C ILE A 727 27.24 -8.94 4.29
N ASP A 728 26.02 -8.75 4.79
CA ASP A 728 25.60 -7.41 5.21
C ASP A 728 26.40 -6.98 6.43
N LYS A 729 26.47 -7.86 7.41
CA LYS A 729 27.09 -7.50 8.66
C LYS A 729 28.59 -7.78 8.70
N ARG A 730 29.12 -8.45 7.67
CA ARG A 730 30.53 -8.79 7.61
C ARG A 730 30.96 -9.57 8.85
N MET A 731 30.22 -10.62 9.18
CA MET A 731 30.57 -11.51 10.29
C MET A 731 29.99 -12.88 10.06
N TRP A 732 30.64 -13.90 10.61
CA TRP A 732 30.10 -15.26 10.52
C TRP A 732 29.03 -15.52 11.59
N GLN A 733 28.16 -16.49 11.32
CA GLN A 733 27.16 -16.93 12.29
C GLN A 733 27.79 -17.36 13.61
N SER A 734 28.98 -17.94 13.51
CA SER A 734 29.72 -18.49 14.65
C SER A 734 30.03 -17.45 15.71
N MET A 735 30.32 -16.23 15.25
CA MET A 735 30.73 -15.16 16.15
C MET A 735 29.59 -14.60 17.00
N CYS A 736 29.91 -13.63 17.84
CA CYS A 736 28.95 -13.07 18.78
C CYS A 736 28.12 -12.00 18.11
N PRO A 737 26.78 -12.09 18.26
CA PRO A 737 25.79 -11.16 17.73
C PRO A 737 26.06 -9.71 18.09
N LEU A 738 26.69 -9.49 19.24
CA LEU A 738 27.00 -8.13 19.70
C LEU A 738 27.89 -7.34 18.75
N ARG A 739 28.60 -8.05 17.88
CA ARG A 739 29.42 -7.41 16.85
C ARG A 739 28.56 -6.53 15.96
N GLN A 740 27.28 -6.86 15.84
CA GLN A 740 26.37 -6.11 14.97
C GLN A 740 26.14 -4.68 15.49
N PHE A 741 26.49 -4.45 16.75
CA PHE A 741 26.55 -3.08 17.26
C PHE A 741 27.92 -2.52 16.96
N ARG A 742 27.95 -1.46 16.16
CA ARG A 742 29.22 -0.94 15.66
C ARG A 742 29.98 -0.06 16.66
N LYS A 743 29.29 0.44 17.69
CA LYS A 743 29.95 1.35 18.62
C LYS A 743 30.65 0.59 19.77
N LEU A 744 30.59 -0.74 19.74
CA LEU A 744 31.20 -1.59 20.77
C LEU A 744 32.62 -2.04 20.40
N PRO A 745 33.60 -1.84 21.31
CA PRO A 745 34.98 -2.28 21.12
C PRO A 745 35.14 -3.77 20.78
N GLU A 746 35.96 -4.05 19.77
CA GLU A 746 36.04 -5.40 19.21
C GLU A 746 36.79 -6.41 20.08
N GLU A 747 37.75 -5.95 20.89
CA GLU A 747 38.50 -6.85 21.75
C GLU A 747 37.69 -7.28 22.97
N VAL A 748 36.73 -6.44 23.35
CA VAL A 748 35.79 -6.79 24.41
C VAL A 748 34.98 -7.98 23.92
N VAL A 749 34.50 -7.84 22.70
CA VAL A 749 33.72 -8.87 22.05
C VAL A 749 34.54 -10.15 21.88
N LYS A 750 35.79 -10.02 21.45
CA LYS A 750 36.66 -11.18 21.28
C LYS A 750 36.90 -11.86 22.62
N LYS A 751 36.91 -11.07 23.69
CA LYS A 751 37.05 -11.64 25.03
C LYS A 751 35.78 -12.42 25.36
N ILE A 752 34.63 -11.91 24.93
CA ILE A 752 33.35 -12.60 25.17
C ILE A 752 33.32 -13.91 24.39
N GLU A 753 33.86 -13.88 23.19
CA GLU A 753 33.90 -15.04 22.31
C GLU A 753 34.83 -16.11 22.84
N LYS A 754 35.98 -15.68 23.37
CA LYS A 754 36.96 -16.57 23.96
C LYS A 754 36.33 -17.39 25.09
N LYS A 755 35.49 -16.73 25.89
CA LYS A 755 34.64 -17.46 26.82
C LYS A 755 33.65 -18.28 25.99
N ASN A 756 33.59 -19.58 26.26
CA ASN A 756 32.70 -20.46 25.50
C ASN A 756 31.41 -20.53 26.29
N PHE A 757 30.71 -19.41 26.25
CA PHE A 757 29.48 -19.22 27.00
C PHE A 757 28.39 -18.80 26.01
N PRO A 758 27.14 -19.29 26.19
CA PRO A 758 26.07 -18.95 25.25
C PRO A 758 25.71 -17.48 25.26
N PHE A 759 25.34 -16.89 24.12
CA PHE A 759 24.94 -15.50 24.15
C PHE A 759 23.63 -15.31 24.92
N GLU A 760 22.73 -16.28 24.78
CA GLU A 760 21.41 -16.26 25.41
C GLU A 760 21.47 -16.02 26.92
N ARG A 761 22.42 -16.72 27.55
CA ARG A 761 22.60 -16.71 28.99
C ARG A 761 22.88 -15.28 29.53
N LEU A 762 23.45 -14.42 28.70
CA LEU A 762 23.74 -13.04 29.07
C LEU A 762 22.47 -12.26 29.46
N TYR A 763 21.31 -12.76 29.05
CA TYR A 763 20.04 -12.12 29.43
C TYR A 763 19.83 -12.21 30.94
N ASP A 764 20.26 -13.32 31.52
CA ASP A 764 19.97 -13.60 32.92
C ASP A 764 21.07 -13.14 33.88
N LEU A 765 22.09 -12.47 33.35
CA LEU A 765 23.18 -11.97 34.20
C LEU A 765 23.05 -10.46 34.40
N ASN A 766 23.18 -10.00 35.63
CA ASN A 766 23.29 -8.57 35.94
C ASN A 766 24.64 -8.01 35.45
N HIS A 767 24.72 -6.69 35.23
CA HIS A 767 25.94 -6.10 34.66
C HIS A 767 27.19 -6.41 35.47
N ASN A 768 27.03 -6.62 36.78
CA ASN A 768 28.16 -7.00 37.64
C ASN A 768 28.73 -8.35 37.22
N GLU A 769 27.85 -9.32 37.07
CA GLU A 769 28.17 -10.64 36.61
C GLU A 769 28.70 -10.65 35.19
N ILE A 770 28.25 -9.68 34.39
CA ILE A 770 28.71 -9.52 33.02
C ILE A 770 30.17 -9.08 32.97
N GLY A 771 30.47 -8.01 33.70
CA GLY A 771 31.82 -7.49 33.80
C GLY A 771 32.73 -8.50 34.48
N GLU A 772 32.12 -9.29 35.34
CA GLU A 772 32.81 -10.32 36.10
C GLU A 772 33.23 -11.48 35.21
N LEU A 773 32.31 -11.96 34.37
CA LEU A 773 32.58 -13.09 33.51
C LEU A 773 33.67 -12.77 32.49
N ILE A 774 33.74 -11.51 32.07
CA ILE A 774 34.67 -11.12 31.03
C ILE A 774 35.99 -10.57 31.60
N ARG A 775 36.06 -10.49 32.93
CA ARG A 775 37.25 -9.99 33.63
C ARG A 775 37.58 -8.57 33.17
N MET A 776 36.54 -7.88 32.73
CA MET A 776 36.64 -6.51 32.26
C MET A 776 35.39 -5.78 32.74
N PRO A 777 35.34 -5.50 34.05
CA PRO A 777 34.20 -4.96 34.78
C PRO A 777 33.79 -3.61 34.24
N LYS A 778 34.79 -2.90 33.77
CA LYS A 778 34.62 -1.55 33.23
C LYS A 778 33.57 -1.48 32.12
N MET A 779 33.50 -2.51 31.28
CA MET A 779 32.53 -2.54 30.19
C MET A 779 31.17 -3.12 30.60
N GLY A 780 31.13 -3.73 31.78
CA GLY A 780 29.98 -4.50 32.24
C GLY A 780 28.60 -3.89 32.11
N LYS A 781 28.48 -2.59 32.36
CA LYS A 781 27.19 -1.93 32.20
C LYS A 781 26.83 -1.77 30.74
N THR A 782 27.74 -1.20 29.95
CA THR A 782 27.45 -0.89 28.55
C THR A 782 27.00 -2.13 27.80
N ILE A 783 27.78 -3.22 27.90
CA ILE A 783 27.40 -4.50 27.32
C ILE A 783 25.98 -4.86 27.69
N HIS A 784 25.66 -4.80 28.97
CA HIS A 784 24.31 -5.12 29.42
C HIS A 784 23.28 -4.36 28.59
N LYS A 785 23.48 -3.05 28.49
CA LYS A 785 22.58 -2.22 27.71
C LYS A 785 22.36 -2.79 26.31
N TYR A 786 23.45 -3.04 25.60
CA TYR A 786 23.33 -3.52 24.22
C TYR A 786 22.67 -4.91 24.16
N VAL A 787 22.88 -5.71 25.19
CA VAL A 787 22.27 -7.03 25.25
C VAL A 787 20.75 -6.90 25.23
N HIS A 788 20.25 -5.85 25.86
CA HIS A 788 18.81 -5.66 25.90
C HIS A 788 18.35 -4.76 24.77
N LEU A 789 19.29 -4.27 23.97
CA LEU A 789 18.92 -3.56 22.75
C LEU A 789 18.67 -4.51 21.58
N PHE A 790 19.17 -5.74 21.73
CA PHE A 790 19.06 -6.78 20.70
C PHE A 790 17.63 -7.23 20.54
N PRO A 791 17.10 -7.20 19.29
CA PRO A 791 15.71 -7.55 18.99
C PRO A 791 15.33 -8.96 19.45
N LYS A 792 14.21 -9.04 20.16
CA LYS A 792 13.74 -10.30 20.73
C LYS A 792 12.21 -10.36 20.70
N LEU A 793 11.66 -11.51 20.31
CA LEU A 793 10.21 -11.65 20.22
C LEU A 793 9.70 -12.83 21.01
N GLU A 794 8.54 -12.66 21.66
CA GLU A 794 7.86 -13.77 22.32
C GLU A 794 6.70 -14.18 21.40
N LEU A 795 6.42 -15.49 21.35
CA LEU A 795 5.43 -16.00 20.40
C LEU A 795 4.36 -16.78 21.13
N SER A 796 3.11 -16.40 20.88
CA SER A 796 1.95 -17.10 21.39
C SER A 796 1.05 -17.56 20.25
N VAL A 797 0.51 -18.76 20.39
CA VAL A 797 -0.30 -19.41 19.35
C VAL A 797 -1.67 -19.84 19.86
N HIS A 798 -2.67 -19.71 19.00
CA HIS A 798 -4.01 -20.20 19.26
C HIS A 798 -4.41 -21.03 18.06
N LEU A 799 -4.66 -22.31 18.28
CA LEU A 799 -4.92 -23.19 17.16
C LEU A 799 -6.39 -23.64 17.09
N GLN A 800 -7.05 -23.38 15.95
CA GLN A 800 -8.42 -23.85 15.65
C GLN A 800 -8.47 -24.74 14.41
N PRO A 801 -8.89 -26.00 14.51
CA PRO A 801 -9.07 -26.80 13.27
C PRO A 801 -10.18 -26.26 12.33
N ILE A 802 -9.90 -26.26 11.02
CA ILE A 802 -10.88 -25.84 10.03
C ILE A 802 -11.44 -27.06 9.26
N THR A 803 -10.56 -27.76 8.52
CA THR A 803 -10.88 -29.06 7.96
C THR A 803 -9.81 -30.08 8.30
N ARG A 804 -10.01 -31.33 7.87
CA ARG A 804 -9.06 -32.40 8.14
C ARG A 804 -7.72 -32.09 7.48
N SER A 805 -7.82 -31.30 6.41
CA SER A 805 -6.70 -30.79 5.65
C SER A 805 -6.22 -29.41 6.10
N THR A 806 -6.97 -28.74 6.96
CA THR A 806 -6.63 -27.34 7.24
C THR A 806 -6.80 -26.84 8.68
N LEU A 807 -5.81 -26.09 9.17
CA LEU A 807 -5.86 -25.53 10.51
C LEU A 807 -5.86 -24.00 10.51
N LYS A 808 -6.54 -23.39 11.47
CA LYS A 808 -6.50 -21.93 11.62
C LYS A 808 -5.53 -21.54 12.73
N VAL A 809 -4.59 -20.65 12.43
CA VAL A 809 -3.61 -20.21 13.40
C VAL A 809 -3.64 -18.72 13.73
N GLU A 810 -3.82 -18.39 15.00
CA GLU A 810 -3.67 -17.02 15.47
C GLU A 810 -2.31 -16.93 16.19
N LEU A 811 -1.37 -16.22 15.56
CA LEU A 811 -0.03 -16.07 16.10
C LEU A 811 0.08 -14.69 16.73
N THR A 812 0.28 -14.66 18.04
CA THR A 812 0.46 -13.40 18.74
C THR A 812 1.94 -13.09 18.89
N ILE A 813 2.39 -12.01 18.27
CA ILE A 813 3.79 -11.62 18.34
C ILE A 813 3.96 -10.48 19.35
N THR A 814 4.73 -10.76 20.40
CA THR A 814 4.97 -9.80 21.47
C THR A 814 6.42 -9.38 21.58
N PRO A 815 6.72 -8.11 21.25
CA PRO A 815 8.11 -7.65 21.37
C PRO A 815 8.60 -7.62 22.82
N ASP A 816 9.71 -8.29 23.09
CA ASP A 816 10.38 -8.07 24.36
C ASP A 816 11.80 -7.53 24.11
N PHE A 817 11.94 -6.21 24.24
CA PHE A 817 13.23 -5.50 24.19
C PHE A 817 12.98 -3.99 24.18
N GLN A 818 14.06 -3.24 24.43
CA GLN A 818 14.01 -1.79 24.39
C GLN A 818 14.28 -1.25 22.99
N TRP A 819 13.42 -0.35 22.53
CA TRP A 819 13.60 0.22 21.21
C TRP A 819 14.54 1.40 21.24
N ASP A 820 15.41 1.48 20.23
CA ASP A 820 16.33 2.60 20.12
C ASP A 820 16.37 3.14 18.68
N GLU A 821 16.03 4.41 18.51
CA GLU A 821 15.96 5.04 17.19
C GLU A 821 17.28 4.91 16.43
N LYS A 822 18.38 4.99 17.15
CA LYS A 822 19.70 4.87 16.54
C LYS A 822 19.93 3.46 16.00
N VAL A 823 19.65 2.47 16.84
CA VAL A 823 19.86 1.06 16.49
C VAL A 823 18.82 0.45 15.55
N HIS A 824 17.54 0.58 15.89
CA HIS A 824 16.50 -0.13 15.14
C HIS A 824 15.87 0.68 14.02
N GLY A 825 16.17 1.97 13.97
CA GLY A 825 15.54 2.83 12.98
C GLY A 825 14.06 2.96 13.23
N SER A 826 13.30 3.16 12.16
CA SER A 826 11.87 3.32 12.28
C SER A 826 11.13 1.98 12.38
N SER A 827 11.78 0.90 11.95
CA SER A 827 11.11 -0.39 11.93
C SER A 827 12.03 -1.60 11.94
N GLU A 828 11.49 -2.76 12.29
CA GLU A 828 12.23 -4.01 12.22
C GLU A 828 11.43 -5.11 11.52
N ALA A 829 12.05 -5.77 10.54
CA ALA A 829 11.38 -6.75 9.68
C ALA A 829 11.67 -8.20 10.08
N PHE A 830 10.68 -9.05 9.93
CA PHE A 830 10.79 -10.47 10.26
C PHE A 830 10.13 -11.37 9.24
N TRP A 831 10.56 -12.63 9.21
CA TRP A 831 9.91 -13.65 8.41
C TRP A 831 9.25 -14.63 9.34
N ILE A 832 7.94 -14.79 9.16
CA ILE A 832 7.18 -15.82 9.83
C ILE A 832 7.22 -17.05 8.97
N LEU A 833 7.82 -18.11 9.48
CA LEU A 833 7.98 -19.37 8.76
C LEU A 833 7.28 -20.49 9.49
N VAL A 834 6.27 -21.05 8.86
CA VAL A 834 5.60 -22.24 9.36
C VAL A 834 6.10 -23.45 8.62
N GLU A 835 6.86 -24.27 9.35
CA GLU A 835 7.54 -25.43 8.79
C GLU A 835 7.04 -26.73 9.40
N ASP A 836 7.23 -27.84 8.67
CA ASP A 836 6.78 -29.15 9.12
C ASP A 836 7.65 -29.67 10.25
N VAL A 837 7.37 -30.90 10.68
CA VAL A 837 8.02 -31.47 11.85
C VAL A 837 9.53 -31.66 11.63
N ASP A 838 9.93 -31.85 10.37
CA ASP A 838 11.35 -32.07 10.07
C ASP A 838 12.10 -30.79 9.72
N SER A 839 11.38 -29.68 9.67
CA SER A 839 11.94 -28.40 9.23
C SER A 839 12.57 -28.50 7.85
N GLU A 840 12.06 -29.40 7.01
CA GLU A 840 12.55 -29.49 5.63
C GLU A 840 11.68 -28.71 4.62
N VAL A 841 10.50 -28.25 5.04
CA VAL A 841 9.53 -27.64 4.13
C VAL A 841 8.84 -26.45 4.76
N ILE A 842 8.75 -25.34 4.03
CA ILE A 842 8.00 -24.22 4.54
C ILE A 842 6.57 -24.31 4.04
N LEU A 843 5.65 -24.62 4.95
CA LEU A 843 4.25 -24.82 4.60
C LEU A 843 3.53 -23.48 4.45
N HIS A 844 3.92 -22.50 5.25
CA HIS A 844 3.39 -21.16 5.06
C HIS A 844 4.46 -20.17 5.43
N HIS A 845 4.47 -19.02 4.78
CA HIS A 845 5.42 -17.98 5.15
C HIS A 845 4.94 -16.59 4.85
N GLU A 846 5.29 -15.64 5.70
CA GLU A 846 4.99 -14.26 5.37
C GLU A 846 5.86 -13.22 6.07
N TYR A 847 5.90 -12.04 5.47
CA TYR A 847 6.73 -10.95 5.92
C TYR A 847 5.97 -10.20 7.00
N PHE A 848 6.62 -9.95 8.13
CA PHE A 848 5.99 -9.21 9.21
C PHE A 848 6.81 -8.00 9.59
N LEU A 849 6.21 -6.82 9.50
CA LEU A 849 6.92 -5.58 9.78
C LEU A 849 6.47 -4.95 11.10
N LEU A 850 7.42 -4.87 12.04
CA LEU A 850 7.17 -4.25 13.33
C LEU A 850 7.58 -2.77 13.29
N LYS A 851 6.61 -1.87 13.31
CA LYS A 851 6.91 -0.43 13.26
C LYS A 851 7.23 0.08 14.67
N ALA A 852 8.13 1.06 14.74
CA ALA A 852 8.59 1.60 16.03
C ALA A 852 7.47 2.22 16.85
N LYS A 853 6.65 3.03 16.20
CA LYS A 853 5.56 3.73 16.86
C LYS A 853 4.56 2.72 17.43
N TYR A 854 4.34 1.63 16.70
CA TYR A 854 3.35 0.63 17.10
C TYR A 854 3.98 -0.53 17.86
N ALA A 855 5.24 -0.44 18.26
CA ALA A 855 5.79 -1.48 19.08
C ALA A 855 5.08 -1.37 20.44
N GLN A 856 5.18 -2.42 21.25
CA GLN A 856 4.46 -2.52 22.53
C GLN A 856 2.94 -2.73 22.35
N ASP A 857 2.45 -2.52 21.14
CA ASP A 857 1.10 -2.92 20.75
C ASP A 857 1.20 -4.39 20.37
N GLU A 858 0.11 -5.12 20.54
CA GLU A 858 0.16 -6.56 20.35
C GLU A 858 -0.26 -6.88 18.95
N HIS A 859 0.49 -7.76 18.29
CA HIS A 859 0.20 -8.02 16.90
C HIS A 859 -0.38 -9.41 16.71
N LEU A 860 -1.57 -9.44 16.14
CA LEU A 860 -2.31 -10.68 15.89
C LEU A 860 -2.20 -11.03 14.41
N ILE A 861 -1.51 -12.12 14.10
CA ILE A 861 -1.36 -12.55 12.71
C ILE A 861 -2.16 -13.81 12.46
N THR A 862 -3.17 -13.75 11.62
CA THR A 862 -3.99 -14.93 11.39
C THR A 862 -3.75 -15.59 10.04
N PHE A 863 -3.62 -16.92 9.99
CA PHE A 863 -3.54 -17.58 8.69
C PHE A 863 -3.97 -19.03 8.77
N PHE A 864 -3.99 -19.73 7.65
CA PHE A 864 -4.34 -21.14 7.66
C PHE A 864 -3.12 -21.95 7.27
N VAL A 865 -3.00 -23.15 7.82
CA VAL A 865 -1.92 -24.03 7.43
C VAL A 865 -2.48 -25.41 7.07
N PRO A 866 -1.94 -26.04 6.03
CA PRO A 866 -2.35 -27.37 5.59
C PRO A 866 -1.79 -28.47 6.49
N VAL A 867 -2.55 -29.55 6.68
CA VAL A 867 -2.08 -30.73 7.38
C VAL A 867 -2.47 -32.00 6.60
N PHE A 868 -1.81 -33.11 6.93
CA PHE A 868 -2.02 -34.39 6.25
C PHE A 868 -2.30 -35.50 7.25
N GLU A 869 -3.31 -36.31 6.94
CA GLU A 869 -3.98 -37.19 7.90
C GLU A 869 -3.12 -38.10 8.79
N PRO A 870 -2.01 -38.66 8.27
CA PRO A 870 -1.08 -39.24 9.25
C PRO A 870 -0.41 -38.14 10.08
N LEU A 871 -1.14 -37.49 10.98
CA LEU A 871 -0.68 -36.28 11.65
C LEU A 871 0.60 -36.47 12.45
N PRO A 872 1.56 -35.55 12.27
CA PRO A 872 2.80 -35.51 13.03
C PRO A 872 2.57 -35.04 14.47
N PRO A 873 3.60 -35.08 15.32
CA PRO A 873 3.46 -34.55 16.68
C PRO A 873 3.26 -33.05 16.67
N GLN A 874 3.99 -32.35 15.83
CA GLN A 874 3.98 -30.89 15.88
C GLN A 874 4.42 -30.23 14.57
N TYR A 875 4.08 -28.95 14.41
CA TYR A 875 4.73 -28.09 13.41
C TYR A 875 5.64 -27.11 14.15
N PHE A 876 6.35 -26.28 13.41
CA PHE A 876 7.19 -25.27 14.04
C PHE A 876 6.94 -23.92 13.41
N ILE A 877 6.83 -22.90 14.25
CA ILE A 877 6.72 -21.54 13.76
C ILE A 877 7.98 -20.77 14.13
N ARG A 878 8.83 -20.45 13.15
CA ARG A 878 10.01 -19.65 13.41
C ARG A 878 9.80 -18.22 12.93
N VAL A 879 10.01 -17.26 13.81
CA VAL A 879 10.04 -15.86 13.39
C VAL A 879 11.49 -15.40 13.40
N VAL A 880 12.01 -15.07 12.22
CA VAL A 880 13.44 -14.77 12.04
C VAL A 880 13.67 -13.34 11.57
N SER A 881 14.63 -12.63 12.16
CA SER A 881 14.92 -11.29 11.68
C SER A 881 15.36 -11.29 10.23
N ASP A 882 14.95 -10.28 9.48
CA ASP A 882 15.34 -10.14 8.09
C ASP A 882 16.76 -9.56 7.94
N ARG A 883 17.25 -8.97 9.02
CA ARG A 883 18.54 -8.29 9.01
C ARG A 883 19.50 -8.89 10.03
N TRP A 884 19.14 -8.84 11.31
CA TRP A 884 19.98 -9.26 12.43
C TRP A 884 20.38 -10.74 12.44
N LEU A 885 21.67 -11.01 12.57
CA LEU A 885 22.20 -12.35 12.72
C LEU A 885 21.90 -12.94 14.09
N SER A 886 21.62 -14.24 14.14
CA SER A 886 21.32 -14.91 15.41
C SER A 886 20.13 -14.27 16.13
N CYS A 887 19.17 -13.80 15.33
CA CYS A 887 17.92 -13.29 15.89
C CYS A 887 16.76 -14.15 15.40
N GLU A 888 16.17 -14.93 16.30
CA GLU A 888 15.13 -15.87 15.91
C GLU A 888 14.31 -16.31 17.11
N THR A 889 13.08 -16.75 16.88
CA THR A 889 12.30 -17.41 17.92
C THR A 889 11.50 -18.54 17.33
N GLN A 890 11.61 -19.71 17.94
CA GLN A 890 10.93 -20.89 17.43
C GLN A 890 9.92 -21.43 18.42
N LEU A 891 8.69 -21.55 17.98
CA LEU A 891 7.59 -22.07 18.80
C LEU A 891 7.00 -23.37 18.25
N PRO A 892 7.11 -24.48 19.00
CA PRO A 892 6.43 -25.70 18.58
C PRO A 892 4.89 -25.60 18.70
N VAL A 893 4.19 -26.07 17.67
CA VAL A 893 2.74 -26.14 17.68
C VAL A 893 2.35 -27.60 17.77
N SER A 894 1.81 -27.98 18.93
CA SER A 894 1.58 -29.37 19.30
C SER A 894 0.27 -29.91 18.77
N PHE A 895 0.36 -31.04 18.08
CA PHE A 895 -0.84 -31.71 17.56
C PHE A 895 -1.31 -32.89 18.41
N ARG A 896 -0.65 -33.13 19.54
CA ARG A 896 -0.89 -34.31 20.37
C ARG A 896 -2.37 -34.44 20.78
N HIS A 897 -2.96 -33.35 21.23
CA HIS A 897 -4.36 -33.35 21.67
C HIS A 897 -5.34 -32.90 20.60
N LEU A 898 -4.86 -32.63 19.39
CA LEU A 898 -5.71 -32.08 18.33
C LEU A 898 -6.78 -33.05 17.82
N ILE A 899 -8.04 -32.60 17.81
CA ILE A 899 -9.10 -33.40 17.22
C ILE A 899 -9.56 -32.81 15.89
N LEU A 900 -9.23 -33.49 14.79
CA LEU A 900 -9.69 -33.04 13.49
C LEU A 900 -11.19 -33.18 13.38
N PRO A 901 -11.86 -32.25 12.66
CA PRO A 901 -13.32 -32.33 12.50
C PRO A 901 -13.69 -33.55 11.65
N GLU A 902 -14.99 -33.81 11.51
CA GLU A 902 -15.43 -34.95 10.70
C GLU A 902 -15.33 -34.53 9.24
N LYS A 903 -14.80 -35.40 8.39
CA LYS A 903 -14.74 -35.09 6.95
C LYS A 903 -16.15 -34.83 6.44
N TYR A 904 -16.25 -34.03 5.38
CA TYR A 904 -17.57 -33.61 4.93
C TYR A 904 -18.28 -34.65 4.07
N PRO A 905 -19.60 -34.79 4.27
CA PRO A 905 -20.38 -35.81 3.56
C PRO A 905 -20.37 -35.44 2.07
N PRO A 906 -20.65 -36.39 1.15
CA PRO A 906 -20.71 -36.02 -0.27
C PRO A 906 -21.83 -35.00 -0.58
N PRO A 907 -21.68 -34.21 -1.67
CA PRO A 907 -22.74 -33.25 -2.03
C PRO A 907 -23.94 -33.98 -2.61
N THR A 908 -25.13 -33.36 -2.64
CA THR A 908 -26.24 -34.02 -3.30
C THR A 908 -25.94 -34.09 -4.79
N GLU A 909 -26.00 -35.29 -5.35
CA GLU A 909 -25.73 -35.48 -6.78
C GLU A 909 -26.73 -34.71 -7.63
N LEU A 910 -26.23 -34.02 -8.65
CA LEU A 910 -27.12 -33.30 -9.55
C LEU A 910 -27.53 -34.19 -10.72
N LEU A 911 -28.80 -34.55 -10.74
CA LEU A 911 -29.38 -35.37 -11.80
C LEU A 911 -29.67 -34.52 -13.03
N ASP A 912 -29.52 -35.12 -14.20
CA ASP A 912 -29.99 -34.40 -15.38
C ASP A 912 -31.42 -34.84 -15.64
N LEU A 913 -32.31 -33.96 -15.20
CA LEU A 913 -33.73 -34.07 -15.48
C LEU A 913 -33.92 -33.41 -16.82
N GLN A 914 -34.98 -33.75 -17.52
CA GLN A 914 -35.40 -32.90 -18.62
C GLN A 914 -35.60 -31.51 -18.01
N PRO A 915 -35.13 -30.48 -18.71
CA PRO A 915 -35.17 -29.10 -18.19
C PRO A 915 -36.59 -28.62 -18.04
N LEU A 916 -37.18 -29.01 -16.92
CA LEU A 916 -38.60 -28.83 -16.66
C LEU A 916 -39.07 -27.41 -17.02
N PRO A 917 -40.15 -27.31 -17.84
CA PRO A 917 -40.69 -26.08 -18.42
C PRO A 917 -41.46 -25.21 -17.45
N VAL A 918 -41.66 -23.94 -17.80
CA VAL A 918 -42.43 -23.02 -16.97
C VAL A 918 -43.88 -23.50 -16.86
N SER A 919 -44.33 -24.24 -17.87
CA SER A 919 -45.69 -24.76 -17.89
C SER A 919 -45.91 -25.78 -16.78
N ALA A 920 -44.82 -26.35 -16.25
CA ALA A 920 -44.91 -27.32 -15.16
C ALA A 920 -45.47 -26.65 -13.91
N LEU A 921 -45.19 -25.35 -13.78
CA LEU A 921 -45.89 -24.54 -12.79
C LEU A 921 -47.32 -24.42 -13.31
N ARG A 922 -48.33 -24.89 -12.58
CA ARG A 922 -49.68 -24.74 -13.13
C ARG A 922 -50.40 -23.59 -12.44
N ASN A 923 -50.26 -22.40 -13.02
CA ASN A 923 -51.13 -21.27 -12.79
C ASN A 923 -50.80 -20.32 -13.93
N SER A 924 -51.76 -19.56 -14.45
CA SER A 924 -51.41 -18.57 -15.46
C SER A 924 -50.84 -17.27 -14.88
N ALA A 925 -51.44 -16.79 -13.79
CA ALA A 925 -50.99 -15.55 -13.17
C ALA A 925 -49.58 -15.73 -12.65
N PHE A 926 -49.25 -16.94 -12.23
CA PHE A 926 -47.90 -17.27 -11.83
C PHE A 926 -46.92 -17.36 -13.00
N GLU A 927 -47.32 -18.07 -14.06
CA GLU A 927 -46.49 -18.29 -15.24
C GLU A 927 -46.14 -17.00 -15.98
N SER A 928 -46.99 -15.99 -15.83
CA SER A 928 -46.75 -14.71 -16.51
C SER A 928 -45.54 -13.94 -15.96
N LEU A 929 -45.01 -14.38 -14.83
CA LEU A 929 -43.84 -13.73 -14.25
C LEU A 929 -42.55 -14.29 -14.82
N TYR A 930 -42.66 -15.35 -15.61
CA TYR A 930 -41.51 -16.14 -16.02
C TYR A 930 -41.39 -16.28 -17.54
N GLN A 931 -42.44 -16.82 -18.16
CA GLN A 931 -42.42 -17.21 -19.58
C GLN A 931 -41.80 -16.19 -20.53
N ASP A 932 -41.96 -14.91 -20.21
CA ASP A 932 -41.37 -13.86 -21.02
C ASP A 932 -39.85 -13.92 -20.92
N LYS A 933 -39.35 -14.15 -19.70
CA LYS A 933 -37.92 -14.21 -19.47
C LYS A 933 -37.25 -15.52 -19.89
N PHE A 934 -37.80 -16.67 -19.48
CA PHE A 934 -37.17 -17.95 -19.82
C PHE A 934 -38.20 -19.06 -20.03
N PRO A 935 -37.92 -19.99 -20.96
CA PRO A 935 -38.71 -21.21 -21.22
C PRO A 935 -38.62 -22.28 -20.13
N PHE A 936 -37.45 -22.40 -19.49
CA PHE A 936 -37.22 -23.49 -18.55
C PHE A 936 -36.35 -23.10 -17.36
N PHE A 937 -36.55 -23.81 -16.24
CA PHE A 937 -35.75 -23.66 -15.04
C PHE A 937 -34.41 -24.42 -15.19
N ASN A 938 -33.36 -24.00 -14.48
CA ASN A 938 -32.07 -24.67 -14.61
C ASN A 938 -32.09 -26.02 -13.90
N PRO A 939 -31.01 -26.83 -14.04
CA PRO A 939 -31.01 -28.15 -13.39
C PRO A 939 -31.29 -28.11 -11.87
N ILE A 940 -30.71 -27.15 -11.16
CA ILE A 940 -30.95 -27.00 -9.73
C ILE A 940 -32.42 -26.68 -9.44
N GLN A 941 -32.98 -25.75 -10.22
CA GLN A 941 -34.36 -25.32 -10.01
C GLN A 941 -35.39 -26.39 -10.35
N THR A 942 -35.08 -27.22 -11.34
CA THR A 942 -35.99 -28.29 -11.70
C THR A 942 -35.85 -29.43 -10.71
N GLN A 943 -34.62 -29.68 -10.25
CA GLN A 943 -34.38 -30.75 -9.29
C GLN A 943 -35.04 -30.49 -7.95
N VAL A 944 -35.02 -29.23 -7.51
CA VAL A 944 -35.62 -28.91 -6.23
C VAL A 944 -37.09 -28.56 -6.39
N PHE A 945 -37.51 -28.34 -7.64
CA PHE A 945 -38.84 -27.82 -7.94
C PHE A 945 -39.98 -28.59 -7.28
N ASN A 946 -39.99 -29.90 -7.49
CA ASN A 946 -41.03 -30.72 -6.94
C ASN A 946 -41.08 -30.55 -5.42
N THR A 947 -39.93 -30.67 -4.78
CA THR A 947 -39.82 -30.61 -3.33
C THR A 947 -40.29 -29.28 -2.75
N VAL A 948 -39.86 -28.17 -3.36
CA VAL A 948 -40.17 -26.84 -2.84
C VAL A 948 -41.58 -26.36 -3.18
N TYR A 949 -42.04 -26.62 -4.40
CA TYR A 949 -43.34 -26.12 -4.86
C TYR A 949 -44.49 -27.01 -4.38
N ASN A 950 -44.28 -28.33 -4.44
CA ASN A 950 -45.31 -29.31 -4.06
C ASN A 950 -45.47 -29.62 -2.56
N SER A 951 -44.36 -29.74 -1.83
CA SER A 951 -44.47 -30.10 -0.41
C SER A 951 -44.48 -28.90 0.51
N ASP A 952 -44.81 -29.15 1.77
CA ASP A 952 -44.79 -28.09 2.77
C ASP A 952 -43.58 -28.19 3.72
N ASP A 953 -42.77 -29.23 3.55
CA ASP A 953 -41.74 -29.47 4.54
C ASP A 953 -40.54 -28.53 4.34
N ASN A 954 -39.81 -28.27 5.44
CA ASN A 954 -38.63 -27.41 5.43
C ASN A 954 -37.57 -27.89 4.45
N VAL A 955 -36.89 -26.95 3.79
CA VAL A 955 -35.96 -27.31 2.72
C VAL A 955 -34.71 -26.42 2.67
N PHE A 956 -33.56 -27.07 2.46
CA PHE A 956 -32.28 -26.38 2.30
C PHE A 956 -31.69 -26.52 0.91
N VAL A 957 -31.37 -25.40 0.27
CA VAL A 957 -30.72 -25.43 -1.04
C VAL A 957 -29.32 -24.83 -0.99
N GLY A 958 -28.27 -25.65 -1.08
CA GLY A 958 -26.94 -25.13 -1.25
C GLY A 958 -26.63 -25.03 -2.72
N ALA A 959 -25.89 -24.00 -3.12
CA ALA A 959 -25.55 -23.75 -4.53
C ALA A 959 -24.73 -22.47 -4.63
N PRO A 960 -23.77 -22.44 -5.57
CA PRO A 960 -22.96 -21.24 -5.79
C PRO A 960 -23.80 -20.01 -6.09
N THR A 961 -23.32 -18.84 -5.64
CA THR A 961 -24.00 -17.58 -5.87
C THR A 961 -24.13 -17.41 -7.38
N GLY A 962 -25.35 -17.14 -7.82
CA GLY A 962 -25.64 -16.98 -9.24
C GLY A 962 -26.24 -18.24 -9.84
N SER A 963 -26.67 -19.17 -8.98
CA SER A 963 -27.30 -20.38 -9.45
C SER A 963 -28.80 -20.16 -9.52
N GLY A 964 -29.23 -18.97 -9.13
CA GLY A 964 -30.65 -18.68 -9.13
C GLY A 964 -31.32 -19.39 -7.98
N LYS A 965 -30.75 -19.26 -6.79
CA LYS A 965 -31.33 -19.88 -5.62
C LYS A 965 -32.57 -19.12 -5.21
N THR A 966 -32.73 -17.92 -5.77
CA THR A 966 -33.78 -17.01 -5.37
C THR A 966 -35.18 -17.51 -5.74
N ILE A 967 -35.32 -18.06 -6.95
CA ILE A 967 -36.66 -18.41 -7.41
C ILE A 967 -37.12 -19.80 -6.90
N CYS A 968 -36.26 -20.47 -6.12
CA CYS A 968 -36.68 -21.64 -5.35
C CYS A 968 -37.46 -21.14 -4.15
N ALA A 969 -36.88 -20.14 -3.50
CA ALA A 969 -37.60 -19.44 -2.45
C ALA A 969 -38.89 -18.88 -3.03
N GLU A 970 -38.84 -18.41 -4.27
CA GLU A 970 -40.05 -17.97 -4.94
C GLU A 970 -41.06 -19.10 -5.21
N PHE A 971 -40.58 -20.31 -5.49
CA PHE A 971 -41.48 -21.46 -5.63
C PHE A 971 -42.27 -21.60 -4.34
N ALA A 972 -41.51 -21.62 -3.25
CA ALA A 972 -42.12 -21.72 -1.93
C ALA A 972 -43.16 -20.63 -1.68
N ILE A 973 -42.85 -19.40 -2.06
CA ILE A 973 -43.76 -18.28 -1.84
C ILE A 973 -45.06 -18.44 -2.64
N LEU A 974 -44.91 -18.83 -3.90
CA LEU A 974 -46.06 -19.04 -4.75
C LEU A 974 -46.96 -20.14 -4.16
N ARG A 975 -46.36 -21.18 -3.61
CA ARG A 975 -47.16 -22.21 -2.94
C ARG A 975 -47.87 -21.66 -1.71
N MET A 976 -47.20 -20.81 -0.93
CA MET A 976 -47.86 -20.24 0.25
C MET A 976 -49.08 -19.40 -0.12
N LEU A 977 -48.95 -18.61 -1.19
CA LEU A 977 -50.08 -17.83 -1.67
C LEU A 977 -51.16 -18.68 -2.32
N LEU A 978 -50.74 -19.84 -2.81
CA LEU A 978 -51.66 -20.79 -3.42
C LEU A 978 -52.54 -21.43 -2.35
N GLN A 979 -51.92 -21.84 -1.24
CA GLN A 979 -52.63 -22.46 -0.11
C GLN A 979 -53.60 -21.52 0.60
N SER A 980 -53.08 -20.37 1.03
CA SER A 980 -53.90 -19.38 1.72
C SER A 980 -53.57 -18.01 1.18
N SER A 981 -54.61 -17.27 0.78
CA SER A 981 -54.45 -15.96 0.16
C SER A 981 -53.99 -14.89 1.13
N GLU A 982 -54.33 -15.06 2.41
CA GLU A 982 -53.97 -14.11 3.44
C GLU A 982 -52.68 -14.49 4.15
N GLY A 983 -52.03 -15.54 3.64
CA GLY A 983 -50.81 -16.03 4.27
C GLY A 983 -49.73 -15.00 4.47
N ARG A 984 -48.91 -15.23 5.49
CA ARG A 984 -47.86 -14.29 5.85
C ARG A 984 -46.50 -14.96 5.80
N CYS A 985 -45.58 -14.32 5.07
CA CYS A 985 -44.23 -14.85 4.90
C CYS A 985 -43.15 -13.86 5.32
N VAL A 986 -42.18 -14.33 6.10
CA VAL A 986 -41.06 -13.48 6.51
C VAL A 986 -39.77 -13.96 5.87
N TYR A 987 -39.08 -13.04 5.22
CA TYR A 987 -37.84 -13.28 4.48
C TYR A 987 -36.70 -12.46 5.07
N ILE A 988 -35.61 -13.13 5.39
CA ILE A 988 -34.48 -12.51 6.04
C ILE A 988 -33.23 -12.59 5.18
N THR A 989 -32.58 -11.44 4.99
CA THR A 989 -31.25 -11.42 4.36
C THR A 989 -30.31 -10.71 5.31
N PRO A 990 -29.08 -11.23 5.40
CA PRO A 990 -28.07 -10.70 6.31
C PRO A 990 -27.73 -9.25 6.01
N MET A 991 -27.78 -8.88 4.73
CA MET A 991 -27.42 -7.54 4.29
C MET A 991 -28.64 -6.70 3.93
N GLU A 992 -28.61 -5.43 4.33
CA GLU A 992 -29.70 -4.50 4.05
C GLU A 992 -29.82 -4.20 2.56
N ALA A 993 -28.68 -4.13 1.89
CA ALA A 993 -28.64 -3.88 0.46
C ALA A 993 -29.40 -4.96 -0.31
N LEU A 994 -29.05 -6.21 -0.02
CA LEU A 994 -29.74 -7.36 -0.59
C LEU A 994 -31.22 -7.30 -0.28
N ALA A 995 -31.54 -6.87 0.94
CA ALA A 995 -32.93 -6.77 1.35
C ALA A 995 -33.70 -5.82 0.47
N GLU A 996 -33.07 -4.70 0.11
CA GLU A 996 -33.73 -3.70 -0.73
C GLU A 996 -33.83 -4.16 -2.17
N GLN A 997 -32.80 -4.83 -2.68
CA GLN A 997 -32.87 -5.40 -4.02
C GLN A 997 -34.04 -6.41 -4.14
N VAL A 998 -34.08 -7.36 -3.21
CA VAL A 998 -35.17 -8.33 -3.13
C VAL A 998 -36.53 -7.64 -2.96
N TYR A 999 -36.51 -6.52 -2.24
CA TYR A 999 -37.72 -5.74 -2.03
C TYR A 999 -38.25 -5.19 -3.33
N MET A 1000 -37.36 -4.60 -4.14
CA MET A 1000 -37.73 -4.09 -5.45
C MET A 1000 -38.27 -5.22 -6.34
N ASP A 1001 -37.45 -6.26 -6.50
CA ASP A 1001 -37.81 -7.38 -7.35
C ASP A 1001 -39.17 -7.97 -7.01
N TRP A 1002 -39.36 -8.25 -5.73
CA TRP A 1002 -40.57 -8.91 -5.27
C TRP A 1002 -41.77 -7.98 -5.06
N TYR A 1003 -41.50 -6.69 -4.89
CA TYR A 1003 -42.61 -5.73 -4.86
C TYR A 1003 -43.23 -5.73 -6.25
N GLU A 1004 -42.38 -5.70 -7.27
CA GLU A 1004 -42.93 -5.76 -8.62
C GLU A 1004 -43.60 -7.10 -8.88
N LYS A 1005 -42.92 -8.17 -8.49
CA LYS A 1005 -43.36 -9.51 -8.83
C LYS A 1005 -44.58 -9.97 -8.02
N PHE A 1006 -44.82 -9.37 -6.86
CA PHE A 1006 -45.92 -9.85 -6.04
C PHE A 1006 -46.96 -8.74 -5.84
N GLN A 1007 -46.58 -7.64 -5.22
CA GLN A 1007 -47.49 -6.53 -4.97
C GLN A 1007 -48.10 -5.88 -6.22
N ASP A 1008 -47.30 -5.80 -7.29
CA ASP A 1008 -47.78 -5.17 -8.51
C ASP A 1008 -48.60 -6.11 -9.36
N ARG A 1009 -47.97 -7.16 -9.88
CA ARG A 1009 -48.67 -8.06 -10.79
C ARG A 1009 -49.63 -8.97 -10.04
N LEU A 1010 -49.11 -9.81 -9.15
CA LEU A 1010 -49.96 -10.71 -8.37
C LEU A 1010 -50.80 -9.95 -7.33
N ASN A 1011 -50.50 -8.66 -7.15
CA ASN A 1011 -51.29 -7.78 -6.28
C ASN A 1011 -51.44 -8.29 -4.86
N LYS A 1012 -50.32 -8.73 -4.28
CA LYS A 1012 -50.28 -9.06 -2.87
C LYS A 1012 -49.70 -7.82 -2.17
N LYS A 1013 -49.36 -7.93 -0.90
CA LYS A 1013 -48.69 -6.85 -0.19
C LYS A 1013 -47.23 -7.18 0.09
N VAL A 1014 -46.32 -6.31 -0.32
CA VAL A 1014 -44.90 -6.53 -0.07
C VAL A 1014 -44.30 -5.38 0.75
N VAL A 1015 -43.77 -5.71 1.92
CA VAL A 1015 -43.25 -4.69 2.83
C VAL A 1015 -41.78 -4.90 3.19
N LEU A 1016 -41.16 -3.83 3.64
CA LEU A 1016 -39.76 -3.84 4.06
C LEU A 1016 -39.59 -3.26 5.46
N LEU A 1017 -39.10 -4.07 6.39
CA LEU A 1017 -38.95 -3.62 7.77
C LEU A 1017 -37.89 -2.53 7.86
N THR A 1018 -38.13 -1.55 8.72
CA THR A 1018 -37.25 -0.39 8.88
C THR A 1018 -36.63 -0.35 10.27
N GLY A 1019 -35.90 0.73 10.58
CA GLY A 1019 -35.29 0.82 11.90
C GLY A 1019 -36.25 0.92 13.08
N GLU A 1020 -37.34 1.68 12.91
CA GLU A 1020 -38.27 1.96 14.00
C GLU A 1020 -39.26 0.83 14.28
N THR A 1021 -39.63 0.69 15.56
CA THR A 1021 -40.39 -0.46 16.03
C THR A 1021 -41.88 -0.42 15.72
N SER A 1022 -42.51 0.71 15.98
CA SER A 1022 -43.95 0.80 15.86
C SER A 1022 -44.43 0.58 14.42
N THR A 1023 -43.86 1.39 13.52
CA THR A 1023 -44.17 1.31 12.09
C THR A 1023 -43.86 -0.08 11.56
N ASP A 1024 -42.81 -0.69 12.11
CA ASP A 1024 -42.45 -2.06 11.74
C ASP A 1024 -43.47 -3.09 12.16
N LEU A 1025 -44.06 -2.89 13.33
CA LEU A 1025 -45.13 -3.79 13.80
C LEU A 1025 -46.31 -3.68 12.87
N LYS A 1026 -46.60 -2.45 12.49
CA LYS A 1026 -47.67 -2.18 11.52
C LYS A 1026 -47.42 -2.92 10.20
N LEU A 1027 -46.20 -2.80 9.68
CA LEU A 1027 -45.79 -3.46 8.43
C LEU A 1027 -45.91 -4.98 8.56
N LEU A 1028 -45.59 -5.48 9.76
CA LEU A 1028 -45.73 -6.90 10.06
C LEU A 1028 -47.20 -7.32 10.01
N GLY A 1029 -48.08 -6.40 10.40
CA GLY A 1029 -49.51 -6.67 10.33
C GLY A 1029 -50.05 -6.75 8.92
N LYS A 1030 -49.74 -5.74 8.09
CA LYS A 1030 -50.35 -5.69 6.74
C LYS A 1030 -49.67 -6.59 5.72
N GLY A 1031 -48.39 -6.88 5.91
CA GLY A 1031 -47.58 -7.54 4.89
C GLY A 1031 -47.90 -8.99 4.59
N ASN A 1032 -48.07 -9.30 3.31
CA ASN A 1032 -48.11 -10.68 2.87
C ASN A 1032 -46.68 -11.22 2.74
N ILE A 1033 -45.78 -10.40 2.20
CA ILE A 1033 -44.35 -10.75 2.11
C ILE A 1033 -43.57 -9.68 2.86
N ILE A 1034 -42.85 -10.10 3.89
CA ILE A 1034 -42.12 -9.18 4.77
C ILE A 1034 -40.62 -9.35 4.64
N ILE A 1035 -39.95 -8.34 4.10
CA ILE A 1035 -38.51 -8.35 3.93
C ILE A 1035 -37.81 -7.72 5.12
N SER A 1036 -36.79 -8.40 5.66
CA SER A 1036 -36.04 -7.87 6.81
C SER A 1036 -34.61 -8.38 6.93
N THR A 1037 -33.80 -7.58 7.62
CA THR A 1037 -32.46 -7.97 8.05
C THR A 1037 -32.58 -8.59 9.45
N PRO A 1038 -31.60 -9.43 9.85
CA PRO A 1038 -31.69 -10.13 11.12
C PRO A 1038 -31.94 -9.27 12.34
N GLU A 1039 -31.32 -8.10 12.44
CA GLU A 1039 -31.45 -7.26 13.63
C GLU A 1039 -32.90 -6.74 13.80
N LYS A 1040 -33.51 -6.27 12.71
CA LYS A 1040 -34.88 -5.78 12.78
C LYS A 1040 -35.85 -6.88 13.26
N TRP A 1041 -35.73 -8.04 12.64
CA TRP A 1041 -36.57 -9.17 12.97
C TRP A 1041 -36.27 -9.70 14.36
N ASP A 1042 -35.07 -9.44 14.83
CA ASP A 1042 -34.69 -9.85 16.16
C ASP A 1042 -35.39 -8.98 17.19
N ILE A 1043 -35.23 -7.66 17.08
CA ILE A 1043 -35.86 -6.75 18.05
C ILE A 1043 -37.39 -6.86 17.95
N LEU A 1044 -37.88 -7.35 16.81
CA LEU A 1044 -39.30 -7.62 16.69
C LEU A 1044 -39.72 -8.90 17.42
N SER A 1045 -39.14 -10.02 17.01
CA SER A 1045 -39.61 -11.31 17.47
C SER A 1045 -39.08 -11.69 18.87
N ARG A 1046 -38.27 -10.84 19.49
CA ARG A 1046 -37.90 -11.08 20.88
C ARG A 1046 -39.12 -11.09 21.82
N ARG A 1047 -40.12 -10.27 21.48
CA ARG A 1047 -41.30 -10.09 22.31
C ARG A 1047 -42.37 -11.08 21.85
N TRP A 1048 -41.97 -12.02 21.00
CA TRP A 1048 -42.88 -12.91 20.26
C TRP A 1048 -44.02 -13.55 21.05
N LYS A 1049 -43.81 -13.83 22.33
CA LYS A 1049 -44.89 -14.30 23.18
C LYS A 1049 -46.06 -13.31 23.22
N GLN A 1050 -45.71 -12.03 23.22
CA GLN A 1050 -46.65 -10.90 23.32
C GLN A 1050 -47.11 -10.37 21.95
N ARG A 1051 -46.48 -10.84 20.88
CA ARG A 1051 -46.82 -10.37 19.53
C ARG A 1051 -47.28 -11.56 18.67
N LYS A 1052 -48.56 -11.55 18.32
CA LYS A 1052 -49.18 -12.67 17.63
C LYS A 1052 -48.74 -12.81 16.18
N ASN A 1053 -48.56 -11.69 15.49
CA ASN A 1053 -48.18 -11.70 14.09
C ASN A 1053 -46.83 -12.39 13.85
N VAL A 1054 -45.97 -12.33 14.87
CA VAL A 1054 -44.70 -13.05 14.86
C VAL A 1054 -44.90 -14.54 15.03
N GLN A 1055 -45.84 -14.86 15.91
CA GLN A 1055 -46.15 -16.25 16.24
C GLN A 1055 -46.72 -16.93 15.00
N ASN A 1056 -47.59 -16.23 14.29
CA ASN A 1056 -48.12 -16.80 13.07
C ASN A 1056 -47.54 -16.28 11.78
N ILE A 1057 -46.71 -17.12 11.15
CA ILE A 1057 -46.27 -16.93 9.77
C ILE A 1057 -46.21 -18.31 9.11
N ASN A 1058 -46.80 -18.42 7.93
CA ASN A 1058 -46.85 -19.71 7.26
C ASN A 1058 -45.49 -20.12 6.70
N LEU A 1059 -44.69 -19.13 6.33
CA LEU A 1059 -43.39 -19.35 5.69
C LEU A 1059 -42.30 -18.42 6.21
N PHE A 1060 -41.16 -19.04 6.55
CA PHE A 1060 -39.95 -18.35 6.94
C PHE A 1060 -38.79 -18.68 6.02
N VAL A 1061 -38.35 -17.70 5.24
CA VAL A 1061 -37.23 -17.90 4.31
C VAL A 1061 -35.97 -17.17 4.77
N VAL A 1062 -34.85 -17.89 4.84
CA VAL A 1062 -33.56 -17.30 5.15
C VAL A 1062 -32.63 -17.46 3.97
N ASP A 1063 -32.09 -16.33 3.50
CA ASP A 1063 -31.19 -16.38 2.36
C ASP A 1063 -29.75 -16.17 2.83
N GLU A 1064 -28.81 -16.82 2.13
CA GLU A 1064 -27.40 -16.69 2.46
C GLU A 1064 -27.18 -17.08 3.93
N VAL A 1065 -27.66 -18.26 4.29
CA VAL A 1065 -27.60 -18.68 5.67
C VAL A 1065 -26.16 -19.04 6.07
N HIS A 1066 -25.29 -19.20 5.09
CA HIS A 1066 -23.88 -19.47 5.38
C HIS A 1066 -23.24 -18.24 6.04
N LEU A 1067 -23.88 -17.09 5.90
CA LEU A 1067 -23.45 -15.86 6.57
C LEU A 1067 -23.56 -15.99 8.09
N ILE A 1068 -24.13 -17.09 8.54
CA ILE A 1068 -24.15 -17.43 9.95
C ILE A 1068 -22.72 -17.59 10.47
N GLY A 1069 -21.80 -17.88 9.56
CA GLY A 1069 -20.41 -18.09 9.90
C GLY A 1069 -19.63 -16.81 9.89
N GLY A 1070 -20.28 -15.73 9.48
CA GLY A 1070 -19.61 -14.45 9.38
C GLY A 1070 -19.96 -13.52 10.51
N GLU A 1071 -19.48 -12.29 10.41
CA GLU A 1071 -19.80 -11.26 11.37
C GLU A 1071 -21.30 -11.07 11.42
N ASN A 1072 -21.80 -10.80 12.63
CA ASN A 1072 -23.23 -10.63 12.85
C ASN A 1072 -24.02 -11.93 12.63
N GLY A 1073 -23.33 -13.00 12.22
CA GLY A 1073 -23.90 -14.33 12.09
C GLY A 1073 -24.66 -14.82 13.31
N PRO A 1074 -24.13 -14.58 14.53
CA PRO A 1074 -24.92 -14.98 15.69
C PRO A 1074 -26.39 -14.51 15.65
N VAL A 1075 -26.68 -13.29 15.22
CA VAL A 1075 -28.08 -12.84 15.19
C VAL A 1075 -28.91 -13.69 14.22
N LEU A 1076 -28.35 -13.99 13.06
CA LEU A 1076 -29.01 -14.86 12.11
C LEU A 1076 -29.35 -16.19 12.77
N GLU A 1077 -28.34 -16.80 13.38
CA GLU A 1077 -28.52 -18.06 14.09
C GLU A 1077 -29.61 -17.98 15.16
N VAL A 1078 -29.58 -16.91 15.96
CA VAL A 1078 -30.52 -16.73 17.07
C VAL A 1078 -31.94 -16.64 16.57
N ILE A 1079 -32.19 -15.79 15.58
CA ILE A 1079 -33.56 -15.64 15.10
C ILE A 1079 -34.04 -16.91 14.39
N CYS A 1080 -33.16 -17.60 13.67
CA CYS A 1080 -33.56 -18.86 13.05
C CYS A 1080 -33.93 -19.90 14.10
N SER A 1081 -33.07 -20.08 15.10
CA SER A 1081 -33.34 -21.02 16.19
C SER A 1081 -34.63 -20.65 16.94
N ARG A 1082 -34.86 -19.37 17.17
CA ARG A 1082 -36.09 -18.91 17.81
C ARG A 1082 -37.31 -19.26 16.95
N MET A 1083 -37.20 -19.14 15.62
CA MET A 1083 -38.31 -19.52 14.75
C MET A 1083 -38.58 -21.02 14.84
N ARG A 1084 -37.53 -21.83 14.95
CA ARG A 1084 -37.69 -23.28 15.15
C ARG A 1084 -38.36 -23.61 16.49
N TYR A 1085 -37.91 -22.95 17.55
CA TYR A 1085 -38.47 -23.09 18.89
C TYR A 1085 -39.97 -22.76 18.90
N ILE A 1086 -40.30 -21.61 18.31
CA ILE A 1086 -41.70 -21.16 18.14
C ILE A 1086 -42.53 -22.20 17.39
N SER A 1087 -41.98 -22.74 16.31
CA SER A 1087 -42.67 -23.72 15.49
C SER A 1087 -43.15 -24.94 16.29
N SER A 1088 -42.37 -25.38 17.28
CA SER A 1088 -42.73 -26.53 18.12
C SER A 1088 -43.81 -26.25 19.17
N GLN A 1089 -43.99 -24.99 19.58
CA GLN A 1089 -44.96 -24.68 20.63
C GLN A 1089 -46.41 -24.66 20.11
N ILE A 1090 -46.61 -24.24 18.86
CA ILE A 1090 -47.97 -24.09 18.32
C ILE A 1090 -48.47 -25.34 17.57
N GLU A 1091 -47.58 -26.33 17.36
CA GLU A 1091 -47.91 -27.57 16.61
C GLU A 1091 -48.64 -27.21 15.31
N ARG A 1092 -48.34 -26.00 14.83
CA ARG A 1092 -48.53 -25.60 13.45
C ARG A 1092 -47.18 -25.27 12.84
N PRO A 1093 -46.68 -26.15 11.96
CA PRO A 1093 -45.32 -25.99 11.44
C PRO A 1093 -45.11 -24.66 10.74
N ILE A 1094 -44.05 -23.94 11.11
CA ILE A 1094 -43.67 -22.77 10.35
C ILE A 1094 -42.69 -23.30 9.33
N ARG A 1095 -43.08 -23.30 8.06
CA ARG A 1095 -42.21 -23.82 7.02
C ARG A 1095 -40.94 -22.99 7.01
N ILE A 1096 -39.80 -23.64 6.79
CA ILE A 1096 -38.54 -22.94 6.78
C ILE A 1096 -37.76 -23.31 5.53
N VAL A 1097 -37.51 -22.30 4.71
CA VAL A 1097 -36.74 -22.44 3.49
C VAL A 1097 -35.40 -21.74 3.64
N ALA A 1098 -34.32 -22.51 3.63
CA ALA A 1098 -32.99 -21.96 3.78
C ALA A 1098 -32.18 -22.06 2.50
N LEU A 1099 -31.64 -20.93 2.04
CA LEU A 1099 -30.78 -20.90 0.86
C LEU A 1099 -29.33 -20.64 1.27
N SER A 1100 -28.38 -21.29 0.62
CA SER A 1100 -26.99 -21.15 1.01
C SER A 1100 -26.02 -21.43 -0.13
N SER A 1101 -24.79 -20.96 0.04
CA SER A 1101 -23.68 -21.36 -0.81
C SER A 1101 -23.36 -22.81 -0.53
N SER A 1102 -22.64 -23.45 -1.45
CA SER A 1102 -22.30 -24.84 -1.24
C SER A 1102 -21.60 -25.00 0.12
N LEU A 1103 -22.14 -25.87 0.95
CA LEU A 1103 -21.58 -26.09 2.27
C LEU A 1103 -20.86 -27.42 2.26
N SER A 1104 -19.68 -27.47 2.88
CA SER A 1104 -19.00 -28.73 3.08
C SER A 1104 -19.89 -29.58 4.01
N ASN A 1105 -20.42 -28.97 5.06
CA ASN A 1105 -21.43 -29.67 5.87
C ASN A 1105 -22.79 -28.99 5.72
N ALA A 1106 -23.65 -29.62 4.93
CA ALA A 1106 -25.07 -29.22 4.82
C ALA A 1106 -25.83 -29.90 5.92
N LYS A 1107 -25.37 -31.10 6.24
CA LYS A 1107 -26.07 -32.00 7.12
C LYS A 1107 -26.37 -31.31 8.45
N ASP A 1108 -25.37 -30.63 9.00
CA ASP A 1108 -25.53 -29.93 10.28
C ASP A 1108 -26.61 -28.84 10.28
N VAL A 1109 -26.60 -28.00 9.25
CA VAL A 1109 -27.59 -26.93 9.12
C VAL A 1109 -28.98 -27.55 8.90
N ALA A 1110 -29.02 -28.65 8.15
CA ALA A 1110 -30.25 -29.34 7.85
C ALA A 1110 -30.88 -29.89 9.11
N HIS A 1111 -30.12 -30.64 9.90
CA HIS A 1111 -30.62 -31.16 11.18
C HIS A 1111 -31.06 -30.01 12.08
N TRP A 1112 -30.31 -28.93 12.03
CA TRP A 1112 -30.65 -27.76 12.83
C TRP A 1112 -32.00 -27.13 12.49
N LEU A 1113 -32.28 -27.02 11.20
CA LEU A 1113 -33.52 -26.39 10.72
C LEU A 1113 -34.66 -27.35 10.38
N GLY A 1114 -34.44 -28.64 10.53
CA GLY A 1114 -35.52 -29.60 10.37
C GLY A 1114 -35.70 -30.11 8.96
N CYS A 1115 -34.62 -30.06 8.19
CA CYS A 1115 -34.66 -30.57 6.84
C CYS A 1115 -34.30 -32.06 6.81
N SER A 1116 -35.08 -32.84 6.09
CA SER A 1116 -34.79 -34.25 5.87
C SER A 1116 -33.64 -34.39 4.89
N ALA A 1117 -33.01 -35.56 4.89
CA ALA A 1117 -31.89 -35.79 4.00
C ALA A 1117 -32.27 -35.62 2.54
N THR A 1118 -33.51 -35.96 2.19
CA THR A 1118 -33.99 -35.81 0.81
C THR A 1118 -34.41 -34.40 0.45
N SER A 1119 -34.84 -33.62 1.44
CA SER A 1119 -35.28 -32.24 1.22
C SER A 1119 -34.10 -31.27 1.34
N THR A 1120 -32.92 -31.82 1.55
CA THR A 1120 -31.72 -31.01 1.64
C THR A 1120 -30.98 -31.16 0.29
N PHE A 1121 -30.86 -30.06 -0.45
CA PHE A 1121 -30.10 -30.10 -1.69
C PHE A 1121 -28.87 -29.23 -1.57
N ASN A 1122 -27.73 -29.90 -1.46
CA ASN A 1122 -26.44 -29.24 -1.37
C ASN A 1122 -25.55 -29.63 -2.52
N PHE A 1123 -25.29 -28.67 -3.39
CA PHE A 1123 -24.60 -28.93 -4.65
C PHE A 1123 -23.14 -28.46 -4.70
N HIS A 1124 -22.28 -29.25 -5.30
CA HIS A 1124 -20.88 -28.87 -5.47
C HIS A 1124 -20.73 -27.62 -6.36
N PRO A 1125 -19.72 -26.77 -6.06
CA PRO A 1125 -19.47 -25.54 -6.83
C PRO A 1125 -19.31 -25.70 -8.35
N ASN A 1126 -19.03 -26.92 -8.82
CA ASN A 1126 -18.82 -27.17 -10.25
C ASN A 1126 -20.13 -27.44 -11.00
N VAL A 1127 -21.25 -27.49 -10.28
CA VAL A 1127 -22.55 -27.68 -10.92
C VAL A 1127 -23.23 -26.36 -11.21
N ARG A 1128 -22.53 -25.26 -10.90
CA ARG A 1128 -23.02 -23.91 -11.16
C ARG A 1128 -23.48 -23.75 -12.60
N PRO A 1129 -24.73 -23.29 -12.80
CA PRO A 1129 -25.37 -23.23 -14.12
C PRO A 1129 -24.47 -22.60 -15.19
N VAL A 1130 -23.79 -21.52 -14.84
CA VAL A 1130 -22.76 -20.99 -15.72
C VAL A 1130 -21.39 -21.40 -15.23
N PRO A 1131 -20.74 -22.33 -15.96
CA PRO A 1131 -19.44 -22.87 -15.57
C PRO A 1131 -18.38 -21.78 -15.35
N LEU A 1132 -17.71 -21.85 -14.22
CA LEU A 1132 -16.72 -20.85 -13.84
C LEU A 1132 -15.31 -21.22 -14.24
N GLU A 1133 -14.62 -20.28 -14.85
CA GLU A 1133 -13.20 -20.43 -15.11
C GLU A 1133 -12.51 -19.53 -14.10
N LEU A 1134 -11.87 -20.13 -13.11
CA LEU A 1134 -11.29 -19.35 -12.04
C LEU A 1134 -9.78 -19.28 -12.21
N HIS A 1135 -9.25 -18.07 -12.20
CA HIS A 1135 -7.81 -17.87 -12.30
C HIS A 1135 -7.32 -17.07 -11.11
N ILE A 1136 -6.30 -17.58 -10.43
CA ILE A 1136 -5.80 -16.91 -9.26
C ILE A 1136 -4.35 -16.50 -9.47
N GLN A 1137 -4.11 -15.20 -9.32
CA GLN A 1137 -2.81 -14.62 -9.64
C GLN A 1137 -2.15 -14.11 -8.37
N GLY A 1138 -1.08 -14.78 -7.96
CA GLY A 1138 -0.37 -14.37 -6.77
C GLY A 1138 0.60 -13.26 -7.07
N PHE A 1139 0.77 -12.35 -6.11
CA PHE A 1139 1.78 -11.31 -6.21
C PHE A 1139 2.55 -11.36 -4.91
N ASN A 1140 3.87 -11.51 -4.98
CA ASN A 1140 4.61 -11.42 -3.74
C ASN A 1140 5.07 -10.00 -3.55
N ILE A 1141 4.31 -9.30 -2.72
CA ILE A 1141 4.62 -7.98 -2.25
C ILE A 1141 4.00 -7.88 -0.87
N SER A 1142 4.76 -7.41 0.11
CA SER A 1142 4.20 -7.34 1.43
C SER A 1142 3.61 -6.00 1.76
N HIS A 1143 3.85 -5.03 0.88
CA HIS A 1143 3.38 -3.68 1.16
C HIS A 1143 2.21 -3.42 0.22
N THR A 1144 1.03 -3.30 0.83
CA THR A 1144 -0.22 -3.29 0.11
C THR A 1144 -0.34 -2.24 -0.99
N GLN A 1145 0.07 -1.00 -0.70
CA GLN A 1145 0.00 0.06 -1.71
C GLN A 1145 0.77 -0.33 -2.94
N THR A 1146 1.95 -0.84 -2.68
CA THR A 1146 2.83 -1.30 -3.72
C THR A 1146 2.17 -2.44 -4.50
N ARG A 1147 1.57 -3.40 -3.79
CA ARG A 1147 0.86 -4.49 -4.44
C ARG A 1147 -0.24 -4.02 -5.39
N LEU A 1148 -1.10 -3.13 -4.92
CA LEU A 1148 -2.17 -2.56 -5.72
C LEU A 1148 -1.63 -1.92 -7.00
N LEU A 1149 -0.57 -1.14 -6.82
CA LEU A 1149 0.02 -0.44 -7.94
C LEU A 1149 0.64 -1.42 -8.90
N SER A 1150 1.15 -2.53 -8.37
CA SER A 1150 1.76 -3.54 -9.23
C SER A 1150 0.69 -4.38 -9.88
N MET A 1151 -0.53 -4.26 -9.37
CA MET A 1151 -1.71 -4.92 -9.91
C MET A 1151 -2.42 -4.14 -11.02
N ALA A 1152 -2.03 -2.88 -11.18
CA ALA A 1152 -2.75 -1.99 -12.10
C ALA A 1152 -2.71 -2.52 -13.54
N LYS A 1153 -1.53 -2.75 -14.08
CA LYS A 1153 -1.39 -3.30 -15.44
C LYS A 1153 -1.92 -4.73 -15.62
N PRO A 1154 -1.68 -5.63 -14.65
CA PRO A 1154 -2.25 -6.98 -14.78
C PRO A 1154 -3.77 -6.99 -14.90
N VAL A 1155 -4.43 -5.97 -14.35
CA VAL A 1155 -5.87 -5.83 -14.47
C VAL A 1155 -6.30 -5.61 -15.90
N TYR A 1156 -5.64 -4.66 -16.55
CA TYR A 1156 -5.92 -4.35 -17.93
C TYR A 1156 -5.66 -5.56 -18.80
N HIS A 1157 -4.54 -6.23 -18.54
CA HIS A 1157 -4.19 -7.43 -19.28
C HIS A 1157 -5.27 -8.51 -19.08
N ALA A 1158 -5.84 -8.56 -17.87
CA ALA A 1158 -6.91 -9.52 -17.59
C ALA A 1158 -8.17 -9.19 -18.41
N ILE A 1159 -8.52 -7.90 -18.48
CA ILE A 1159 -9.68 -7.51 -19.29
C ILE A 1159 -9.50 -7.88 -20.76
N THR A 1160 -8.37 -7.47 -21.33
CA THR A 1160 -8.12 -7.68 -22.76
C THR A 1160 -7.89 -9.14 -23.12
N LYS A 1161 -7.47 -9.95 -22.15
CA LYS A 1161 -7.28 -11.36 -22.45
C LYS A 1161 -8.62 -12.09 -22.29
N HIS A 1162 -9.16 -12.11 -21.07
CA HIS A 1162 -10.29 -12.97 -20.77
C HIS A 1162 -11.67 -12.42 -21.19
N SER A 1163 -11.85 -11.11 -21.21
CA SER A 1163 -13.12 -10.55 -21.63
C SER A 1163 -12.98 -9.26 -22.45
N PRO A 1164 -12.39 -9.35 -23.65
CA PRO A 1164 -12.11 -8.16 -24.47
C PRO A 1164 -13.36 -7.38 -24.91
N LYS A 1165 -14.37 -8.06 -25.47
CA LYS A 1165 -15.58 -7.35 -25.87
C LYS A 1165 -16.73 -7.42 -24.85
N LYS A 1166 -16.66 -8.33 -23.88
CA LYS A 1166 -17.76 -8.57 -22.94
C LYS A 1166 -17.66 -7.82 -21.58
N PRO A 1167 -18.80 -7.60 -20.88
CA PRO A 1167 -18.80 -6.84 -19.63
C PRO A 1167 -17.78 -7.30 -18.57
N VAL A 1168 -17.27 -6.33 -17.82
CA VAL A 1168 -16.28 -6.59 -16.81
C VAL A 1168 -16.56 -5.79 -15.55
N ILE A 1169 -16.60 -6.46 -14.40
CA ILE A 1169 -16.68 -5.82 -13.10
C ILE A 1169 -15.33 -5.97 -12.41
N VAL A 1170 -14.78 -4.89 -11.88
CA VAL A 1170 -13.55 -4.94 -11.13
C VAL A 1170 -13.74 -4.43 -9.71
N PHE A 1171 -13.59 -5.32 -8.74
CA PHE A 1171 -13.71 -4.98 -7.33
C PHE A 1171 -12.37 -4.53 -6.75
N VAL A 1172 -12.36 -3.38 -6.07
CA VAL A 1172 -11.15 -2.84 -5.45
C VAL A 1172 -11.42 -2.54 -3.98
N PRO A 1173 -10.35 -2.51 -3.13
CA PRO A 1173 -10.47 -2.33 -1.69
C PRO A 1173 -11.24 -1.10 -1.22
N SER A 1174 -10.99 0.05 -1.83
CA SER A 1174 -11.55 1.28 -1.28
C SER A 1174 -12.20 2.19 -2.33
N ARG A 1175 -12.91 3.22 -1.83
CA ARG A 1175 -13.58 4.23 -2.67
C ARG A 1175 -12.59 4.84 -3.65
N LYS A 1176 -11.48 5.32 -3.13
CA LYS A 1176 -10.50 6.01 -3.94
C LYS A 1176 -9.93 5.08 -5.01
N GLN A 1177 -9.79 3.81 -4.67
CA GLN A 1177 -9.22 2.87 -5.63
C GLN A 1177 -10.17 2.64 -6.81
N THR A 1178 -11.46 2.90 -6.63
CA THR A 1178 -12.40 2.83 -7.75
C THR A 1178 -12.02 3.85 -8.83
N ARG A 1179 -11.94 5.13 -8.46
CA ARG A 1179 -11.56 6.17 -9.41
C ARG A 1179 -10.17 5.86 -10.00
N LEU A 1180 -9.18 5.53 -9.16
CA LEU A 1180 -7.85 5.29 -9.72
C LEU A 1180 -7.78 4.14 -10.71
N THR A 1181 -8.39 3.01 -10.39
CA THR A 1181 -8.36 1.88 -11.31
C THR A 1181 -9.13 2.24 -12.59
N ALA A 1182 -10.26 2.92 -12.44
CA ALA A 1182 -11.00 3.35 -13.63
C ALA A 1182 -10.10 4.19 -14.55
N ILE A 1183 -9.40 5.15 -13.98
CA ILE A 1183 -8.49 6.01 -14.72
C ILE A 1183 -7.33 5.20 -15.37
N ASP A 1184 -6.78 4.23 -14.66
CA ASP A 1184 -5.71 3.38 -15.23
C ASP A 1184 -6.19 2.63 -16.43
N ILE A 1185 -7.33 1.95 -16.26
CA ILE A 1185 -7.97 1.23 -17.35
C ILE A 1185 -8.20 2.14 -18.55
N LEU A 1186 -8.74 3.32 -18.28
CA LEU A 1186 -8.98 4.32 -19.31
C LEU A 1186 -7.73 4.65 -20.11
N THR A 1187 -6.77 5.23 -19.40
CA THR A 1187 -5.57 5.72 -20.02
C THR A 1187 -4.75 4.62 -20.70
N THR A 1188 -4.72 3.43 -20.12
CA THR A 1188 -4.04 2.30 -20.74
C THR A 1188 -4.69 1.92 -22.05
N CYS A 1189 -6.01 1.84 -22.02
CA CYS A 1189 -6.79 1.54 -23.20
C CYS A 1189 -6.42 2.52 -24.30
N ALA A 1190 -6.57 3.80 -23.98
CA ALA A 1190 -6.27 4.86 -24.92
C ALA A 1190 -4.82 4.83 -25.40
N ALA A 1191 -3.92 4.28 -24.58
CA ALA A 1191 -2.52 4.18 -24.94
C ALA A 1191 -2.26 2.94 -25.78
N ASP A 1192 -3.30 2.12 -25.96
CA ASP A 1192 -3.21 1.02 -26.92
C ASP A 1192 -3.66 1.51 -28.31
N ILE A 1193 -3.88 2.82 -28.41
CA ILE A 1193 -4.46 3.50 -29.59
C ILE A 1193 -5.87 2.94 -29.80
N GLN A 1194 -6.46 2.43 -28.72
CA GLN A 1194 -7.87 2.10 -28.75
C GLN A 1194 -8.57 2.86 -27.65
N ARG A 1195 -9.37 3.84 -28.04
CA ARG A 1195 -10.07 4.69 -27.09
C ARG A 1195 -11.54 4.46 -27.38
N GLN A 1196 -12.34 4.43 -26.31
CA GLN A 1196 -13.77 4.13 -26.40
C GLN A 1196 -13.96 2.66 -26.75
N ARG A 1197 -12.85 1.91 -26.86
CA ARG A 1197 -12.90 0.46 -27.04
C ARG A 1197 -13.81 -0.19 -25.99
N PHE A 1198 -13.90 0.46 -24.83
CA PHE A 1198 -14.82 0.05 -23.78
C PHE A 1198 -16.17 0.75 -23.89
N LEU A 1199 -16.30 1.67 -24.84
CA LEU A 1199 -17.58 2.35 -25.08
C LEU A 1199 -18.28 1.80 -26.31
N HIS A 1200 -19.38 1.11 -26.07
CA HIS A 1200 -20.12 0.40 -27.12
C HIS A 1200 -21.30 1.18 -27.70
N CYS A 1201 -21.43 2.44 -27.27
CA CYS A 1201 -22.37 3.36 -27.89
C CYS A 1201 -21.57 4.54 -28.42
N THR A 1202 -22.23 5.55 -28.95
CA THR A 1202 -21.50 6.74 -29.37
C THR A 1202 -21.59 7.79 -28.27
N GLU A 1203 -20.51 8.56 -28.09
CA GLU A 1203 -20.45 9.61 -27.06
C GLU A 1203 -21.66 10.54 -27.13
N LYS A 1204 -22.09 10.83 -28.35
CA LYS A 1204 -23.24 11.69 -28.57
C LYS A 1204 -24.50 11.22 -27.84
N ASP A 1205 -24.73 9.92 -27.82
CA ASP A 1205 -25.87 9.34 -27.12
C ASP A 1205 -25.84 9.51 -25.60
N LEU A 1206 -24.66 9.56 -25.01
CA LEU A 1206 -24.54 9.59 -23.56
C LEU A 1206 -24.80 10.98 -22.98
N ILE A 1207 -24.46 12.03 -23.73
CA ILE A 1207 -24.53 13.41 -23.25
C ILE A 1207 -25.85 13.76 -22.52
N PRO A 1208 -27.01 13.42 -23.09
CA PRO A 1208 -28.25 13.77 -22.39
C PRO A 1208 -28.38 13.15 -20.98
N TYR A 1209 -27.86 11.94 -20.77
CA TYR A 1209 -27.89 11.33 -19.44
C TYR A 1209 -26.86 11.95 -18.51
N LEU A 1210 -25.68 12.16 -19.07
CA LEU A 1210 -24.54 12.70 -18.35
C LEU A 1210 -24.78 14.15 -17.92
N GLU A 1211 -25.75 14.80 -18.53
CA GLU A 1211 -26.10 16.15 -18.09
C GLU A 1211 -26.63 16.16 -16.67
N LYS A 1212 -27.14 15.02 -16.22
CA LYS A 1212 -27.70 14.91 -14.88
C LYS A 1212 -26.66 14.64 -13.79
N LEU A 1213 -25.40 14.47 -14.19
CA LEU A 1213 -24.34 14.13 -13.25
C LEU A 1213 -23.65 15.36 -12.68
N SER A 1214 -23.40 15.31 -11.37
CA SER A 1214 -22.63 16.33 -10.68
C SER A 1214 -21.13 16.04 -10.83
N ASP A 1215 -20.77 14.76 -10.82
CA ASP A 1215 -19.37 14.35 -10.76
C ASP A 1215 -18.70 14.47 -12.11
N SER A 1216 -17.62 15.25 -12.16
CA SER A 1216 -16.89 15.51 -13.39
C SER A 1216 -16.13 14.31 -13.92
N THR A 1217 -15.35 13.72 -13.01
CA THR A 1217 -14.52 12.57 -13.33
C THR A 1217 -15.33 11.37 -13.78
N LEU A 1218 -16.49 11.19 -13.14
CA LEU A 1218 -17.39 10.10 -13.50
C LEU A 1218 -17.90 10.35 -14.91
N LYS A 1219 -18.22 11.60 -15.23
CA LYS A 1219 -18.58 11.93 -16.60
C LYS A 1219 -17.47 11.52 -17.55
N GLU A 1220 -16.24 11.96 -17.31
CA GLU A 1220 -15.15 11.66 -18.26
C GLU A 1220 -14.91 10.16 -18.46
N THR A 1221 -14.93 9.41 -17.37
CA THR A 1221 -14.70 7.98 -17.49
C THR A 1221 -15.90 7.31 -18.17
N LEU A 1222 -17.11 7.72 -17.84
CA LEU A 1222 -18.25 7.12 -18.51
C LEU A 1222 -18.17 7.42 -20.00
N LEU A 1223 -17.68 8.61 -20.32
CA LEU A 1223 -17.49 9.01 -21.70
C LEU A 1223 -16.50 8.10 -22.39
N ASN A 1224 -15.58 7.51 -21.63
CA ASN A 1224 -14.63 6.60 -22.27
C ASN A 1224 -15.05 5.13 -22.15
N GLY A 1225 -16.22 4.90 -21.57
CA GLY A 1225 -16.76 3.55 -21.54
C GLY A 1225 -16.44 2.78 -20.28
N VAL A 1226 -16.03 3.50 -19.25
CA VAL A 1226 -15.74 2.89 -17.95
C VAL A 1226 -16.39 3.64 -16.79
N GLY A 1227 -17.29 2.98 -16.07
CA GLY A 1227 -17.89 3.61 -14.91
C GLY A 1227 -17.31 3.07 -13.62
N TYR A 1228 -17.63 3.71 -12.49
CA TYR A 1228 -17.23 3.15 -11.21
C TYR A 1228 -18.27 3.38 -10.10
N LEU A 1229 -18.23 2.55 -9.05
CA LEU A 1229 -19.23 2.62 -7.98
C LEU A 1229 -18.65 2.63 -6.56
N HIS A 1230 -18.91 3.73 -5.84
CA HIS A 1230 -18.62 3.83 -4.41
C HIS A 1230 -19.71 4.60 -3.63
N GLU A 1231 -19.69 4.51 -2.30
CA GLU A 1231 -20.75 5.09 -1.47
C GLU A 1231 -20.88 6.60 -1.54
N GLY A 1232 -19.88 7.30 -2.06
CA GLY A 1232 -19.94 8.74 -2.10
C GLY A 1232 -20.87 9.24 -3.19
N LEU A 1233 -21.15 8.37 -4.16
CA LEU A 1233 -22.02 8.73 -5.25
C LEU A 1233 -23.48 8.70 -4.80
N SER A 1234 -24.30 9.54 -5.41
CA SER A 1234 -25.73 9.57 -5.12
C SER A 1234 -26.39 8.32 -5.70
N PRO A 1235 -27.54 7.91 -5.13
CA PRO A 1235 -28.31 6.76 -5.64
C PRO A 1235 -28.66 6.95 -7.11
N MET A 1236 -28.94 8.20 -7.50
CA MET A 1236 -29.24 8.52 -8.89
C MET A 1236 -28.04 8.18 -9.75
N GLU A 1237 -26.86 8.61 -9.31
CA GLU A 1237 -25.61 8.37 -10.03
C GLU A 1237 -25.29 6.88 -10.14
N ARG A 1238 -25.48 6.15 -9.05
CA ARG A 1238 -25.23 4.72 -9.03
C ARG A 1238 -26.16 3.99 -9.96
N ARG A 1239 -27.43 4.35 -9.90
CA ARG A 1239 -28.46 3.76 -10.75
C ARG A 1239 -28.21 4.06 -12.21
N LEU A 1240 -27.62 5.22 -12.46
CA LEU A 1240 -27.29 5.61 -13.81
C LEU A 1240 -26.20 4.71 -14.36
N VAL A 1241 -25.12 4.57 -13.57
CA VAL A 1241 -23.99 3.72 -13.94
C VAL A 1241 -24.38 2.25 -14.12
N GLU A 1242 -25.21 1.75 -13.21
CA GLU A 1242 -25.70 0.39 -13.31
C GLU A 1242 -26.57 0.16 -14.56
N GLN A 1243 -27.41 1.14 -14.89
CA GLN A 1243 -28.29 1.03 -16.04
C GLN A 1243 -27.47 1.01 -17.33
N LEU A 1244 -26.52 1.94 -17.42
CA LEU A 1244 -25.62 1.98 -18.58
C LEU A 1244 -24.81 0.70 -18.72
N PHE A 1245 -24.29 0.18 -17.60
CA PHE A 1245 -23.50 -1.06 -17.65
C PHE A 1245 -24.33 -2.28 -18.05
N SER A 1246 -25.55 -2.35 -17.55
CA SER A 1246 -26.40 -3.48 -17.89
C SER A 1246 -26.77 -3.41 -19.36
N SER A 1247 -27.03 -2.19 -19.86
CA SER A 1247 -27.43 -1.99 -21.24
C SER A 1247 -26.33 -2.32 -22.23
N GLY A 1248 -25.09 -2.39 -21.74
CA GLY A 1248 -23.96 -2.70 -22.58
C GLY A 1248 -23.27 -1.50 -23.16
N ALA A 1249 -23.74 -0.32 -22.82
CA ALA A 1249 -23.15 0.93 -23.30
C ALA A 1249 -21.71 1.04 -22.86
N ILE A 1250 -21.48 0.81 -21.57
CA ILE A 1250 -20.14 0.75 -21.02
C ILE A 1250 -19.80 -0.68 -20.66
N GLN A 1251 -18.61 -1.10 -21.07
CA GLN A 1251 -18.16 -2.47 -20.92
C GLN A 1251 -17.57 -2.77 -19.53
N VAL A 1252 -17.11 -1.73 -18.83
CA VAL A 1252 -16.37 -1.91 -17.58
C VAL A 1252 -16.86 -1.06 -16.40
N VAL A 1253 -17.05 -1.68 -15.23
CA VAL A 1253 -17.36 -0.92 -14.02
C VAL A 1253 -16.42 -1.33 -12.89
N VAL A 1254 -15.91 -0.35 -12.16
CA VAL A 1254 -15.01 -0.63 -11.06
C VAL A 1254 -15.67 -0.26 -9.74
N ALA A 1255 -16.02 -1.26 -8.96
CA ALA A 1255 -16.73 -1.00 -7.72
C ALA A 1255 -15.87 -1.32 -6.49
N SER A 1256 -16.14 -0.59 -5.40
CA SER A 1256 -15.48 -0.89 -4.13
C SER A 1256 -16.07 -2.15 -3.52
N ARG A 1257 -15.33 -2.76 -2.60
CA ARG A 1257 -15.71 -4.03 -1.99
C ARG A 1257 -16.97 -3.92 -1.16
N SER A 1258 -17.21 -2.73 -0.63
CA SER A 1258 -18.36 -2.51 0.22
C SER A 1258 -19.66 -2.58 -0.57
N LEU A 1259 -19.57 -2.44 -1.88
CA LEU A 1259 -20.77 -2.43 -2.70
C LEU A 1259 -21.10 -3.78 -3.32
N CYS A 1260 -20.29 -4.79 -3.03
CA CYS A 1260 -20.48 -6.06 -3.70
C CYS A 1260 -21.82 -6.68 -3.32
N TRP A 1261 -22.32 -6.34 -2.13
CA TRP A 1261 -23.64 -6.83 -1.75
C TRP A 1261 -24.74 -5.91 -2.31
N GLY A 1262 -24.39 -4.67 -2.63
CA GLY A 1262 -25.38 -3.67 -2.99
C GLY A 1262 -25.48 -3.36 -4.47
N MET A 1263 -24.94 -4.25 -5.31
CA MET A 1263 -24.99 -4.04 -6.76
C MET A 1263 -25.95 -5.01 -7.37
N ASN A 1264 -26.92 -4.50 -8.11
CA ASN A 1264 -27.66 -5.39 -8.99
C ASN A 1264 -27.11 -5.18 -10.38
N VAL A 1265 -26.16 -6.05 -10.76
CA VAL A 1265 -25.53 -6.01 -12.07
C VAL A 1265 -24.75 -7.32 -12.29
N ALA A 1266 -24.48 -7.71 -13.53
CA ALA A 1266 -23.69 -8.91 -13.77
C ALA A 1266 -22.68 -8.73 -14.88
N ALA A 1267 -21.62 -9.52 -14.82
CA ALA A 1267 -20.58 -9.39 -15.82
C ALA A 1267 -20.15 -10.74 -16.36
N HIS A 1268 -19.43 -10.70 -17.47
CA HIS A 1268 -18.81 -11.87 -18.05
C HIS A 1268 -17.52 -12.19 -17.29
N LEU A 1269 -16.87 -11.13 -16.83
CA LEU A 1269 -15.61 -11.24 -16.10
C LEU A 1269 -15.61 -10.43 -14.83
N VAL A 1270 -15.28 -11.09 -13.72
CA VAL A 1270 -15.08 -10.39 -12.47
C VAL A 1270 -13.62 -10.46 -12.06
N ILE A 1271 -13.01 -9.29 -11.91
CA ILE A 1271 -11.64 -9.20 -11.43
C ILE A 1271 -11.62 -8.68 -10.00
N ILE A 1272 -11.00 -9.42 -9.10
CA ILE A 1272 -10.90 -8.96 -7.71
C ILE A 1272 -9.51 -8.37 -7.45
N MET A 1273 -9.46 -7.05 -7.26
CA MET A 1273 -8.19 -6.37 -7.00
C MET A 1273 -7.90 -6.39 -5.52
N ASP A 1274 -6.76 -7.01 -5.25
CA ASP A 1274 -6.32 -7.50 -3.94
C ASP A 1274 -7.37 -8.37 -3.21
N THR A 1275 -7.07 -8.76 -1.97
CA THR A 1275 -8.02 -9.39 -1.04
C THR A 1275 -8.16 -8.75 0.33
N GLN A 1276 -7.43 -7.68 0.59
CA GLN A 1276 -7.28 -7.23 1.96
C GLN A 1276 -7.76 -5.80 2.07
N TYR A 1277 -8.18 -5.41 3.26
CA TYR A 1277 -8.53 -4.02 3.51
C TYR A 1277 -7.87 -3.51 4.78
N TYR A 1278 -7.72 -2.20 4.87
CA TYR A 1278 -6.99 -1.60 5.98
C TYR A 1278 -7.88 -1.38 7.20
N ASN A 1279 -7.42 -1.91 8.33
CA ASN A 1279 -7.97 -1.69 9.66
C ASN A 1279 -7.07 -0.74 10.42
N GLY A 1280 -7.59 0.46 10.65
CA GLY A 1280 -6.84 1.53 11.27
C GLY A 1280 -6.76 1.39 12.76
N LYS A 1281 -7.66 0.61 13.33
CA LYS A 1281 -7.66 0.36 14.76
C LYS A 1281 -6.45 -0.47 15.19
N ILE A 1282 -6.18 -1.53 14.44
CA ILE A 1282 -5.06 -2.40 14.72
C ILE A 1282 -3.82 -2.07 13.90
N HIS A 1283 -3.94 -1.04 13.04
CA HIS A 1283 -2.85 -0.60 12.17
C HIS A 1283 -2.38 -1.75 11.31
N ALA A 1284 -3.31 -2.45 10.68
CA ALA A 1284 -2.98 -3.61 9.86
C ALA A 1284 -4.01 -3.95 8.80
N TYR A 1285 -3.57 -4.69 7.79
CA TYR A 1285 -4.41 -5.15 6.71
C TYR A 1285 -5.04 -6.49 7.09
N VAL A 1286 -6.33 -6.63 6.79
CA VAL A 1286 -7.08 -7.85 7.06
C VAL A 1286 -7.69 -8.48 5.84
N ASP A 1287 -7.90 -9.79 5.85
CA ASP A 1287 -8.38 -10.46 4.65
C ASP A 1287 -9.85 -10.16 4.40
N TYR A 1288 -10.27 -10.20 3.13
CA TYR A 1288 -11.69 -10.15 2.79
C TYR A 1288 -12.33 -11.35 3.46
N PRO A 1289 -13.52 -11.15 4.03
CA PRO A 1289 -14.31 -12.30 4.45
C PRO A 1289 -14.57 -13.19 3.25
N ILE A 1290 -14.41 -14.50 3.41
CA ILE A 1290 -14.55 -15.42 2.30
C ILE A 1290 -15.95 -15.28 1.68
N TYR A 1291 -16.89 -14.72 2.46
CA TYR A 1291 -18.25 -14.48 2.00
C TYR A 1291 -18.33 -13.36 0.97
N ASP A 1292 -17.64 -12.25 1.23
CA ASP A 1292 -17.57 -11.16 0.25
C ASP A 1292 -17.00 -11.64 -1.06
N VAL A 1293 -15.96 -12.46 -0.99
CA VAL A 1293 -15.33 -13.01 -2.19
C VAL A 1293 -16.25 -13.96 -2.95
N LEU A 1294 -16.95 -14.81 -2.22
CA LEU A 1294 -17.94 -15.69 -2.83
C LEU A 1294 -18.99 -14.87 -3.61
N GLN A 1295 -19.41 -13.76 -3.00
CA GLN A 1295 -20.37 -12.88 -3.62
C GLN A 1295 -19.81 -12.23 -4.90
N MET A 1296 -18.59 -11.72 -4.79
CA MET A 1296 -17.91 -11.09 -5.90
C MET A 1296 -17.77 -12.03 -7.09
N VAL A 1297 -17.34 -13.27 -6.84
CA VAL A 1297 -17.24 -14.24 -7.91
C VAL A 1297 -18.63 -14.54 -8.48
N GLY A 1298 -19.64 -14.56 -7.61
CA GLY A 1298 -20.99 -14.78 -8.10
C GLY A 1298 -21.49 -13.71 -9.07
N HIS A 1299 -20.93 -12.52 -8.98
CA HIS A 1299 -21.36 -11.43 -9.82
C HIS A 1299 -20.86 -11.64 -11.27
N ALA A 1300 -19.99 -12.63 -11.52
CA ALA A 1300 -19.80 -13.00 -12.92
C ALA A 1300 -20.61 -14.22 -13.14
N ASN A 1301 -21.84 -13.99 -13.59
CA ASN A 1301 -22.76 -15.03 -14.00
C ASN A 1301 -23.66 -14.42 -15.05
N ARG A 1302 -23.71 -15.01 -16.24
CA ARG A 1302 -24.65 -14.47 -17.22
C ARG A 1302 -25.24 -15.61 -18.03
N PRO A 1303 -26.23 -16.29 -17.43
CA PRO A 1303 -26.90 -17.46 -17.99
C PRO A 1303 -27.46 -17.19 -19.39
N LEU A 1304 -28.03 -16.01 -19.61
CA LEU A 1304 -28.61 -15.71 -20.92
C LEU A 1304 -27.55 -15.47 -21.98
N GLN A 1305 -26.62 -14.57 -21.67
CA GLN A 1305 -25.61 -14.12 -22.63
C GLN A 1305 -24.38 -15.04 -22.79
N ASP A 1306 -23.85 -15.54 -21.68
CA ASP A 1306 -22.55 -16.22 -21.69
C ASP A 1306 -22.59 -17.73 -21.53
N ASP A 1307 -21.66 -18.39 -22.21
CA ASP A 1307 -21.48 -19.84 -22.08
C ASP A 1307 -20.56 -20.14 -20.90
N GLU A 1308 -19.88 -19.10 -20.39
CA GLU A 1308 -19.04 -19.26 -19.21
C GLU A 1308 -18.93 -17.96 -18.43
N GLY A 1309 -18.70 -18.08 -17.13
CA GLY A 1309 -18.31 -16.94 -16.32
C GLY A 1309 -16.80 -17.00 -16.19
N ARG A 1310 -16.18 -15.87 -15.88
CA ARG A 1310 -14.73 -15.84 -15.72
C ARG A 1310 -14.31 -14.93 -14.59
N CYS A 1311 -13.43 -15.46 -13.75
CA CYS A 1311 -12.92 -14.72 -12.60
C CYS A 1311 -11.42 -14.74 -12.47
N VAL A 1312 -10.87 -13.56 -12.27
CA VAL A 1312 -9.45 -13.43 -11.98
C VAL A 1312 -9.25 -12.77 -10.63
N ILE A 1313 -8.71 -13.55 -9.70
CA ILE A 1313 -8.43 -13.07 -8.36
C ILE A 1313 -6.98 -12.68 -8.18
N MET A 1314 -6.76 -11.41 -7.85
CA MET A 1314 -5.41 -10.93 -7.60
C MET A 1314 -5.11 -10.76 -6.09
N CYS A 1315 -4.04 -11.38 -5.60
CA CYS A 1315 -3.75 -11.38 -4.16
C CYS A 1315 -2.27 -11.51 -3.77
N GLN A 1316 -1.97 -11.17 -2.53
CA GLN A 1316 -0.64 -11.42 -1.97
C GLN A 1316 -0.40 -12.92 -2.05
N GLY A 1317 0.82 -13.29 -2.41
CA GLY A 1317 1.17 -14.69 -2.62
C GLY A 1317 0.73 -15.62 -1.51
N SER A 1318 0.92 -15.19 -0.26
CA SER A 1318 0.61 -16.04 0.87
C SER A 1318 -0.87 -16.48 0.90
N LYS A 1319 -1.75 -15.73 0.25
CA LYS A 1319 -3.16 -16.10 0.29
C LYS A 1319 -3.57 -17.03 -0.86
N LYS A 1320 -2.69 -17.19 -1.84
CA LYS A 1320 -3.06 -17.78 -3.12
C LYS A 1320 -3.73 -19.13 -2.96
N ASP A 1321 -3.03 -20.09 -2.35
CA ASP A 1321 -3.54 -21.44 -2.18
C ASP A 1321 -4.89 -21.49 -1.49
N PHE A 1322 -5.08 -20.56 -0.55
CA PHE A 1322 -6.33 -20.51 0.17
C PHE A 1322 -7.49 -20.42 -0.82
N PHE A 1323 -7.37 -19.51 -1.77
CA PHE A 1323 -8.47 -19.33 -2.71
C PHE A 1323 -8.55 -20.45 -3.73
N LYS A 1324 -7.47 -21.20 -3.90
CA LYS A 1324 -7.54 -22.36 -4.78
C LYS A 1324 -8.33 -23.45 -4.08
N LYS A 1325 -8.45 -23.35 -2.77
CA LYS A 1325 -9.09 -24.41 -2.00
C LYS A 1325 -10.59 -24.12 -1.83
N PHE A 1326 -10.91 -23.06 -1.12
CA PHE A 1326 -12.28 -22.84 -0.65
C PHE A 1326 -13.16 -22.12 -1.66
N LEU A 1327 -12.64 -21.89 -2.85
CA LEU A 1327 -13.48 -21.46 -3.96
C LEU A 1327 -13.96 -22.67 -4.73
N TYR A 1328 -13.02 -23.44 -5.26
CA TYR A 1328 -13.31 -24.69 -5.95
C TYR A 1328 -14.13 -25.64 -5.05
N GLU A 1329 -13.71 -25.81 -3.80
CA GLU A 1329 -14.41 -26.68 -2.87
C GLU A 1329 -15.52 -26.00 -2.07
N PRO A 1330 -16.50 -26.77 -1.56
CA PRO A 1330 -17.57 -26.24 -0.71
C PRO A 1330 -17.03 -25.64 0.59
N LEU A 1331 -17.81 -24.81 1.26
CA LEU A 1331 -17.31 -24.02 2.37
C LEU A 1331 -17.69 -24.57 3.75
N PRO A 1332 -16.68 -24.87 4.59
CA PRO A 1332 -17.04 -25.21 5.97
C PRO A 1332 -17.40 -23.96 6.74
N VAL A 1333 -18.42 -24.04 7.59
CA VAL A 1333 -18.81 -22.90 8.39
C VAL A 1333 -18.97 -23.28 9.85
N GLU A 1334 -18.77 -22.29 10.73
CA GLU A 1334 -18.90 -22.48 12.16
C GLU A 1334 -19.73 -21.36 12.79
N SER A 1335 -20.12 -21.56 14.04
CA SER A 1335 -20.93 -20.62 14.81
C SER A 1335 -20.12 -19.80 15.80
N HIS A 1336 -20.20 -18.49 15.70
CA HIS A 1336 -19.51 -17.62 16.62
C HIS A 1336 -20.43 -17.11 17.72
N LEU A 1337 -21.64 -17.64 17.75
CA LEU A 1337 -22.64 -17.27 18.77
C LEU A 1337 -22.14 -17.37 20.21
N ASP A 1338 -21.28 -18.34 20.48
CA ASP A 1338 -20.79 -18.57 21.84
C ASP A 1338 -20.01 -17.37 22.42
N HIS A 1339 -19.53 -16.49 21.56
CA HIS A 1339 -18.92 -15.25 22.04
C HIS A 1339 -19.93 -14.11 22.08
N CYS A 1340 -21.10 -14.32 21.50
CA CYS A 1340 -22.13 -13.27 21.49
C CYS A 1340 -23.24 -13.44 22.53
N MET A 1341 -23.13 -14.47 23.37
CA MET A 1341 -24.24 -14.94 24.23
C MET A 1341 -25.01 -13.92 25.07
N HIS A 1342 -24.30 -12.95 25.61
CA HIS A 1342 -24.84 -12.12 26.69
C HIS A 1342 -26.12 -11.34 26.37
N ASP A 1343 -26.13 -10.55 25.29
CA ASP A 1343 -27.33 -9.75 24.96
C ASP A 1343 -28.55 -10.64 24.75
N HIS A 1344 -28.37 -11.77 24.09
CA HIS A 1344 -29.49 -12.66 23.82
C HIS A 1344 -29.98 -13.35 25.08
N PHE A 1345 -29.07 -13.83 25.90
CA PHE A 1345 -29.50 -14.44 27.15
C PHE A 1345 -30.23 -13.43 28.02
N ASN A 1346 -29.69 -12.23 28.15
CA ASN A 1346 -30.34 -11.16 28.89
C ASN A 1346 -31.73 -10.90 28.31
N ALA A 1347 -31.81 -10.86 27.00
CA ALA A 1347 -33.08 -10.65 26.32
C ALA A 1347 -34.10 -11.71 26.68
N GLU A 1348 -33.70 -12.99 26.64
CA GLU A 1348 -34.62 -14.09 26.91
C GLU A 1348 -34.94 -14.18 28.42
N ILE A 1349 -34.11 -13.57 29.24
CA ILE A 1349 -34.41 -13.52 30.66
C ILE A 1349 -35.48 -12.44 30.91
N VAL A 1350 -35.37 -11.32 30.21
CA VAL A 1350 -36.38 -10.26 30.32
C VAL A 1350 -37.76 -10.74 29.86
N THR A 1351 -37.81 -11.45 28.74
CA THR A 1351 -39.08 -11.95 28.20
C THR A 1351 -39.49 -13.27 28.86
N LYS A 1352 -38.67 -13.72 29.80
CA LYS A 1352 -38.91 -14.93 30.60
C LYS A 1352 -39.00 -16.20 29.76
N THR A 1353 -38.23 -16.28 28.68
CA THR A 1353 -38.06 -17.55 27.98
C THR A 1353 -37.06 -18.40 28.75
N ILE A 1354 -36.11 -17.73 29.41
CA ILE A 1354 -35.17 -18.36 30.33
C ILE A 1354 -35.38 -17.90 31.79
N GLU A 1355 -35.94 -18.79 32.60
CA GLU A 1355 -36.20 -18.51 34.01
C GLU A 1355 -35.17 -19.11 34.98
N ASN A 1356 -34.19 -19.82 34.44
CA ASN A 1356 -33.21 -20.58 35.25
C ASN A 1356 -32.10 -21.21 34.40
N LYS A 1357 -31.09 -21.76 35.06
CA LYS A 1357 -29.93 -22.32 34.38
C LYS A 1357 -30.31 -23.43 33.39
N GLN A 1358 -31.24 -24.30 33.80
CA GLN A 1358 -31.66 -25.37 32.91
C GLN A 1358 -32.34 -24.86 31.64
N ASP A 1359 -33.07 -23.75 31.76
CA ASP A 1359 -33.70 -23.14 30.60
C ASP A 1359 -32.69 -22.62 29.58
N ALA A 1360 -31.55 -22.14 30.08
CA ALA A 1360 -30.48 -21.67 29.24
C ALA A 1360 -29.81 -22.84 28.54
N VAL A 1361 -29.54 -23.90 29.30
CA VAL A 1361 -28.93 -25.09 28.72
C VAL A 1361 -29.82 -25.62 27.60
N ASP A 1362 -31.12 -25.65 27.85
CA ASP A 1362 -32.09 -26.08 26.84
C ASP A 1362 -32.16 -25.16 25.64
N TYR A 1363 -32.07 -23.87 25.89
CA TYR A 1363 -32.11 -22.86 24.84
C TYR A 1363 -30.98 -23.12 23.86
N LEU A 1364 -29.83 -23.49 24.40
CA LEU A 1364 -28.66 -23.72 23.56
C LEU A 1364 -28.83 -24.92 22.64
N THR A 1365 -29.79 -25.78 22.93
CA THR A 1365 -29.97 -26.98 22.13
C THR A 1365 -30.61 -26.70 20.79
N TRP A 1366 -31.15 -25.50 20.64
CA TRP A 1366 -31.78 -25.10 19.37
C TRP A 1366 -30.83 -24.45 18.35
N THR A 1367 -29.61 -24.14 18.80
CA THR A 1367 -28.60 -23.43 18.01
C THR A 1367 -27.82 -24.32 17.05
N PHE A 1368 -27.26 -23.69 16.01
CA PHE A 1368 -26.34 -24.34 15.10
C PHE A 1368 -25.07 -24.72 15.86
N LEU A 1369 -24.79 -23.90 16.86
CA LEU A 1369 -23.66 -24.10 17.75
C LEU A 1369 -23.64 -25.46 18.39
N TYR A 1370 -24.81 -25.87 18.87
CA TYR A 1370 -24.98 -27.15 19.53
C TYR A 1370 -24.55 -28.28 18.59
N ARG A 1371 -24.94 -28.16 17.33
CA ARG A 1371 -24.57 -29.15 16.33
C ARG A 1371 -23.08 -29.15 16.00
N ARG A 1372 -22.49 -27.97 15.87
CA ARG A 1372 -21.08 -27.89 15.44
C ARG A 1372 -20.12 -28.29 16.55
N MET A 1373 -20.57 -28.20 17.80
CA MET A 1373 -19.66 -28.42 18.91
C MET A 1373 -19.18 -29.87 18.94
N THR A 1374 -20.00 -30.83 18.52
CA THR A 1374 -19.50 -32.20 18.47
C THR A 1374 -18.81 -32.56 17.15
N GLN A 1375 -19.02 -31.74 16.13
CA GLN A 1375 -18.38 -31.94 14.83
C GLN A 1375 -16.95 -31.38 14.74
N ASN A 1376 -16.76 -30.21 15.35
CA ASN A 1376 -15.45 -29.58 15.38
C ASN A 1376 -15.25 -28.99 16.76
N PRO A 1377 -14.99 -29.85 17.75
CA PRO A 1377 -14.94 -29.50 19.18
C PRO A 1377 -13.85 -28.48 19.48
N ASN A 1378 -12.64 -28.72 18.95
CA ASN A 1378 -11.47 -27.88 19.21
C ASN A 1378 -11.61 -26.46 18.71
N TYR A 1379 -12.51 -26.24 17.76
CA TYR A 1379 -12.77 -24.89 17.26
C TYR A 1379 -13.42 -24.11 18.38
N TYR A 1380 -14.33 -24.78 19.08
CA TYR A 1380 -15.05 -24.16 20.17
C TYR A 1380 -14.34 -24.42 21.48
N ASN A 1381 -13.17 -25.04 21.36
CA ASN A 1381 -12.31 -25.40 22.49
C ASN A 1381 -12.90 -26.46 23.43
N LEU A 1382 -13.61 -27.43 22.86
CA LEU A 1382 -14.02 -28.64 23.55
C LEU A 1382 -12.95 -29.70 23.38
N GLN A 1383 -12.65 -30.45 24.43
CA GLN A 1383 -11.56 -31.45 24.36
C GLN A 1383 -12.05 -32.85 24.00
N GLY A 1384 -13.34 -32.97 23.73
CA GLY A 1384 -13.91 -34.25 23.34
C GLY A 1384 -15.32 -34.14 22.79
N ILE A 1385 -15.70 -35.16 22.03
CA ILE A 1385 -17.03 -35.21 21.40
C ILE A 1385 -18.05 -36.05 22.20
N SER A 1386 -17.63 -36.59 23.35
CA SER A 1386 -18.53 -37.37 24.20
C SER A 1386 -19.65 -36.49 24.71
N HIS A 1387 -20.80 -37.07 25.04
CA HIS A 1387 -21.93 -36.26 25.49
C HIS A 1387 -21.64 -35.55 26.80
N ARG A 1388 -20.79 -36.19 27.60
CA ARG A 1388 -20.31 -35.59 28.84
C ARG A 1388 -19.59 -34.28 28.56
N HIS A 1389 -18.69 -34.29 27.59
CA HIS A 1389 -17.95 -33.08 27.24
C HIS A 1389 -18.88 -31.98 26.78
N LEU A 1390 -19.90 -32.36 26.02
CA LEU A 1390 -20.87 -31.43 25.48
C LEU A 1390 -21.65 -30.77 26.63
N SER A 1391 -22.22 -31.58 27.51
CA SER A 1391 -22.98 -31.05 28.65
C SER A 1391 -22.11 -30.17 29.55
N ASP A 1392 -20.88 -30.62 29.81
CA ASP A 1392 -19.96 -29.87 30.64
C ASP A 1392 -19.64 -28.50 30.05
N HIS A 1393 -19.27 -28.48 28.77
CA HIS A 1393 -18.89 -27.25 28.11
C HIS A 1393 -20.09 -26.28 28.04
N LEU A 1394 -21.27 -26.81 27.74
CA LEU A 1394 -22.46 -25.98 27.66
C LEU A 1394 -22.80 -25.36 29.01
N SER A 1395 -22.67 -26.17 30.07
CA SER A 1395 -22.90 -25.70 31.43
C SER A 1395 -21.91 -24.62 31.82
N GLU A 1396 -20.66 -24.81 31.41
CA GLU A 1396 -19.62 -23.83 31.67
C GLU A 1396 -20.01 -22.51 30.98
N LEU A 1397 -20.53 -22.62 29.76
CA LEU A 1397 -20.91 -21.47 28.96
C LEU A 1397 -22.07 -20.67 29.57
N VAL A 1398 -23.14 -21.38 29.92
CA VAL A 1398 -24.30 -20.71 30.50
C VAL A 1398 -23.95 -20.12 31.87
N GLU A 1399 -23.07 -20.81 32.59
CA GLU A 1399 -22.65 -20.32 33.91
C GLU A 1399 -21.90 -19.00 33.76
N GLN A 1400 -20.93 -18.98 32.85
CA GLN A 1400 -20.12 -17.78 32.63
C GLN A 1400 -20.96 -16.60 32.11
N THR A 1401 -21.84 -16.88 31.16
CA THR A 1401 -22.69 -15.85 30.58
C THR A 1401 -23.58 -15.20 31.65
N LEU A 1402 -24.29 -16.07 32.38
CA LEU A 1402 -25.16 -15.60 33.45
C LEU A 1402 -24.39 -14.83 34.51
N SER A 1403 -23.18 -15.29 34.80
CA SER A 1403 -22.33 -14.59 35.78
C SER A 1403 -21.97 -13.17 35.37
N ASP A 1404 -21.51 -13.05 34.13
CA ASP A 1404 -21.13 -11.75 33.60
C ASP A 1404 -22.35 -10.84 33.61
N LEU A 1405 -23.52 -11.41 33.28
CA LEU A 1405 -24.75 -10.62 33.27
C LEU A 1405 -25.15 -10.17 34.69
N GLU A 1406 -24.83 -10.97 35.70
CA GLU A 1406 -25.13 -10.58 37.07
C GLU A 1406 -24.19 -9.50 37.58
N GLN A 1407 -22.91 -9.61 37.23
CA GLN A 1407 -21.90 -8.65 37.68
C GLN A 1407 -22.16 -7.27 37.06
N SER A 1408 -22.84 -7.29 35.91
CA SER A 1408 -23.17 -6.06 35.21
C SER A 1408 -24.50 -5.48 35.67
N LYS A 1409 -25.09 -6.11 36.68
CA LYS A 1409 -26.35 -5.69 37.28
C LYS A 1409 -27.52 -5.76 36.29
N CYS A 1410 -27.37 -6.61 35.27
CA CYS A 1410 -28.46 -6.84 34.32
C CYS A 1410 -29.47 -7.83 34.83
N ILE A 1411 -28.98 -8.85 35.52
CA ILE A 1411 -29.85 -9.89 36.03
C ILE A 1411 -29.47 -10.13 37.47
N SER A 1412 -30.36 -10.81 38.19
CA SER A 1412 -30.09 -11.25 39.54
C SER A 1412 -30.15 -12.77 39.57
N ILE A 1413 -29.20 -13.40 40.28
CA ILE A 1413 -29.18 -14.86 40.34
C ILE A 1413 -29.58 -15.30 41.74
N GLU A 1414 -30.58 -16.19 41.78
CA GLU A 1414 -31.14 -16.70 43.02
C GLU A 1414 -31.19 -18.22 43.11
N ASP A 1415 -30.76 -18.70 44.28
CA ASP A 1415 -30.76 -20.11 44.65
C ASP A 1415 -29.92 -21.00 43.73
N GLU A 1416 -28.94 -20.39 43.06
CA GLU A 1416 -27.97 -21.08 42.21
C GLU A 1416 -28.62 -21.73 40.98
N MET A 1417 -29.94 -21.64 40.89
CA MET A 1417 -30.68 -22.18 39.76
C MET A 1417 -31.42 -21.07 39.02
N ASP A 1418 -32.33 -20.42 39.74
CA ASP A 1418 -33.23 -19.45 39.12
C ASP A 1418 -32.59 -18.10 38.80
N VAL A 1419 -33.10 -17.44 37.76
CA VAL A 1419 -32.61 -16.10 37.37
C VAL A 1419 -33.77 -15.14 37.17
N ALA A 1420 -33.52 -13.85 37.35
CA ALA A 1420 -34.56 -12.85 37.13
C ALA A 1420 -33.99 -11.57 36.51
N PRO A 1421 -34.75 -10.93 35.60
CA PRO A 1421 -34.30 -9.68 34.98
C PRO A 1421 -34.35 -8.51 35.96
N LEU A 1422 -33.32 -7.66 35.92
CA LEU A 1422 -33.26 -6.46 36.74
C LEU A 1422 -33.50 -5.27 35.86
N ASN A 1423 -33.43 -4.08 36.44
CA ASN A 1423 -33.77 -2.87 35.69
C ASN A 1423 -32.89 -2.62 34.46
N LEU A 1424 -31.57 -2.61 34.65
CA LEU A 1424 -30.64 -2.34 33.56
C LEU A 1424 -30.76 -3.39 32.45
N GLY A 1425 -30.99 -4.63 32.83
CA GLY A 1425 -31.17 -5.69 31.87
C GLY A 1425 -32.41 -5.44 31.03
N MET A 1426 -33.49 -4.99 31.68
CA MET A 1426 -34.73 -4.66 30.97
C MET A 1426 -34.55 -3.50 30.00
N ILE A 1427 -33.81 -2.49 30.44
CA ILE A 1427 -33.52 -1.34 29.59
C ILE A 1427 -32.76 -1.76 28.34
N ALA A 1428 -31.68 -2.51 28.55
CA ALA A 1428 -30.85 -2.97 27.45
C ALA A 1428 -31.64 -3.85 26.48
N ALA A 1429 -32.45 -4.75 27.01
CA ALA A 1429 -33.20 -5.64 26.15
C ALA A 1429 -34.25 -4.87 25.37
N TYR A 1430 -34.81 -3.85 26.00
CA TYR A 1430 -35.88 -3.08 25.39
C TYR A 1430 -35.36 -2.22 24.22
N TYR A 1431 -34.28 -1.48 24.45
CA TYR A 1431 -33.78 -0.60 23.41
C TYR A 1431 -32.84 -1.30 22.43
N TYR A 1432 -32.63 -2.59 22.65
CA TYR A 1432 -31.68 -3.39 21.88
C TYR A 1432 -30.31 -2.77 21.94
N ILE A 1433 -29.74 -2.72 23.14
CA ILE A 1433 -28.45 -2.13 23.41
C ILE A 1433 -27.61 -3.13 24.15
N ASN A 1434 -26.32 -3.17 23.80
CA ASN A 1434 -25.40 -4.08 24.47
C ASN A 1434 -25.36 -3.82 25.97
N TYR A 1435 -25.25 -4.89 26.75
CA TYR A 1435 -25.32 -4.79 28.20
C TYR A 1435 -24.15 -4.03 28.82
N THR A 1436 -22.99 -4.12 28.19
CA THR A 1436 -21.81 -3.42 28.66
C THR A 1436 -21.98 -1.91 28.47
N THR A 1437 -22.78 -1.54 27.48
CA THR A 1437 -23.03 -0.14 27.19
C THR A 1437 -23.83 0.52 28.31
N ILE A 1438 -24.92 -0.13 28.71
CA ILE A 1438 -25.77 0.41 29.76
C ILE A 1438 -25.13 0.20 31.12
N GLU A 1439 -24.24 -0.78 31.22
CA GLU A 1439 -23.44 -0.93 32.44
C GLU A 1439 -22.54 0.29 32.57
N LEU A 1440 -21.87 0.61 31.48
CA LEU A 1440 -21.02 1.78 31.37
C LEU A 1440 -21.78 3.06 31.69
N PHE A 1441 -23.02 3.12 31.21
CA PHE A 1441 -23.87 4.26 31.51
C PHE A 1441 -24.07 4.35 33.02
N SER A 1442 -24.50 3.26 33.62
CA SER A 1442 -24.71 3.21 35.06
C SER A 1442 -23.47 3.57 35.90
N MET A 1443 -22.29 3.24 35.40
CA MET A 1443 -21.04 3.53 36.12
C MET A 1443 -20.62 5.00 36.00
N SER A 1444 -20.73 5.54 34.79
CA SER A 1444 -20.18 6.86 34.49
C SER A 1444 -21.17 8.02 34.68
N LEU A 1445 -22.44 7.67 34.93
CA LEU A 1445 -23.49 8.67 35.10
C LEU A 1445 -23.68 9.03 36.58
N ASN A 1446 -23.84 10.32 36.84
CA ASN A 1446 -24.10 10.80 38.20
C ASN A 1446 -25.06 11.98 38.24
N ALA A 1447 -25.23 12.54 39.43
CA ALA A 1447 -26.20 13.59 39.68
C ALA A 1447 -25.79 14.91 39.04
N LYS A 1448 -24.48 15.10 38.88
CA LYS A 1448 -23.97 16.34 38.33
C LYS A 1448 -23.70 16.28 36.82
N THR A 1449 -24.03 15.15 36.19
CA THR A 1449 -23.79 15.02 34.75
C THR A 1449 -24.57 16.02 33.90
N LYS A 1450 -23.90 16.60 32.91
CA LYS A 1450 -24.47 17.60 32.01
C LYS A 1450 -24.31 17.20 30.54
N VAL A 1451 -24.65 18.09 29.62
CA VAL A 1451 -24.68 17.78 28.20
C VAL A 1451 -23.34 17.32 27.62
N ARG A 1452 -22.26 18.04 27.91
CA ARG A 1452 -20.95 17.68 27.41
C ARG A 1452 -20.53 16.28 27.90
N GLY A 1453 -20.68 16.07 29.21
CA GLY A 1453 -20.42 14.78 29.81
C GLY A 1453 -21.28 13.69 29.20
N LEU A 1454 -22.51 14.05 28.88
CA LEU A 1454 -23.44 13.12 28.22
C LEU A 1454 -22.94 12.69 26.86
N ILE A 1455 -22.45 13.65 26.08
CA ILE A 1455 -21.88 13.35 24.78
C ILE A 1455 -20.68 12.41 24.93
N GLU A 1456 -19.77 12.75 25.85
CA GLU A 1456 -18.61 11.90 26.07
C GLU A 1456 -19.01 10.48 26.46
N ILE A 1457 -20.09 10.38 27.24
CA ILE A 1457 -20.53 9.08 27.74
C ILE A 1457 -21.21 8.24 26.66
N ILE A 1458 -22.08 8.87 25.89
CA ILE A 1458 -22.77 8.17 24.84
C ILE A 1458 -21.84 7.82 23.69
N SER A 1459 -20.72 8.54 23.58
CA SER A 1459 -19.75 8.25 22.53
C SER A 1459 -19.00 6.96 22.78
N ASN A 1460 -19.00 6.53 24.03
CA ASN A 1460 -18.26 5.34 24.42
C ASN A 1460 -19.08 4.07 24.30
N ALA A 1461 -20.29 4.19 23.75
CA ALA A 1461 -21.15 3.02 23.64
C ALA A 1461 -20.48 1.95 22.78
N ALA A 1462 -20.78 0.70 23.07
CA ALA A 1462 -20.18 -0.41 22.35
C ALA A 1462 -20.68 -0.49 20.93
N GLU A 1463 -21.80 0.17 20.66
CA GLU A 1463 -22.37 0.16 19.33
C GLU A 1463 -21.46 0.88 18.36
N TYR A 1464 -20.67 1.80 18.88
CA TYR A 1464 -19.80 2.64 18.07
C TYR A 1464 -18.43 2.00 17.97
N GLU A 1465 -18.28 0.79 18.52
CA GLU A 1465 -17.00 0.12 18.49
C GLU A 1465 -16.58 -0.21 17.06
N ASN A 1466 -17.56 -0.48 16.22
CA ASN A 1466 -17.27 -0.87 14.84
C ASN A 1466 -17.19 0.29 13.86
N ILE A 1467 -17.27 1.51 14.36
CA ILE A 1467 -17.00 2.68 13.54
C ILE A 1467 -15.55 2.59 13.02
N PRO A 1468 -15.37 2.57 11.69
CA PRO A 1468 -14.08 2.29 11.07
C PRO A 1468 -13.05 3.41 11.18
N ILE A 1469 -11.78 3.04 11.35
CA ILE A 1469 -10.67 3.96 11.21
C ILE A 1469 -9.92 3.62 9.93
N ARG A 1470 -9.98 4.51 8.95
CA ARG A 1470 -9.40 4.28 7.63
C ARG A 1470 -7.97 4.76 7.50
N HIS A 1471 -7.41 4.53 6.31
CA HIS A 1471 -6.03 4.87 6.02
C HIS A 1471 -5.75 6.37 6.00
N HIS A 1472 -4.74 6.75 6.76
CA HIS A 1472 -4.27 8.13 6.82
C HIS A 1472 -5.37 9.08 7.33
N GLU A 1473 -6.30 8.55 8.13
CA GLU A 1473 -7.36 9.37 8.75
C GLU A 1473 -7.00 10.01 10.08
N ASP A 1474 -5.91 9.59 10.71
CA ASP A 1474 -5.52 10.12 12.02
C ASP A 1474 -5.21 11.61 11.95
N ASN A 1475 -4.64 12.03 10.83
CA ASN A 1475 -4.34 13.43 10.60
C ASN A 1475 -5.63 14.26 10.52
N LEU A 1476 -6.62 13.73 9.82
CA LEU A 1476 -7.87 14.43 9.63
C LEU A 1476 -8.66 14.55 10.95
N LEU A 1477 -8.64 13.49 11.75
CA LEU A 1477 -9.30 13.56 13.07
C LEU A 1477 -8.55 14.50 14.01
N ARG A 1478 -7.23 14.57 13.88
CA ARG A 1478 -6.43 15.52 14.64
C ARG A 1478 -6.79 16.96 14.28
N GLN A 1479 -7.01 17.20 12.99
CA GLN A 1479 -7.45 18.52 12.53
C GLN A 1479 -8.84 18.84 13.05
N LEU A 1480 -9.74 17.86 13.01
CA LEU A 1480 -11.11 18.07 13.44
C LEU A 1480 -11.15 18.39 14.93
N ALA A 1481 -10.21 17.81 15.67
CA ALA A 1481 -10.18 17.93 17.13
C ALA A 1481 -10.01 19.39 17.58
N GLN A 1482 -9.29 20.19 16.81
CA GLN A 1482 -9.05 21.58 17.20
C GLN A 1482 -10.18 22.48 16.72
N LYS A 1483 -11.05 21.96 15.86
CA LYS A 1483 -12.07 22.79 15.27
C LYS A 1483 -13.39 22.68 16.02
N VAL A 1484 -13.42 21.92 17.12
CA VAL A 1484 -14.70 21.61 17.75
C VAL A 1484 -14.82 22.29 19.11
N PRO A 1485 -16.06 22.63 19.49
CA PRO A 1485 -16.34 23.33 20.75
C PRO A 1485 -15.79 22.69 22.02
N HIS A 1486 -15.94 21.38 22.18
CA HIS A 1486 -15.43 20.74 23.39
C HIS A 1486 -14.12 20.02 23.11
N LYS A 1487 -13.02 20.55 23.63
CA LYS A 1487 -11.74 19.89 23.43
C LYS A 1487 -11.65 18.61 24.24
N LEU A 1488 -11.15 17.54 23.61
CA LEU A 1488 -11.13 16.25 24.27
C LEU A 1488 -9.80 16.03 24.95
N ASN A 1489 -9.84 15.42 26.12
CA ASN A 1489 -8.64 15.23 26.94
C ASN A 1489 -7.90 13.94 26.58
N ASN A 1490 -6.66 14.09 26.15
CA ASN A 1490 -5.80 12.97 25.76
C ASN A 1490 -6.42 11.88 24.88
N PRO A 1491 -6.93 12.27 23.70
CA PRO A 1491 -7.64 11.42 22.74
C PRO A 1491 -6.70 10.52 21.94
N LYS A 1492 -7.10 9.27 21.70
CA LYS A 1492 -6.39 8.42 20.73
C LYS A 1492 -7.18 8.45 19.43
N PHE A 1493 -6.53 8.73 18.31
CA PHE A 1493 -7.28 9.03 17.08
C PHE A 1493 -7.50 7.80 16.20
N ASN A 1494 -7.02 6.65 16.65
CA ASN A 1494 -7.40 5.38 16.08
C ASN A 1494 -8.52 4.75 16.91
N ASP A 1495 -8.90 5.47 17.96
CA ASP A 1495 -10.02 5.07 18.81
C ASP A 1495 -11.32 5.50 18.14
N PRO A 1496 -12.19 4.53 17.81
CA PRO A 1496 -13.47 4.82 17.17
C PRO A 1496 -14.37 5.69 18.04
N HIS A 1497 -14.22 5.61 19.36
CA HIS A 1497 -15.05 6.39 20.27
C HIS A 1497 -14.65 7.87 20.23
N VAL A 1498 -13.36 8.14 20.15
CA VAL A 1498 -12.87 9.50 19.96
C VAL A 1498 -13.43 10.05 18.66
N LYS A 1499 -13.39 9.23 17.61
CA LYS A 1499 -13.91 9.62 16.32
C LYS A 1499 -15.41 9.94 16.37
N THR A 1500 -16.20 9.07 16.98
CA THR A 1500 -17.65 9.27 17.07
C THR A 1500 -17.97 10.51 17.89
N ASN A 1501 -17.14 10.77 18.88
CA ASN A 1501 -17.25 11.98 19.68
C ASN A 1501 -17.08 13.24 18.81
N LEU A 1502 -15.94 13.27 18.11
CA LEU A 1502 -15.61 14.39 17.23
C LEU A 1502 -16.64 14.60 16.15
N LEU A 1503 -17.17 13.49 15.64
CA LEU A 1503 -18.16 13.55 14.57
C LEU A 1503 -19.51 14.00 15.10
N LEU A 1504 -19.77 13.71 16.36
CA LEU A 1504 -20.99 14.20 17.02
C LEU A 1504 -20.92 15.72 17.18
N GLN A 1505 -19.77 16.20 17.67
CA GLN A 1505 -19.55 17.63 17.80
C GLN A 1505 -19.63 18.29 16.43
N ALA A 1506 -19.19 17.57 15.40
CA ALA A 1506 -19.24 18.08 14.02
C ALA A 1506 -20.66 18.20 13.50
N HIS A 1507 -21.48 17.20 13.82
CA HIS A 1507 -22.88 17.21 13.42
C HIS A 1507 -23.66 18.34 14.10
N LEU A 1508 -23.34 18.58 15.38
CA LEU A 1508 -23.97 19.64 16.15
C LEU A 1508 -23.61 21.04 15.65
N SER A 1509 -22.36 21.18 15.19
CA SER A 1509 -21.80 22.47 14.77
C SER A 1509 -22.03 22.78 13.29
N ARG A 1510 -22.77 21.91 12.63
CA ARG A 1510 -23.10 22.04 11.21
C ARG A 1510 -21.86 22.08 10.33
N MET A 1511 -20.81 21.38 10.75
CA MET A 1511 -19.61 21.23 9.93
C MET A 1511 -19.80 20.21 8.82
N GLN A 1512 -19.58 20.65 7.58
CA GLN A 1512 -19.66 19.71 6.47
C GLN A 1512 -18.26 19.11 6.36
N LEU A 1513 -18.19 17.80 6.16
CA LEU A 1513 -16.91 17.10 6.19
C LEU A 1513 -16.70 16.30 4.93
N SER A 1514 -15.64 15.49 4.89
CA SER A 1514 -15.41 14.62 3.74
C SER A 1514 -16.49 13.53 3.66
N ALA A 1515 -16.65 12.94 2.48
CA ALA A 1515 -17.73 11.97 2.26
C ALA A 1515 -17.69 10.80 3.24
N GLU A 1516 -16.49 10.27 3.48
CA GLU A 1516 -16.33 9.16 4.41
C GLU A 1516 -16.86 9.49 5.81
N LEU A 1517 -16.40 10.62 6.35
CA LEU A 1517 -16.83 11.08 7.66
C LEU A 1517 -18.34 11.33 7.70
N GLN A 1518 -18.92 11.68 6.56
CA GLN A 1518 -20.34 11.92 6.47
C GLN A 1518 -21.11 10.61 6.57
N SER A 1519 -20.66 9.59 5.85
CA SER A 1519 -21.27 8.28 5.93
C SER A 1519 -21.16 7.73 7.37
N ASP A 1520 -19.97 7.88 7.96
CA ASP A 1520 -19.76 7.49 9.36
C ASP A 1520 -20.75 8.18 10.29
N THR A 1521 -20.90 9.48 10.11
CA THR A 1521 -21.84 10.27 10.90
C THR A 1521 -23.23 9.68 10.76
N GLU A 1522 -23.59 9.27 9.54
CA GLU A 1522 -24.86 8.61 9.32
C GLU A 1522 -25.00 7.36 10.19
N GLU A 1523 -24.00 6.48 10.14
CA GLU A 1523 -24.09 5.24 10.92
C GLU A 1523 -24.19 5.51 12.42
N ILE A 1524 -23.52 6.55 12.89
CA ILE A 1524 -23.60 6.96 14.30
C ILE A 1524 -24.99 7.47 14.69
N LEU A 1525 -25.50 8.41 13.90
CA LEU A 1525 -26.80 9.04 14.15
C LEU A 1525 -27.91 8.00 14.09
N SER A 1526 -27.62 6.91 13.40
CA SER A 1526 -28.56 5.79 13.33
C SER A 1526 -28.90 5.30 14.73
N LYS A 1527 -27.86 5.01 15.51
CA LYS A 1527 -28.06 4.44 16.84
C LYS A 1527 -28.08 5.48 17.97
N ALA A 1528 -27.81 6.75 17.65
CA ALA A 1528 -27.84 7.83 18.65
C ALA A 1528 -29.10 7.94 19.55
N ILE A 1529 -30.28 7.84 18.93
CA ILE A 1529 -31.53 8.01 19.66
C ILE A 1529 -31.75 6.97 20.76
N ARG A 1530 -31.59 5.69 20.44
CA ARG A 1530 -31.82 4.66 21.44
C ARG A 1530 -30.86 4.76 22.61
N LEU A 1531 -29.63 5.17 22.31
CA LEU A 1531 -28.63 5.39 23.33
C LEU A 1531 -29.07 6.53 24.27
N ILE A 1532 -29.50 7.64 23.69
CA ILE A 1532 -29.93 8.79 24.48
C ILE A 1532 -31.13 8.48 25.37
N GLN A 1533 -32.09 7.77 24.78
CA GLN A 1533 -33.28 7.36 25.52
C GLN A 1533 -32.90 6.44 26.68
N ALA A 1534 -31.93 5.57 26.44
CA ALA A 1534 -31.40 4.73 27.50
C ALA A 1534 -30.81 5.58 28.62
N CYS A 1535 -30.07 6.63 28.27
CA CYS A 1535 -29.55 7.52 29.31
C CYS A 1535 -30.66 8.18 30.10
N VAL A 1536 -31.75 8.54 29.42
CA VAL A 1536 -32.90 9.11 30.12
C VAL A 1536 -33.47 8.14 31.15
N ASP A 1537 -33.70 6.89 30.72
CA ASP A 1537 -34.23 5.86 31.60
C ASP A 1537 -33.35 5.63 32.82
N VAL A 1538 -32.06 5.46 32.55
CA VAL A 1538 -31.09 5.22 33.61
C VAL A 1538 -31.03 6.37 34.60
N LEU A 1539 -31.01 7.59 34.09
CA LEU A 1539 -30.94 8.78 34.94
C LEU A 1539 -32.18 8.91 35.81
N SER A 1540 -33.35 8.66 35.23
CA SER A 1540 -34.57 8.76 36.01
C SER A 1540 -34.65 7.65 37.05
N SER A 1541 -34.14 6.47 36.72
CA SER A 1541 -34.17 5.32 37.64
C SER A 1541 -33.30 5.57 38.87
N ASN A 1542 -32.30 6.44 38.73
CA ASN A 1542 -31.43 6.80 39.84
C ASN A 1542 -31.91 8.09 40.50
N GLY A 1543 -32.99 8.66 39.97
CA GLY A 1543 -33.61 9.85 40.54
C GLY A 1543 -32.84 11.16 40.44
N TRP A 1544 -32.35 11.46 39.25
CA TRP A 1544 -31.61 12.70 38.98
C TRP A 1544 -32.33 13.61 37.97
N LEU A 1545 -32.60 14.84 38.40
CA LEU A 1545 -33.37 15.76 37.56
C LEU A 1545 -32.49 16.44 36.52
N SER A 1546 -31.50 17.21 36.98
CA SER A 1546 -30.63 18.00 36.11
C SER A 1546 -29.97 17.21 34.96
N PRO A 1547 -29.41 16.01 35.24
CA PRO A 1547 -28.87 15.27 34.10
C PRO A 1547 -29.98 14.82 33.13
N ALA A 1548 -31.14 14.48 33.66
CA ALA A 1548 -32.26 14.20 32.78
C ALA A 1548 -32.73 15.55 32.28
N LEU A 1549 -33.63 15.57 31.29
CA LEU A 1549 -34.03 16.82 30.62
C LEU A 1549 -32.86 17.47 29.89
N ALA A 1550 -31.64 17.18 30.33
CA ALA A 1550 -30.45 17.60 29.61
C ALA A 1550 -30.18 16.54 28.55
N ALA A 1551 -30.39 15.29 28.94
CA ALA A 1551 -30.40 14.19 28.00
C ALA A 1551 -31.48 14.42 26.95
N MET A 1552 -32.64 14.90 27.38
CA MET A 1552 -33.76 15.18 26.48
C MET A 1552 -33.47 16.33 25.51
N GLU A 1553 -32.93 17.42 26.04
CA GLU A 1553 -32.49 18.53 25.22
C GLU A 1553 -31.47 18.06 24.22
N LEU A 1554 -30.65 17.11 24.64
CA LEU A 1554 -29.64 16.52 23.77
C LEU A 1554 -30.27 15.72 22.65
N ALA A 1555 -31.31 14.97 22.97
CA ALA A 1555 -32.04 14.23 21.95
C ALA A 1555 -32.57 15.19 20.91
N GLN A 1556 -33.20 16.26 21.39
CA GLN A 1556 -33.72 17.28 20.51
C GLN A 1556 -32.65 17.86 19.60
N MET A 1557 -31.58 18.35 20.20
CA MET A 1557 -30.55 19.05 19.48
C MET A 1557 -29.71 18.12 18.61
N VAL A 1558 -29.82 16.82 18.86
CA VAL A 1558 -29.22 15.83 17.97
C VAL A 1558 -30.11 15.64 16.75
N THR A 1559 -31.42 15.58 16.97
CA THR A 1559 -32.34 15.42 15.86
C THR A 1559 -32.25 16.62 14.90
N GLN A 1560 -32.29 17.82 15.48
CA GLN A 1560 -32.28 19.06 14.70
C GLN A 1560 -30.90 19.66 14.43
N ALA A 1561 -29.83 18.97 14.85
CA ALA A 1561 -28.47 19.46 14.60
C ALA A 1561 -28.20 20.88 15.10
N MET A 1562 -28.21 21.05 16.42
CA MET A 1562 -27.99 22.36 17.03
C MET A 1562 -27.32 22.17 18.36
N TRP A 1563 -26.77 23.25 18.90
CA TRP A 1563 -26.05 23.15 20.16
C TRP A 1563 -26.91 23.48 21.39
N SER A 1564 -26.30 23.38 22.57
CA SER A 1564 -26.97 23.63 23.84
C SER A 1564 -27.57 25.04 23.84
N LYS A 1565 -26.68 26.02 23.82
CA LYS A 1565 -27.05 27.43 23.71
C LYS A 1565 -26.95 27.80 22.24
N ASP A 1566 -28.07 28.18 21.62
CA ASP A 1566 -28.11 28.39 20.16
C ASP A 1566 -29.45 28.96 19.73
N SER A 1567 -29.52 29.48 18.51
CA SER A 1567 -30.77 30.01 17.97
C SER A 1567 -31.82 28.94 17.76
N TYR A 1568 -33.05 29.20 18.20
CA TYR A 1568 -34.12 28.24 17.94
C TYR A 1568 -34.56 28.34 16.47
N LEU A 1569 -34.14 29.42 15.82
CA LEU A 1569 -34.58 29.66 14.45
C LEU A 1569 -33.76 28.83 13.51
N LYS A 1570 -32.74 28.22 14.06
CA LYS A 1570 -31.86 27.40 13.29
C LYS A 1570 -32.61 26.14 12.87
N GLN A 1571 -33.76 25.86 13.49
CA GLN A 1571 -34.51 24.67 13.03
C GLN A 1571 -35.22 24.78 11.68
N LEU A 1572 -35.69 25.98 11.36
CA LEU A 1572 -36.30 26.24 10.06
C LEU A 1572 -35.35 26.13 8.86
N PRO A 1573 -35.76 25.38 7.82
CA PRO A 1573 -34.89 25.16 6.66
C PRO A 1573 -34.52 26.46 5.96
N HIS A 1574 -33.34 26.51 5.32
CA HIS A 1574 -32.93 27.64 4.48
C HIS A 1574 -32.62 28.87 5.35
N PHE A 1575 -31.84 28.65 6.39
CA PHE A 1575 -31.39 29.69 7.32
C PHE A 1575 -29.87 29.70 7.44
N THR A 1576 -29.22 30.86 7.35
CA THR A 1576 -27.78 30.86 7.57
C THR A 1576 -27.31 31.70 8.76
N SER A 1577 -25.99 31.74 8.99
CA SER A 1577 -25.41 32.46 10.12
C SER A 1577 -25.53 33.99 10.01
N GLU A 1578 -25.86 34.42 8.80
CA GLU A 1578 -26.06 35.82 8.40
C GLU A 1578 -27.45 36.40 8.76
N HIS A 1579 -28.47 35.57 8.64
CA HIS A 1579 -29.88 35.90 8.88
C HIS A 1579 -30.22 36.34 10.32
N ILE A 1580 -29.63 35.69 11.32
CA ILE A 1580 -29.92 35.95 12.73
C ILE A 1580 -29.76 37.41 13.13
N LYS A 1581 -28.82 38.12 12.50
CA LYS A 1581 -28.55 39.50 12.83
C LYS A 1581 -29.85 40.30 12.68
N ARG A 1582 -30.66 39.99 11.67
CA ARG A 1582 -31.87 40.78 11.44
C ARG A 1582 -33.09 40.20 12.18
N CYS A 1583 -32.93 39.02 12.78
CA CYS A 1583 -34.03 38.36 13.48
C CYS A 1583 -34.27 38.92 14.89
N THR A 1584 -33.43 39.86 15.29
CA THR A 1584 -33.51 40.48 16.61
C THR A 1584 -34.31 41.78 16.56
N GLU A 1589 -36.90 35.57 17.03
CA GLU A 1589 -36.15 34.77 17.98
C GLU A 1589 -36.93 33.53 18.42
N SER A 1590 -37.92 33.15 17.63
CA SER A 1590 -38.80 32.05 17.98
C SER A 1590 -39.75 31.73 16.83
N VAL A 1591 -39.98 30.44 16.60
CA VAL A 1591 -40.91 29.97 15.58
C VAL A 1591 -42.33 30.36 15.98
N PHE A 1592 -42.52 30.71 17.25
CA PHE A 1592 -43.82 31.13 17.77
C PHE A 1592 -44.11 32.57 17.29
N ASP A 1593 -43.07 33.37 17.06
CA ASP A 1593 -43.30 34.75 16.63
C ASP A 1593 -43.81 34.78 15.18
N ILE A 1594 -43.58 33.68 14.46
CA ILE A 1594 -44.06 33.56 13.10
C ILE A 1594 -45.27 32.65 13.02
N GLU A 1601 -47.60 40.36 9.97
CA GLU A 1601 -46.55 41.36 10.16
C GLU A 1601 -45.50 41.28 9.05
N ARG A 1602 -45.92 40.70 7.92
CA ARG A 1602 -45.12 40.67 6.68
C ARG A 1602 -43.80 39.93 6.81
N ASN A 1603 -43.70 38.78 6.13
CA ASN A 1603 -42.51 37.95 6.21
C ASN A 1603 -41.37 38.64 5.43
N ALA A 1604 -41.78 39.56 4.56
CA ALA A 1604 -40.98 40.63 3.94
C ALA A 1604 -39.76 41.17 4.72
N LEU A 1605 -39.51 40.64 5.91
CA LEU A 1605 -38.41 41.08 6.77
C LEU A 1605 -37.06 40.75 6.16
N LEU A 1606 -36.96 39.61 5.50
CA LEU A 1606 -35.70 39.16 4.91
C LEU A 1606 -36.01 38.27 3.70
N GLN A 1607 -34.98 37.64 3.15
CA GLN A 1607 -35.10 36.80 1.96
C GLN A 1607 -36.05 35.60 1.95
N LEU A 1608 -36.79 35.48 0.85
CA LEU A 1608 -37.86 34.52 0.68
C LEU A 1608 -37.83 34.09 -0.79
N THR A 1609 -38.01 32.79 -1.02
CA THR A 1609 -38.20 32.20 -2.34
C THR A 1609 -39.47 31.38 -2.20
N ASP A 1610 -40.27 31.19 -3.24
CA ASP A 1610 -41.57 30.58 -2.97
C ASP A 1610 -41.39 29.08 -2.73
N SER A 1611 -40.25 28.54 -3.15
CA SER A 1611 -39.97 27.14 -2.86
C SER A 1611 -39.47 27.00 -1.43
N GLN A 1612 -38.56 27.90 -1.05
CA GLN A 1612 -38.09 28.08 0.34
C GLN A 1612 -39.20 28.45 1.33
N ILE A 1613 -40.21 29.16 0.79
CA ILE A 1613 -41.41 29.57 1.51
C ILE A 1613 -42.22 28.31 1.78
N ALA A 1614 -42.29 27.45 0.77
CA ALA A 1614 -42.98 26.17 0.88
C ALA A 1614 -42.31 25.35 2.00
N ASP A 1615 -40.99 25.34 2.07
CA ASP A 1615 -40.29 24.55 3.09
C ASP A 1615 -40.53 25.10 4.51
N VAL A 1616 -40.49 26.43 4.67
CA VAL A 1616 -40.72 27.00 6.01
C VAL A 1616 -42.16 26.82 6.49
N ALA A 1617 -43.11 27.08 5.59
CA ALA A 1617 -44.53 26.90 5.87
C ALA A 1617 -44.85 25.43 6.17
N ARG A 1618 -44.14 24.53 5.50
CA ARG A 1618 -44.30 23.11 5.76
C ARG A 1618 -43.71 22.74 7.11
N PHE A 1619 -42.71 23.50 7.54
CA PHE A 1619 -42.07 23.29 8.85
C PHE A 1619 -42.98 23.70 10.02
N CYS A 1620 -43.64 24.85 9.89
CA CYS A 1620 -44.45 25.39 10.99
C CYS A 1620 -45.78 24.67 11.23
N ASN A 1621 -46.27 23.98 10.19
CA ASN A 1621 -47.50 23.21 10.28
C ASN A 1621 -47.25 21.84 10.91
N ARG A 1622 -45.98 21.56 11.17
CA ARG A 1622 -45.58 20.31 11.80
C ARG A 1622 -45.12 20.57 13.24
N TYR A 1623 -44.16 21.48 13.38
CA TYR A 1623 -43.62 21.86 14.68
C TYR A 1623 -44.70 22.09 15.74
N PRO A 1624 -44.55 21.41 16.88
CA PRO A 1624 -45.63 21.24 17.87
C PRO A 1624 -46.25 22.52 18.42
N ASN A 1625 -47.58 22.64 18.31
CA ASN A 1625 -48.35 23.65 19.03
C ASN A 1625 -49.24 22.90 20.03
N ILE A 1626 -48.90 22.97 21.30
CA ILE A 1626 -49.42 22.04 22.31
C ILE A 1626 -49.91 22.80 23.53
N GLU A 1627 -51.11 22.44 24.00
CA GLU A 1627 -51.57 22.98 25.25
C GLU A 1627 -51.80 21.88 26.26
N LEU A 1628 -51.49 22.27 27.49
CA LEU A 1628 -51.41 21.39 28.64
C LEU A 1628 -52.18 21.84 29.86
N SER A 1629 -53.01 20.95 30.38
CA SER A 1629 -53.72 21.17 31.62
C SER A 1629 -53.15 20.28 32.72
N TYR A 1630 -53.20 20.73 33.97
CA TYR A 1630 -52.72 19.84 35.01
C TYR A 1630 -53.46 20.09 36.31
N GLU A 1631 -53.72 19.01 37.02
CA GLU A 1631 -54.38 19.02 38.32
C GLU A 1631 -53.74 18.07 39.33
N VAL A 1632 -53.56 18.52 40.56
CA VAL A 1632 -53.13 17.58 41.57
C VAL A 1632 -54.50 17.13 42.09
N VAL A 1633 -54.88 15.89 41.79
CA VAL A 1633 -56.23 15.44 42.10
C VAL A 1633 -56.51 15.53 43.58
N ASP A 1634 -57.57 16.25 43.95
CA ASP A 1634 -57.91 16.42 45.35
C ASP A 1634 -56.70 16.99 46.08
N LYS A 1635 -56.42 18.26 45.83
CA LYS A 1635 -55.28 18.96 46.44
C LYS A 1635 -55.27 18.76 47.94
N ASP A 1636 -56.40 18.99 48.60
CA ASP A 1636 -56.39 18.96 50.06
C ASP A 1636 -56.49 17.55 50.63
N SER A 1637 -57.02 16.59 49.88
CA SER A 1637 -57.28 15.31 50.55
C SER A 1637 -56.03 14.42 50.54
N ILE A 1638 -54.95 14.92 49.93
CA ILE A 1638 -53.71 14.17 49.87
C ILE A 1638 -52.92 14.72 51.04
N ARG A 1639 -52.28 13.89 51.83
CA ARG A 1639 -51.33 14.41 52.79
C ARG A 1639 -50.56 13.27 53.43
N SER A 1640 -49.83 13.62 54.49
CA SER A 1640 -48.89 12.78 55.24
C SER A 1640 -48.56 11.36 54.74
N GLY A 1641 -47.58 11.20 53.85
CA GLY A 1641 -47.18 9.83 53.56
C GLY A 1641 -47.87 9.07 52.42
N GLY A 1642 -49.04 9.56 52.04
CA GLY A 1642 -49.93 8.89 51.07
C GLY A 1642 -49.64 9.10 49.61
N PRO A 1643 -50.25 8.27 48.75
CA PRO A 1643 -50.08 8.43 47.31
C PRO A 1643 -50.73 9.71 46.76
N VAL A 1644 -49.99 10.35 45.86
CA VAL A 1644 -50.36 11.56 45.12
C VAL A 1644 -50.40 11.38 43.60
N VAL A 1645 -51.52 11.76 42.98
CA VAL A 1645 -51.70 11.61 41.55
C VAL A 1645 -51.84 12.97 40.87
N VAL A 1646 -50.86 13.31 40.03
CA VAL A 1646 -50.92 14.48 39.19
C VAL A 1646 -51.37 14.10 37.79
N LEU A 1647 -52.55 14.60 37.41
CA LEU A 1647 -53.11 14.35 36.09
C LEU A 1647 -52.86 15.48 35.11
N VAL A 1648 -52.21 15.15 34.00
CA VAL A 1648 -51.86 16.12 32.98
C VAL A 1648 -52.68 15.78 31.75
N GLN A 1649 -53.08 16.81 31.00
CA GLN A 1649 -53.88 16.64 29.81
C GLN A 1649 -53.24 17.37 28.63
N LEU A 1650 -52.94 16.62 27.59
CA LEU A 1650 -52.29 17.18 26.42
C LEU A 1650 -53.20 17.28 25.18
N GLU A 1651 -53.34 18.46 24.60
CA GLU A 1651 -54.14 18.60 23.38
C GLU A 1651 -53.44 19.52 22.38
N ARG A 1652 -53.46 19.18 21.09
CA ARG A 1652 -52.85 20.10 20.12
C ARG A 1652 -53.84 20.56 19.05
N GLU A 1653 -53.75 21.84 18.70
CA GLU A 1653 -54.71 22.48 17.82
C GLU A 1653 -54.33 22.32 16.36
N GLU A 1654 -54.04 21.09 15.95
CA GLU A 1654 -53.75 20.78 14.55
C GLU A 1654 -53.60 19.29 14.33
N GLU A 1655 -54.13 18.85 13.19
CA GLU A 1655 -53.99 17.47 12.74
C GLU A 1655 -52.57 17.27 12.24
N VAL A 1656 -51.90 16.27 12.82
CA VAL A 1656 -50.49 15.96 12.59
C VAL A 1656 -50.36 15.46 11.17
N THR A 1657 -49.48 16.12 10.42
CA THR A 1657 -49.17 15.70 9.07
C THR A 1657 -47.70 15.64 8.77
N GLY A 1658 -47.33 14.40 8.45
CA GLY A 1658 -45.99 13.98 8.07
C GLY A 1658 -45.22 13.61 9.31
N PRO A 1659 -44.03 13.03 9.12
CA PRO A 1659 -43.20 12.57 10.23
C PRO A 1659 -42.39 13.75 10.71
N VAL A 1660 -41.44 13.55 11.63
CA VAL A 1660 -40.61 14.68 11.95
C VAL A 1660 -39.76 14.94 10.71
N ILE A 1661 -39.50 16.21 10.45
CA ILE A 1661 -38.59 16.64 9.40
C ILE A 1661 -37.29 17.11 10.02
N ALA A 1662 -36.25 16.32 9.82
CA ALA A 1662 -34.93 16.67 10.29
C ALA A 1662 -34.02 16.25 9.17
N PRO A 1663 -33.90 17.13 8.16
CA PRO A 1663 -33.20 16.97 6.89
C PRO A 1663 -31.77 16.51 7.12
N LEU A 1664 -31.20 16.97 8.24
CA LEU A 1664 -29.83 16.66 8.57
C LEU A 1664 -29.75 15.35 9.34
N PHE A 1665 -30.90 14.84 9.77
CA PHE A 1665 -30.93 13.56 10.45
C PHE A 1665 -31.18 12.51 9.37
N PRO A 1666 -30.30 11.51 9.26
CA PRO A 1666 -30.35 10.53 8.17
C PRO A 1666 -31.65 9.74 8.15
N GLN A 1667 -32.06 9.25 9.31
CA GLN A 1667 -33.18 8.35 9.40
C GLN A 1667 -34.26 9.06 10.21
N LYS A 1668 -35.23 9.63 9.50
CA LYS A 1668 -36.26 10.45 10.12
C LYS A 1668 -37.07 9.65 11.12
N ARG A 1669 -37.16 10.22 12.32
CA ARG A 1669 -37.83 9.66 13.49
C ARG A 1669 -39.19 10.30 13.65
N GLU A 1670 -39.94 9.87 14.66
CA GLU A 1670 -41.28 10.38 14.89
C GLU A 1670 -41.23 11.03 16.27
N GLU A 1671 -42.00 12.11 16.44
CA GLU A 1671 -42.05 12.80 17.72
C GLU A 1671 -42.59 11.93 18.85
N GLY A 1672 -41.99 12.18 20.01
CA GLY A 1672 -42.31 11.54 21.26
C GLY A 1672 -42.00 12.54 22.34
N TRP A 1673 -42.63 12.39 23.49
CA TRP A 1673 -42.59 13.42 24.52
C TRP A 1673 -42.49 12.85 25.92
N TRP A 1674 -41.72 13.57 26.72
CA TRP A 1674 -41.57 13.27 28.13
C TRP A 1674 -42.34 14.27 28.98
N VAL A 1675 -43.25 13.74 29.80
CA VAL A 1675 -43.91 14.49 30.84
C VAL A 1675 -43.22 14.13 32.15
N VAL A 1676 -42.57 15.10 32.77
CA VAL A 1676 -41.73 14.84 33.93
C VAL A 1676 -42.20 15.68 35.11
N ILE A 1677 -42.22 15.10 36.30
CA ILE A 1677 -42.49 15.88 37.50
C ILE A 1677 -41.26 15.80 38.41
N GLY A 1678 -40.72 16.94 38.81
CA GLY A 1678 -39.54 16.95 39.65
C GLY A 1678 -39.31 18.22 40.46
N ASP A 1679 -38.52 18.07 41.52
CA ASP A 1679 -38.13 19.20 42.37
C ASP A 1679 -36.80 19.82 41.96
N ALA A 1680 -36.85 21.06 41.50
CA ALA A 1680 -35.68 21.74 40.95
C ALA A 1680 -34.67 22.17 42.02
N LYS A 1681 -35.06 22.10 43.29
CA LYS A 1681 -34.17 22.51 44.37
C LYS A 1681 -33.23 21.38 44.75
N SER A 1682 -33.81 20.27 45.20
CA SER A 1682 -33.05 19.13 45.68
C SER A 1682 -32.55 18.26 44.52
N ASN A 1683 -32.88 18.68 43.30
CA ASN A 1683 -32.46 17.99 42.08
C ASN A 1683 -32.95 16.55 42.08
N SER A 1684 -34.24 16.37 42.32
CA SER A 1684 -34.79 15.03 42.35
C SER A 1684 -35.90 14.86 41.32
N LEU A 1685 -35.84 13.76 40.57
CA LEU A 1685 -36.90 13.46 39.65
C LEU A 1685 -37.89 12.52 40.34
N ILE A 1686 -39.06 13.05 40.68
CA ILE A 1686 -40.05 12.31 41.47
C ILE A 1686 -40.86 11.36 40.57
N SER A 1687 -41.22 11.81 39.37
CA SER A 1687 -41.95 10.91 38.47
C SER A 1687 -41.69 11.26 37.02
N ILE A 1688 -41.87 10.28 36.12
CA ILE A 1688 -41.66 10.49 34.69
C ILE A 1688 -42.47 9.56 33.78
N LYS A 1689 -42.85 10.06 32.61
CA LYS A 1689 -43.52 9.23 31.61
C LYS A 1689 -43.22 9.69 30.20
N ARG A 1690 -43.06 8.71 29.31
CA ARG A 1690 -42.80 8.96 27.90
C ARG A 1690 -43.92 8.39 27.06
N LEU A 1691 -44.27 9.11 26.01
CA LEU A 1691 -45.35 8.66 25.15
C LEU A 1691 -45.24 9.27 23.78
N THR A 1692 -46.23 8.94 22.97
CA THR A 1692 -46.41 9.50 21.65
C THR A 1692 -47.80 10.07 21.81
N LEU A 1693 -48.01 11.23 21.19
CA LEU A 1693 -49.19 12.03 21.49
C LEU A 1693 -50.47 11.63 20.77
N GLN A 1694 -50.34 11.11 19.55
CA GLN A 1694 -51.44 11.00 18.61
C GLN A 1694 -52.02 12.40 18.39
N GLN A 1695 -53.30 12.50 18.72
CA GLN A 1695 -54.12 13.70 18.62
C GLN A 1695 -53.98 14.52 19.89
N LYS A 1696 -54.58 13.93 20.92
CA LYS A 1696 -54.62 14.41 22.29
C LYS A 1696 -54.34 13.20 23.17
N ALA A 1697 -53.80 13.44 24.37
CA ALA A 1697 -53.39 12.37 25.27
C ALA A 1697 -53.60 12.67 26.76
N LYS A 1698 -53.98 11.62 27.49
CA LYS A 1698 -54.15 11.70 28.95
C LYS A 1698 -52.91 11.13 29.62
N VAL A 1699 -52.35 11.87 30.57
CA VAL A 1699 -51.11 11.48 31.23
C VAL A 1699 -51.28 11.40 32.74
N LYS A 1700 -51.15 10.19 33.28
CA LYS A 1700 -51.29 9.97 34.71
C LYS A 1700 -49.93 9.81 35.36
N LEU A 1701 -49.59 10.73 36.27
CA LEU A 1701 -48.31 10.62 36.98
C LEU A 1701 -48.55 10.35 38.45
N ASP A 1702 -48.16 9.16 38.91
CA ASP A 1702 -48.38 8.76 40.29
C ASP A 1702 -47.08 8.70 41.11
N PHE A 1703 -47.10 9.26 42.32
CA PHE A 1703 -45.91 9.22 43.17
C PHE A 1703 -46.21 9.27 44.66
N VAL A 1704 -45.26 8.82 45.48
CA VAL A 1704 -45.46 8.73 46.92
C VAL A 1704 -45.13 10.07 47.57
N ALA A 1705 -45.91 10.45 48.58
CA ALA A 1705 -45.75 11.75 49.27
C ALA A 1705 -44.85 11.73 50.52
N PRO A 1706 -44.05 12.79 50.68
CA PRO A 1706 -43.29 13.13 51.92
C PRO A 1706 -44.33 13.59 52.96
N ALA A 1707 -43.95 14.21 54.06
CA ALA A 1707 -44.97 14.48 55.07
C ALA A 1707 -45.21 15.98 55.19
N THR A 1708 -46.35 16.32 55.80
CA THR A 1708 -46.80 17.71 55.97
C THR A 1708 -47.13 18.20 54.56
N GLY A 1709 -48.13 17.56 53.96
CA GLY A 1709 -48.39 17.59 52.54
C GLY A 1709 -48.61 18.89 51.79
N ALA A 1710 -47.50 19.54 51.41
CA ALA A 1710 -47.48 20.82 50.71
C ALA A 1710 -46.04 21.29 50.53
N HIS A 1711 -45.55 21.25 49.29
CA HIS A 1711 -44.20 21.69 48.92
C HIS A 1711 -44.18 22.28 47.51
N ASN A 1712 -43.01 22.64 47.01
CA ASN A 1712 -42.97 23.20 45.65
C ASN A 1712 -42.39 22.24 44.60
N TYR A 1713 -43.19 21.95 43.57
CA TYR A 1713 -42.76 21.05 42.51
C TYR A 1713 -42.72 21.75 41.15
N THR A 1714 -42.23 21.02 40.15
CA THR A 1714 -42.13 21.56 38.79
C THR A 1714 -42.54 20.48 37.77
N LEU A 1715 -43.35 20.86 36.80
CA LEU A 1715 -43.82 19.95 35.77
C LEU A 1715 -43.17 20.33 34.43
N TYR A 1716 -42.31 19.46 33.92
CA TYR A 1716 -41.64 19.67 32.64
C TYR A 1716 -42.32 18.91 31.49
N PHE A 1717 -42.39 19.55 30.33
CA PHE A 1717 -42.85 18.88 29.12
C PHE A 1717 -41.81 19.05 28.02
N MET A 1718 -41.16 17.95 27.65
CA MET A 1718 -40.02 18.00 26.75
C MET A 1718 -40.22 17.10 25.52
N SER A 1719 -39.58 17.45 24.41
CA SER A 1719 -39.61 16.57 23.23
C SER A 1719 -38.27 15.84 23.07
N ASP A 1720 -38.23 14.90 22.13
CA ASP A 1720 -36.98 14.26 21.72
C ASP A 1720 -36.47 14.83 20.41
N ALA A 1721 -37.23 15.76 19.83
CA ALA A 1721 -37.03 16.21 18.45
C ALA A 1721 -36.70 17.70 18.34
N TYR A 1722 -37.63 18.55 18.77
CA TYR A 1722 -37.54 20.00 18.55
C TYR A 1722 -37.07 20.76 19.78
N MET A 1723 -36.37 21.86 19.55
CA MET A 1723 -36.01 22.80 20.61
C MET A 1723 -37.01 23.96 20.64
N GLY A 1724 -37.39 24.40 21.84
CA GLY A 1724 -38.31 25.51 21.97
C GLY A 1724 -39.73 25.13 22.36
N CYS A 1725 -40.06 23.86 22.19
CA CYS A 1725 -41.39 23.35 22.54
C CYS A 1725 -41.48 22.96 24.01
N ASP A 1726 -40.36 23.09 24.71
CA ASP A 1726 -40.27 22.71 26.12
C ASP A 1726 -41.11 23.63 27.01
N GLN A 1727 -41.80 23.04 27.98
CA GLN A 1727 -42.69 23.76 28.88
C GLN A 1727 -42.44 23.50 30.37
N GLU A 1728 -42.72 24.51 31.19
CA GLU A 1728 -42.54 24.41 32.65
C GLU A 1728 -43.77 24.93 33.39
N TYR A 1729 -44.24 24.17 34.37
CA TYR A 1729 -45.33 24.60 35.24
C TYR A 1729 -45.04 24.34 36.72
N LYS A 1730 -44.89 25.38 37.54
CA LYS A 1730 -44.66 25.16 38.97
C LYS A 1730 -45.97 24.84 39.69
N PHE A 1731 -45.91 24.01 40.73
CA PHE A 1731 -47.10 23.72 41.53
C PHE A 1731 -46.82 23.24 42.96
N SER A 1732 -47.88 22.78 43.64
CA SER A 1732 -47.81 22.25 45.00
C SER A 1732 -48.72 21.03 45.15
C1 GOL B . -12.95 -19.93 10.99
O1 GOL B . -11.91 -18.96 10.88
C2 GOL B . -14.25 -19.33 10.47
O2 GOL B . -14.70 -18.30 11.33
C3 GOL B . -15.36 -20.38 10.28
O3 GOL B . -14.94 -21.40 9.40
N1 8LP C . -8.80 -15.13 4.04
N3 8LP C . -11.51 -16.71 6.65
C4 8LP C . -13.17 -20.23 5.29
C5 8LP C . -2.51 -23.36 2.28
C6 8LP C . -4.64 -24.34 2.77
C7 8LP C . -3.51 -16.39 5.00
C8 8LP C . -14.48 -18.73 7.18
C10 8LP C . -2.95 -22.16 2.79
C13 8LP C . -3.13 -17.66 4.65
C15 8LP C . -13.18 -18.42 6.87
C17 8LP C . -5.77 -17.01 4.67
C20 8LP C . -10.20 -17.08 6.71
C21 8LP C . -9.31 -16.57 5.85
C22 8LP C . -9.74 -15.62 4.89
C24 8LP C . -7.56 -15.65 3.81
C26 8LP C . -12.47 -17.29 7.56
C1 8LP C . -14.48 -20.53 5.61
C2 8LP C . -3.36 -24.45 2.27
C3 8LP C . -15.12 -19.77 6.55
C9 8LP C . -12.54 -19.19 5.92
C11 8LP C . -5.06 -23.13 3.27
C12 8LP C . -4.84 -16.05 5.01
C14 8LP C . -5.40 -18.28 4.32
C16 8LP C . -4.22 -22.03 3.29
C18 8LP C . -4.07 -18.60 4.32
C19 8LP C . -11.02 -15.25 4.83
C23 8LP C . -12.00 -15.82 5.77
C25 8LP C . -7.88 -16.93 5.87
C27 8LP C . -4.69 -20.72 3.84
N2 8LP C . -7.10 -16.59 4.68
O1 8LP C . -13.18 -15.49 5.75
O2 8LP C . -6.86 -15.29 2.87
O3 8LP C . -3.59 -19.85 3.98
#